data_2MZ1
#
_entry.id   2MZ1
#
loop_
_entity.id
_entity.type
_entity.pdbx_description
1 polymer 'Heterogeneous nuclear ribonucleoproteins C1/C2'
2 polymer "5'-R(*UP*UP*UP*UP*C)-3'"
#
loop_
_entity_poly.entity_id
_entity_poly.type
_entity_poly.pdbx_seq_one_letter_code
_entity_poly.pdbx_strand_id
1 'polypeptide(L)'
;ASNVTNKTDPRSMNSRVFIGNLNTLVVKKSDVEAIFSKYGKIVGCSVHKGFAFVQYVNERNARAAVAGEDGRMIAGQVLD
INLAAEPKVNRGKAGVKRSAAEMYG
;
A
2 'polyribonucleotide' UUUUC B
#
loop_
_chem_comp.id
_chem_comp.type
_chem_comp.name
_chem_comp.formula
C RNA linking CYTIDINE-5'-MONOPHOSPHATE 'C9 H14 N3 O8 P'
U RNA linking URIDINE-5'-MONOPHOSPHATE 'C9 H13 N2 O9 P'
#
# COMPACT_ATOMS: atom_id res chain seq x y z
N ALA A 1 7.91 -12.06 -6.92
CA ALA A 1 8.83 -10.92 -6.86
C ALA A 1 9.74 -11.01 -5.64
N SER A 2 10.77 -10.15 -5.58
CA SER A 2 11.73 -10.13 -4.48
C SER A 2 11.06 -9.68 -3.18
N ASN A 3 11.67 -10.01 -2.05
CA ASN A 3 11.17 -9.66 -0.72
C ASN A 3 11.64 -8.27 -0.29
N VAL A 4 12.42 -7.60 -1.14
CA VAL A 4 13.03 -6.31 -0.82
C VAL A 4 12.17 -5.16 -1.31
N THR A 5 11.94 -4.18 -0.43
CA THR A 5 11.10 -3.01 -0.72
C THR A 5 11.55 -1.78 0.09
N ASN A 6 12.68 -1.84 0.82
CA ASN A 6 13.05 -0.75 1.70
C ASN A 6 14.18 0.14 1.17
N LYS A 7 14.44 0.09 -0.14
CA LYS A 7 15.46 0.93 -0.76
C LYS A 7 15.07 2.40 -0.64
N THR A 8 16.04 3.27 -0.37
CA THR A 8 15.81 4.67 -0.10
C THR A 8 16.35 5.60 -1.20
N ASP A 9 16.66 5.06 -2.38
CA ASP A 9 17.16 5.85 -3.49
C ASP A 9 16.09 6.85 -3.94
N PRO A 10 16.51 8.00 -4.51
CA PRO A 10 15.62 9.09 -4.89
C PRO A 10 14.66 8.71 -6.02
N ARG A 11 14.72 7.47 -6.50
CA ARG A 11 13.80 6.98 -7.52
C ARG A 11 13.15 5.68 -7.05
N SER A 12 13.87 4.87 -6.29
CA SER A 12 13.37 3.59 -5.82
C SER A 12 12.32 3.77 -4.73
N MET A 13 12.34 4.90 -4.01
CA MET A 13 11.31 5.15 -3.00
C MET A 13 10.12 5.91 -3.58
N ASN A 14 10.18 6.27 -4.87
CA ASN A 14 9.08 6.90 -5.58
C ASN A 14 8.41 5.91 -6.52
N SER A 15 9.12 4.86 -6.91
CA SER A 15 8.54 3.74 -7.65
C SER A 15 7.95 2.71 -6.68
N ARG A 16 7.94 3.02 -5.38
CA ARG A 16 7.36 2.16 -4.35
C ARG A 16 5.98 2.68 -3.96
N VAL A 17 5.13 1.77 -3.49
CA VAL A 17 3.78 2.10 -3.03
C VAL A 17 3.56 1.57 -1.62
N PHE A 18 3.08 2.45 -0.74
CA PHE A 18 2.70 2.11 0.62
C PHE A 18 1.24 1.68 0.65
N ILE A 19 0.95 0.55 1.28
CA ILE A 19 -0.41 0.01 1.39
C ILE A 19 -0.75 -0.10 2.87
N GLY A 20 -1.24 0.99 3.45
CA GLY A 20 -1.63 1.03 4.84
C GLY A 20 -3.08 0.56 5.01
N ASN A 21 -3.53 0.45 6.27
CA ASN A 21 -4.88 0.03 6.59
C ASN A 21 -5.23 -1.27 5.88
N LEU A 22 -4.28 -2.22 5.83
CA LEU A 22 -4.45 -3.50 5.17
C LEU A 22 -4.92 -4.55 6.19
N ASN A 23 -5.76 -5.50 5.78
CA ASN A 23 -6.27 -6.51 6.70
C ASN A 23 -5.17 -7.49 7.11
N THR A 24 -4.30 -7.84 6.16
CA THR A 24 -3.15 -8.75 6.29
C THR A 24 -3.48 -10.15 6.83
N LEU A 25 -4.73 -10.40 7.23
CA LEU A 25 -5.16 -11.71 7.71
C LEU A 25 -5.64 -12.59 6.56
N VAL A 26 -5.91 -12.00 5.39
CA VAL A 26 -6.37 -12.75 4.23
C VAL A 26 -5.49 -12.43 3.02
N VAL A 27 -4.75 -11.32 3.06
CA VAL A 27 -3.84 -10.96 1.98
C VAL A 27 -2.39 -11.08 2.44
N LYS A 28 -1.55 -11.68 1.60
CA LYS A 28 -0.14 -11.91 1.88
C LYS A 28 0.72 -11.42 0.73
N LYS A 29 2.04 -11.47 0.91
CA LYS A 29 3.01 -11.02 -0.09
C LYS A 29 3.00 -11.88 -1.35
N SER A 30 2.22 -12.97 -1.33
CA SER A 30 2.02 -13.84 -2.49
C SER A 30 0.70 -13.48 -3.19
N ASP A 31 -0.03 -12.49 -2.68
CA ASP A 31 -1.29 -12.05 -3.22
C ASP A 31 -1.20 -10.60 -3.70
N VAL A 32 -0.41 -9.77 -3.00
CA VAL A 32 -0.23 -8.38 -3.39
C VAL A 32 0.46 -8.32 -4.75
N GLU A 33 1.31 -9.30 -5.04
CA GLU A 33 2.01 -9.37 -6.32
C GLU A 33 1.12 -9.94 -7.42
N ALA A 34 -0.17 -10.13 -7.13
CA ALA A 34 -1.15 -10.59 -8.10
C ALA A 34 -2.33 -9.62 -8.18
N ILE A 35 -2.39 -8.65 -7.26
CA ILE A 35 -3.45 -7.65 -7.23
C ILE A 35 -2.92 -6.27 -7.65
N PHE A 36 -1.62 -6.02 -7.43
CA PHE A 36 -0.99 -4.77 -7.79
C PHE A 36 -0.15 -4.92 -9.05
N SER A 37 0.00 -6.14 -9.56
CA SER A 37 0.77 -6.41 -10.75
C SER A 37 0.03 -5.98 -12.02
N LYS A 38 -1.26 -5.71 -11.89
CA LYS A 38 -2.11 -5.27 -13.00
C LYS A 38 -1.97 -3.77 -13.27
N TYR A 39 -1.33 -3.03 -12.35
CA TYR A 39 -1.11 -1.60 -12.53
C TYR A 39 0.36 -1.30 -12.85
N GLY A 40 1.24 -2.26 -12.63
CA GLY A 40 2.64 -2.13 -13.00
C GLY A 40 3.42 -3.41 -12.77
N LYS A 41 4.58 -3.52 -13.41
CA LYS A 41 5.47 -4.66 -13.24
C LYS A 41 6.14 -4.57 -11.87
N ILE A 42 5.83 -5.53 -11.00
CA ILE A 42 6.36 -5.54 -9.65
C ILE A 42 7.74 -6.18 -9.65
N VAL A 43 8.72 -5.50 -9.04
CA VAL A 43 10.10 -5.97 -8.95
C VAL A 43 10.42 -6.38 -7.51
N GLY A 44 9.48 -6.15 -6.60
CA GLY A 44 9.61 -6.52 -5.20
C GLY A 44 8.30 -6.26 -4.46
N CYS A 45 8.00 -7.08 -3.46
CA CYS A 45 6.79 -6.93 -2.68
C CYS A 45 7.00 -7.50 -1.28
N SER A 46 6.37 -6.88 -0.28
CA SER A 46 6.43 -7.34 1.09
C SER A 46 5.14 -6.99 1.80
N VAL A 47 4.73 -7.84 2.75
CA VAL A 47 3.57 -7.61 3.59
C VAL A 47 3.98 -7.69 5.05
N HIS A 48 3.32 -6.89 5.88
CA HIS A 48 3.61 -6.75 7.29
C HIS A 48 2.29 -6.76 8.06
N LYS A 49 2.30 -6.37 9.34
CA LYS A 49 1.07 -6.30 10.10
C LYS A 49 0.41 -4.94 9.92
N GLY A 50 -0.79 -4.94 9.33
CA GLY A 50 -1.58 -3.73 9.11
C GLY A 50 -1.15 -2.94 7.87
N PHE A 51 -0.02 -3.29 7.24
CA PHE A 51 0.43 -2.60 6.04
C PHE A 51 1.23 -3.53 5.12
N ALA A 52 1.48 -3.07 3.90
CA ALA A 52 2.29 -3.77 2.92
C ALA A 52 3.01 -2.77 2.02
N PHE A 53 3.93 -3.27 1.19
CA PHE A 53 4.70 -2.46 0.26
C PHE A 53 4.83 -3.16 -1.09
N VAL A 54 4.84 -2.38 -2.16
CA VAL A 54 5.00 -2.87 -3.52
C VAL A 54 6.01 -2.00 -4.26
N GLN A 55 6.91 -2.64 -5.01
CA GLN A 55 7.98 -1.95 -5.70
C GLN A 55 7.79 -2.12 -7.20
N TYR A 56 7.81 -1.02 -7.95
CA TYR A 56 7.65 -1.04 -9.40
C TYR A 56 8.94 -0.63 -10.09
N VAL A 57 8.92 -0.69 -11.43
CA VAL A 57 10.07 -0.32 -12.25
C VAL A 57 10.26 1.20 -12.25
N ASN A 58 9.18 1.97 -12.10
CA ASN A 58 9.30 3.42 -12.04
C ASN A 58 8.10 4.06 -11.34
N GLU A 59 8.22 5.36 -11.04
CA GLU A 59 7.19 6.11 -10.34
C GLU A 59 5.86 6.11 -11.08
N ARG A 60 5.87 6.04 -12.41
CA ARG A 60 4.61 6.05 -13.18
C ARG A 60 3.75 4.86 -12.78
N ASN A 61 4.38 3.71 -12.54
CA ASN A 61 3.64 2.52 -12.14
C ASN A 61 3.09 2.66 -10.72
N ALA A 62 3.76 3.48 -9.90
CA ALA A 62 3.30 3.72 -8.54
C ALA A 62 2.08 4.64 -8.55
N ARG A 63 2.04 5.59 -9.47
CA ARG A 63 0.90 6.50 -9.59
C ARG A 63 -0.33 5.76 -10.08
N ALA A 64 -0.12 4.67 -10.85
CA ALA A 64 -1.23 3.91 -11.39
C ALA A 64 -1.84 3.00 -10.32
N ALA A 65 -1.02 2.50 -9.40
CA ALA A 65 -1.51 1.62 -8.34
C ALA A 65 -2.08 2.43 -7.17
N VAL A 66 -1.49 3.59 -6.88
CA VAL A 66 -2.02 4.48 -5.85
C VAL A 66 -3.39 5.01 -6.25
N ALA A 67 -3.62 5.18 -7.56
CA ALA A 67 -4.91 5.64 -8.05
C ALA A 67 -5.82 4.48 -8.46
N GLY A 68 -5.29 3.26 -8.52
CA GLY A 68 -6.05 2.09 -8.94
C GLY A 68 -6.52 1.20 -7.78
N GLU A 69 -5.97 1.38 -6.58
CA GLU A 69 -6.26 0.50 -5.44
C GLU A 69 -6.59 1.28 -4.17
N ASP A 70 -6.22 2.56 -4.08
CA ASP A 70 -6.55 3.34 -2.89
C ASP A 70 -8.07 3.42 -2.74
N GLY A 71 -8.59 2.88 -1.63
CA GLY A 71 -10.03 2.93 -1.37
C GLY A 71 -10.74 1.72 -2.00
N ARG A 72 -9.96 0.75 -2.49
CA ARG A 72 -10.51 -0.51 -2.96
C ARG A 72 -10.85 -1.32 -1.71
N MET A 73 -11.55 -2.42 -1.86
CA MET A 73 -11.98 -3.21 -0.71
C MET A 73 -11.29 -4.56 -0.76
N ILE A 74 -10.51 -4.87 0.28
CA ILE A 74 -9.81 -6.14 0.36
C ILE A 74 -10.13 -6.80 1.69
N ALA A 75 -10.38 -8.12 1.65
CA ALA A 75 -10.81 -8.88 2.81
C ALA A 75 -12.06 -8.26 3.46
N GLY A 76 -12.79 -7.41 2.73
CA GLY A 76 -13.98 -6.75 3.23
C GLY A 76 -13.66 -5.44 3.92
N GLN A 77 -12.39 -5.00 3.88
CA GLN A 77 -11.96 -3.76 4.51
C GLN A 77 -11.22 -2.88 3.50
N VAL A 78 -11.58 -1.59 3.48
CA VAL A 78 -11.02 -0.58 2.58
C VAL A 78 -9.52 -0.41 2.81
N LEU A 79 -8.75 -0.23 1.74
CA LEU A 79 -7.32 0.04 1.86
C LEU A 79 -7.04 1.54 1.77
N ASP A 80 -5.90 1.96 2.35
CA ASP A 80 -5.42 3.32 2.25
C ASP A 80 -4.02 3.27 1.64
N ILE A 81 -3.93 3.61 0.37
CA ILE A 81 -2.71 3.43 -0.42
C ILE A 81 -2.18 4.77 -0.88
N ASN A 82 -0.85 4.94 -0.82
CA ASN A 82 -0.20 6.20 -1.13
C ASN A 82 1.24 5.95 -1.57
N LEU A 83 1.87 6.91 -2.24
CA LEU A 83 3.27 6.83 -2.59
C LEU A 83 4.10 6.71 -1.32
N ALA A 84 5.22 5.98 -1.37
CA ALA A 84 6.05 5.77 -0.19
C ALA A 84 6.93 6.97 0.16
N ALA A 85 6.80 8.09 -0.57
CA ALA A 85 7.65 9.26 -0.34
C ALA A 85 6.86 10.57 -0.32
N GLU A 86 5.54 10.50 -0.47
CA GLU A 86 4.68 11.67 -0.48
C GLU A 86 3.39 11.40 0.29
N PRO A 87 3.48 11.10 1.59
CA PRO A 87 2.33 10.77 2.41
C PRO A 87 1.35 11.93 2.41
N LYS A 88 0.05 11.59 2.39
CA LYS A 88 -1.04 12.54 2.20
C LYS A 88 -1.06 13.63 3.28
N VAL A 89 -1.59 13.31 4.47
CA VAL A 89 -1.65 14.25 5.59
C VAL A 89 -1.52 13.48 6.90
N ASN A 90 -2.19 12.31 6.97
CA ASN A 90 -2.16 11.45 8.12
C ASN A 90 -1.70 10.05 7.69
N ARG A 91 -1.35 9.21 8.65
CA ARG A 91 -0.90 7.85 8.36
C ARG A 91 -1.46 6.88 9.39
N GLY A 92 -1.24 7.16 10.68
CA GLY A 92 -1.59 6.24 11.74
C GLY A 92 -3.09 6.11 11.94
N LYS A 93 -3.56 4.86 11.85
CA LYS A 93 -4.95 4.43 12.04
C LYS A 93 -5.97 5.12 11.14
N ALA A 94 -5.58 6.17 10.41
CA ALA A 94 -6.52 6.89 9.56
C ALA A 94 -5.79 7.66 8.46
N GLY A 95 -6.52 8.01 7.39
CA GLY A 95 -5.97 8.73 6.26
C GLY A 95 -7.03 9.13 5.23
N VAL A 96 -8.32 8.99 5.56
CA VAL A 96 -9.40 9.34 4.65
C VAL A 96 -10.43 10.19 5.38
N LYS A 97 -10.92 11.24 4.71
CA LYS A 97 -11.92 12.16 5.24
C LYS A 97 -13.15 12.21 4.32
N ARG A 98 -13.25 11.26 3.40
CA ARG A 98 -14.34 11.16 2.44
C ARG A 98 -15.34 10.10 2.92
N SER A 99 -16.43 9.91 2.18
CA SER A 99 -17.43 8.90 2.50
C SER A 99 -16.84 7.49 2.50
N ALA A 100 -15.67 7.30 1.88
CA ALA A 100 -15.01 6.01 1.76
C ALA A 100 -15.94 4.94 1.18
N ALA A 101 -17.04 5.37 0.54
CA ALA A 101 -18.04 4.47 -0.02
C ALA A 101 -18.69 5.07 -1.27
N GLU A 102 -18.17 6.21 -1.76
CA GLU A 102 -18.74 6.90 -2.90
C GLU A 102 -18.49 6.14 -4.21
N MET A 103 -17.71 5.06 -4.14
CA MET A 103 -17.40 4.22 -5.29
C MET A 103 -18.19 2.91 -5.24
N TYR A 104 -19.12 2.79 -4.28
CA TYR A 104 -19.91 1.59 -4.08
C TYR A 104 -21.41 1.91 -4.02
N GLY A 105 -21.78 3.18 -4.24
CA GLY A 105 -23.16 3.63 -4.20
C GLY A 105 -23.28 5.07 -4.68
N ALA A 1 7.87 -11.84 -7.45
CA ALA A 1 8.57 -10.59 -7.10
C ALA A 1 9.57 -10.81 -5.97
N SER A 2 10.54 -9.91 -5.83
CA SER A 2 11.53 -9.98 -4.76
C SER A 2 10.88 -9.66 -3.41
N ASN A 3 11.55 -10.03 -2.31
CA ASN A 3 11.07 -9.77 -0.97
C ASN A 3 11.56 -8.41 -0.46
N VAL A 4 12.30 -7.68 -1.29
CA VAL A 4 12.91 -6.41 -0.89
C VAL A 4 12.08 -5.22 -1.37
N THR A 5 11.90 -4.24 -0.49
CA THR A 5 11.10 -3.04 -0.76
C THR A 5 11.62 -1.83 -0.01
N ASN A 6 12.78 -1.91 0.65
CA ASN A 6 13.27 -0.83 1.50
C ASN A 6 14.45 -0.08 0.86
N LYS A 7 14.46 0.06 -0.46
CA LYS A 7 15.48 0.83 -1.16
C LYS A 7 15.19 2.32 -0.97
N THR A 8 16.22 3.10 -0.65
CA THR A 8 16.07 4.51 -0.32
C THR A 8 16.65 5.43 -1.39
N ASP A 9 16.90 4.91 -2.59
CA ASP A 9 17.41 5.71 -3.69
C ASP A 9 16.37 6.77 -4.09
N PRO A 10 16.82 7.90 -4.65
CA PRO A 10 15.97 9.04 -4.97
C PRO A 10 14.97 8.73 -6.10
N ARG A 11 14.97 7.50 -6.62
CA ARG A 11 14.03 7.09 -7.64
C ARG A 11 13.34 5.79 -7.23
N SER A 12 14.03 4.95 -6.46
CA SER A 12 13.48 3.67 -6.03
C SER A 12 12.48 3.85 -4.90
N MET A 13 12.54 4.96 -4.14
CA MET A 13 11.54 5.20 -3.12
C MET A 13 10.34 5.95 -3.68
N ASN A 14 10.38 6.32 -4.96
CA ASN A 14 9.28 6.96 -5.65
C ASN A 14 8.55 5.98 -6.56
N SER A 15 9.23 4.89 -6.95
CA SER A 15 8.61 3.78 -7.66
C SER A 15 8.01 2.77 -6.68
N ARG A 16 8.02 3.08 -5.38
CA ARG A 16 7.45 2.24 -4.34
C ARG A 16 6.07 2.77 -3.94
N VAL A 17 5.20 1.87 -3.48
CA VAL A 17 3.86 2.21 -3.03
C VAL A 17 3.64 1.66 -1.62
N PHE A 18 3.19 2.54 -0.72
CA PHE A 18 2.82 2.17 0.63
C PHE A 18 1.35 1.74 0.65
N ILE A 19 1.06 0.61 1.31
CA ILE A 19 -0.30 0.09 1.43
C ILE A 19 -0.64 -0.01 2.91
N GLY A 20 -1.10 1.11 3.48
CA GLY A 20 -1.49 1.17 4.88
C GLY A 20 -2.93 0.71 5.05
N ASN A 21 -3.37 0.61 6.31
CA ASN A 21 -4.72 0.17 6.64
C ASN A 21 -5.08 -1.12 5.90
N LEU A 22 -4.17 -2.10 5.92
CA LEU A 22 -4.37 -3.38 5.26
C LEU A 22 -4.84 -4.42 6.29
N ASN A 23 -5.71 -5.34 5.89
CA ASN A 23 -6.22 -6.34 6.83
C ASN A 23 -5.14 -7.33 7.23
N THR A 24 -4.34 -7.76 6.25
CA THR A 24 -3.21 -8.69 6.37
C THR A 24 -3.56 -10.07 6.92
N LEU A 25 -4.79 -10.27 7.38
CA LEU A 25 -5.26 -11.56 7.84
C LEU A 25 -5.65 -12.48 6.68
N VAL A 26 -6.02 -11.89 5.54
CA VAL A 26 -6.45 -12.65 4.36
C VAL A 26 -5.55 -12.38 3.16
N VAL A 27 -4.85 -11.24 3.13
CA VAL A 27 -3.93 -10.92 2.04
C VAL A 27 -2.50 -11.15 2.49
N LYS A 28 -1.65 -11.66 1.58
CA LYS A 28 -0.25 -11.96 1.85
C LYS A 28 0.62 -11.45 0.72
N LYS A 29 1.94 -11.53 0.90
CA LYS A 29 2.93 -11.09 -0.08
C LYS A 29 2.90 -11.94 -1.35
N SER A 30 2.09 -13.01 -1.35
CA SER A 30 1.87 -13.85 -2.51
C SER A 30 0.58 -13.46 -3.23
N ASP A 31 -0.13 -12.45 -2.70
CA ASP A 31 -1.38 -11.96 -3.26
C ASP A 31 -1.22 -10.51 -3.72
N VAL A 32 -0.39 -9.73 -3.03
CA VAL A 32 -0.14 -8.34 -3.41
C VAL A 32 0.52 -8.32 -4.79
N GLU A 33 1.33 -9.34 -5.10
CA GLU A 33 1.98 -9.43 -6.40
C GLU A 33 1.04 -9.95 -7.48
N ALA A 34 -0.25 -10.08 -7.16
CA ALA A 34 -1.28 -10.50 -8.11
C ALA A 34 -2.43 -9.50 -8.15
N ILE A 35 -2.43 -8.53 -7.24
CA ILE A 35 -3.47 -7.50 -7.16
C ILE A 35 -2.92 -6.13 -7.58
N PHE A 36 -1.61 -5.93 -7.40
CA PHE A 36 -0.95 -4.68 -7.75
C PHE A 36 -0.12 -4.83 -9.02
N SER A 37 -0.01 -6.06 -9.54
CA SER A 37 0.75 -6.33 -10.75
C SER A 37 -0.01 -5.89 -12.00
N LYS A 38 -1.31 -5.61 -11.85
CA LYS A 38 -2.15 -5.17 -12.95
C LYS A 38 -2.01 -3.66 -13.22
N TYR A 39 -1.35 -2.92 -12.32
CA TYR A 39 -1.13 -1.50 -12.49
C TYR A 39 0.33 -1.20 -12.84
N GLY A 40 1.22 -2.18 -12.65
CA GLY A 40 2.60 -2.05 -13.05
C GLY A 40 3.40 -3.33 -12.81
N LYS A 41 4.56 -3.43 -13.44
CA LYS A 41 5.45 -4.56 -13.27
C LYS A 41 6.13 -4.47 -11.91
N ILE A 42 5.80 -5.40 -11.02
CA ILE A 42 6.35 -5.43 -9.68
C ILE A 42 7.72 -6.09 -9.69
N VAL A 43 8.71 -5.42 -9.09
CA VAL A 43 10.07 -5.92 -8.99
C VAL A 43 10.39 -6.34 -7.56
N GLY A 44 9.48 -6.04 -6.63
CA GLY A 44 9.62 -6.43 -5.24
C GLY A 44 8.31 -6.16 -4.50
N CYS A 45 8.01 -6.97 -3.48
CA CYS A 45 6.80 -6.82 -2.70
C CYS A 45 7.01 -7.37 -1.30
N SER A 46 6.28 -6.84 -0.33
CA SER A 46 6.34 -7.31 1.04
C SER A 46 5.06 -7.00 1.77
N VAL A 47 4.70 -7.85 2.74
CA VAL A 47 3.54 -7.63 3.59
C VAL A 47 3.98 -7.70 5.04
N HIS A 48 3.33 -6.89 5.88
CA HIS A 48 3.64 -6.76 7.29
C HIS A 48 2.33 -6.81 8.08
N LYS A 49 2.36 -6.42 9.36
CA LYS A 49 1.13 -6.36 10.14
C LYS A 49 0.46 -5.01 9.97
N GLY A 50 -0.74 -5.02 9.39
CA GLY A 50 -1.53 -3.81 9.18
C GLY A 50 -1.12 -3.01 7.94
N PHE A 51 -0.02 -3.37 7.27
CA PHE A 51 0.40 -2.67 6.06
C PHE A 51 1.21 -3.58 5.14
N ALA A 52 1.50 -3.08 3.94
CA ALA A 52 2.30 -3.77 2.94
C ALA A 52 3.05 -2.75 2.06
N PHE A 53 3.94 -3.24 1.20
CA PHE A 53 4.70 -2.44 0.28
C PHE A 53 4.83 -3.12 -1.08
N VAL A 54 4.87 -2.32 -2.14
CA VAL A 54 5.04 -2.79 -3.51
C VAL A 54 6.06 -1.92 -4.22
N GLN A 55 6.94 -2.55 -4.99
CA GLN A 55 8.01 -1.87 -5.71
C GLN A 55 7.82 -2.05 -7.21
N TYR A 56 7.85 -0.97 -7.97
CA TYR A 56 7.69 -0.98 -9.41
C TYR A 56 9.00 -0.60 -10.11
N VAL A 57 8.98 -0.66 -11.45
CA VAL A 57 10.14 -0.29 -12.25
C VAL A 57 10.34 1.23 -12.24
N ASN A 58 9.25 1.99 -12.12
CA ASN A 58 9.35 3.45 -12.08
C ASN A 58 8.15 4.08 -11.38
N GLU A 59 8.27 5.38 -11.08
CA GLU A 59 7.25 6.14 -10.37
C GLU A 59 5.90 6.14 -11.12
N ARG A 60 5.90 6.07 -12.45
CA ARG A 60 4.65 6.05 -13.20
C ARG A 60 3.81 4.87 -12.77
N ASN A 61 4.42 3.72 -12.54
CA ASN A 61 3.69 2.54 -12.14
C ASN A 61 3.17 2.68 -10.71
N ALA A 62 3.83 3.50 -9.90
CA ALA A 62 3.40 3.74 -8.53
C ALA A 62 2.18 4.66 -8.52
N ARG A 63 2.16 5.65 -9.41
CA ARG A 63 1.04 6.59 -9.51
C ARG A 63 -0.21 5.88 -10.02
N ALA A 64 -0.03 4.80 -10.78
CA ALA A 64 -1.15 4.05 -11.34
C ALA A 64 -1.76 3.12 -10.30
N ALA A 65 -0.92 2.59 -9.39
CA ALA A 65 -1.41 1.70 -8.35
C ALA A 65 -2.00 2.48 -7.18
N VAL A 66 -1.42 3.65 -6.87
CA VAL A 66 -1.94 4.54 -5.84
C VAL A 66 -3.32 5.06 -6.25
N ALA A 67 -3.54 5.28 -7.56
CA ALA A 67 -4.82 5.76 -8.04
C ALA A 67 -5.74 4.60 -8.42
N GLY A 68 -5.22 3.38 -8.48
CA GLY A 68 -6.00 2.21 -8.87
C GLY A 68 -6.46 1.35 -7.70
N GLU A 69 -5.89 1.54 -6.50
CA GLU A 69 -6.17 0.66 -5.36
C GLU A 69 -6.47 1.45 -4.09
N ASP A 70 -6.06 2.72 -3.99
CA ASP A 70 -6.36 3.50 -2.80
C ASP A 70 -7.88 3.63 -2.62
N GLY A 71 -8.39 3.10 -1.51
CA GLY A 71 -9.82 3.17 -1.22
C GLY A 71 -10.56 2.00 -1.84
N ARG A 72 -9.82 1.02 -2.36
CA ARG A 72 -10.41 -0.24 -2.82
C ARG A 72 -10.76 -1.03 -1.57
N MET A 73 -11.50 -2.12 -1.71
CA MET A 73 -11.93 -2.89 -0.57
C MET A 73 -11.29 -4.26 -0.62
N ILE A 74 -10.51 -4.58 0.41
CA ILE A 74 -9.84 -5.87 0.51
C ILE A 74 -10.17 -6.52 1.85
N ALA A 75 -10.47 -7.82 1.82
CA ALA A 75 -10.92 -8.55 3.00
C ALA A 75 -12.14 -7.89 3.67
N GLY A 76 -12.83 -7.01 2.96
CA GLY A 76 -13.98 -6.31 3.47
C GLY A 76 -13.60 -4.99 4.16
N GLN A 77 -12.32 -4.62 4.11
CA GLN A 77 -11.83 -3.40 4.72
C GLN A 77 -11.10 -2.54 3.68
N VAL A 78 -11.44 -1.24 3.64
CA VAL A 78 -10.87 -0.28 2.70
C VAL A 78 -9.38 -0.11 2.95
N LEU A 79 -8.59 0.02 1.87
CA LEU A 79 -7.17 0.24 1.98
C LEU A 79 -6.82 1.72 1.91
N ASP A 80 -5.67 2.09 2.46
CA ASP A 80 -5.16 3.45 2.42
C ASP A 80 -3.78 3.42 1.76
N ILE A 81 -3.74 3.72 0.46
CA ILE A 81 -2.55 3.53 -0.36
C ILE A 81 -2.02 4.88 -0.85
N ASN A 82 -0.69 5.05 -0.86
CA ASN A 82 -0.06 6.28 -1.29
C ASN A 82 1.38 6.06 -1.72
N LEU A 83 1.96 7.05 -2.41
CA LEU A 83 3.35 7.06 -2.81
C LEU A 83 4.22 7.04 -1.56
N ALA A 84 5.22 6.15 -1.52
CA ALA A 84 6.06 5.93 -0.34
C ALA A 84 6.94 7.13 0.02
N ALA A 85 6.87 8.23 -0.72
CA ALA A 85 7.64 9.42 -0.43
C ALA A 85 6.76 10.68 -0.45
N GLU A 86 5.47 10.52 -0.74
CA GLU A 86 4.50 11.61 -0.76
C GLU A 86 3.17 11.08 -0.19
N PRO A 87 3.13 10.78 1.11
CA PRO A 87 1.93 10.30 1.77
C PRO A 87 0.84 11.37 1.64
N LYS A 88 -0.40 10.92 1.42
CA LYS A 88 -1.52 11.80 1.08
C LYS A 88 -1.66 12.99 2.02
N VAL A 89 -2.06 12.74 3.27
CA VAL A 89 -2.21 13.79 4.28
C VAL A 89 -1.92 13.23 5.66
N ASN A 90 -2.35 11.98 5.91
CA ASN A 90 -2.23 11.37 7.23
C ASN A 90 -1.68 9.94 7.13
N ARG A 91 -1.26 9.42 8.28
CA ARG A 91 -0.84 8.04 8.49
C ARG A 91 -1.43 7.63 9.84
N GLY A 92 -2.60 7.00 9.80
CA GLY A 92 -3.33 6.62 11.01
C GLY A 92 -2.94 5.23 11.48
N LYS A 93 -3.88 4.56 12.15
CA LYS A 93 -3.67 3.22 12.67
C LYS A 93 -4.86 2.30 12.37
N ALA A 94 -6.00 2.88 11.97
CA ALA A 94 -7.21 2.13 11.70
C ALA A 94 -8.06 2.83 10.64
N GLY A 95 -9.04 2.12 10.10
CA GLY A 95 -9.95 2.66 9.08
C GLY A 95 -10.99 3.60 9.69
N VAL A 96 -11.16 3.57 11.01
CA VAL A 96 -12.09 4.47 11.69
C VAL A 96 -11.36 5.76 12.06
N LYS A 97 -11.98 6.90 11.74
CA LYS A 97 -11.37 8.22 11.93
C LYS A 97 -12.35 9.18 12.60
N ARG A 98 -13.37 8.62 13.25
CA ARG A 98 -14.43 9.38 13.91
C ARG A 98 -14.70 8.83 15.30
N SER A 99 -15.56 9.52 16.05
CA SER A 99 -15.96 9.11 17.38
C SER A 99 -16.82 7.86 17.34
N ALA A 100 -17.33 7.50 16.15
CA ALA A 100 -18.24 6.38 15.95
C ALA A 100 -19.46 6.45 16.89
N ALA A 101 -19.72 7.63 17.45
CA ALA A 101 -20.80 7.83 18.41
C ALA A 101 -21.33 9.27 18.41
N GLU A 102 -20.84 10.11 17.49
CA GLU A 102 -21.23 11.52 17.45
C GLU A 102 -22.64 11.71 16.89
N MET A 103 -23.27 10.62 16.44
CA MET A 103 -24.62 10.64 15.89
C MET A 103 -25.61 9.91 16.82
N TYR A 104 -25.19 9.61 18.05
CA TYR A 104 -26.02 8.89 19.01
C TYR A 104 -26.12 9.65 20.34
N GLY A 105 -25.50 10.84 20.42
CA GLY A 105 -25.53 11.66 21.63
C GLY A 105 -24.72 11.03 22.75
N ALA A 1 7.80 -11.83 -7.58
CA ALA A 1 8.50 -10.60 -7.15
C ALA A 1 9.47 -10.88 -6.01
N SER A 2 10.46 -10.01 -5.84
CA SER A 2 11.45 -10.14 -4.77
C SER A 2 10.83 -9.76 -3.42
N ASN A 3 11.46 -10.17 -2.32
CA ASN A 3 10.97 -9.88 -0.97
C ASN A 3 11.50 -8.54 -0.47
N VAL A 4 12.19 -7.78 -1.32
CA VAL A 4 12.82 -6.51 -0.93
C VAL A 4 11.98 -5.33 -1.40
N THR A 5 11.78 -4.36 -0.51
CA THR A 5 11.00 -3.15 -0.80
C THR A 5 11.51 -1.93 -0.03
N ASN A 6 12.69 -2.00 0.60
CA ASN A 6 13.22 -0.88 1.36
C ASN A 6 14.57 -0.40 0.82
N LYS A 7 14.55 0.77 0.18
CA LYS A 7 15.72 1.49 -0.30
C LYS A 7 15.40 2.98 -0.25
N THR A 8 16.41 3.85 -0.33
CA THR A 8 16.19 5.30 -0.21
C THR A 8 16.75 6.08 -1.39
N ASP A 9 16.93 5.42 -2.55
CA ASP A 9 17.40 6.08 -3.76
C ASP A 9 16.35 7.10 -4.24
N PRO A 10 16.79 8.17 -4.92
CA PRO A 10 15.93 9.27 -5.34
C PRO A 10 14.88 8.87 -6.38
N ARG A 11 14.89 7.61 -6.82
CA ARG A 11 13.93 7.14 -7.81
C ARG A 11 13.31 5.82 -7.38
N SER A 12 14.07 4.99 -6.65
CA SER A 12 13.57 3.69 -6.22
C SER A 12 12.52 3.84 -5.12
N MET A 13 12.60 4.89 -4.29
CA MET A 13 11.61 5.09 -3.25
C MET A 13 10.39 5.86 -3.75
N ASN A 14 10.41 6.31 -5.01
CA ASN A 14 9.27 6.94 -5.65
C ASN A 14 8.58 5.96 -6.59
N SER A 15 9.31 4.92 -7.02
CA SER A 15 8.76 3.81 -7.78
C SER A 15 8.14 2.77 -6.84
N ARG A 16 7.95 3.14 -5.57
CA ARG A 16 7.43 2.28 -4.52
C ARG A 16 6.06 2.75 -4.08
N VAL A 17 5.25 1.86 -3.53
CA VAL A 17 3.93 2.20 -3.04
C VAL A 17 3.73 1.66 -1.63
N PHE A 18 3.23 2.53 -0.75
CA PHE A 18 2.86 2.17 0.61
C PHE A 18 1.40 1.75 0.64
N ILE A 19 1.11 0.64 1.30
CA ILE A 19 -0.26 0.11 1.41
C ILE A 19 -0.59 0.04 2.90
N GLY A 20 -1.03 1.16 3.46
CA GLY A 20 -1.42 1.24 4.84
C GLY A 20 -2.87 0.78 5.02
N ASN A 21 -3.30 0.68 6.28
CA ASN A 21 -4.65 0.24 6.63
C ASN A 21 -4.99 -1.06 5.89
N LEU A 22 -4.07 -2.04 5.91
CA LEU A 22 -4.27 -3.33 5.27
C LEU A 22 -4.72 -4.35 6.32
N ASN A 23 -5.60 -5.28 5.94
CA ASN A 23 -6.12 -6.25 6.89
C ASN A 23 -5.04 -7.25 7.31
N THR A 24 -4.17 -7.59 6.36
CA THR A 24 -3.03 -8.51 6.52
C THR A 24 -3.37 -9.87 7.12
N LEU A 25 -4.65 -10.14 7.38
CA LEU A 25 -5.11 -11.43 7.89
C LEU A 25 -5.62 -12.32 6.76
N VAL A 26 -5.89 -11.73 5.59
CA VAL A 26 -6.38 -12.48 4.44
C VAL A 26 -5.50 -12.24 3.23
N VAL A 27 -4.74 -11.13 3.23
CA VAL A 27 -3.81 -10.81 2.15
C VAL A 27 -2.37 -11.05 2.62
N LYS A 28 -1.53 -11.56 1.72
CA LYS A 28 -0.13 -11.85 2.00
C LYS A 28 0.74 -11.35 0.85
N LYS A 29 2.07 -11.42 1.03
CA LYS A 29 3.04 -10.99 0.03
C LYS A 29 3.02 -11.89 -1.20
N SER A 30 2.21 -12.95 -1.17
CA SER A 30 1.97 -13.83 -2.31
C SER A 30 0.68 -13.45 -3.03
N ASP A 31 -0.01 -12.42 -2.53
CA ASP A 31 -1.28 -11.95 -3.09
C ASP A 31 -1.13 -10.52 -3.59
N VAL A 32 -0.30 -9.70 -2.93
CA VAL A 32 -0.06 -8.33 -3.35
C VAL A 32 0.57 -8.32 -4.74
N GLU A 33 1.36 -9.34 -5.06
CA GLU A 33 2.00 -9.46 -6.36
C GLU A 33 1.04 -10.00 -7.42
N ALA A 34 -0.25 -10.14 -7.08
CA ALA A 34 -1.28 -10.57 -8.00
C ALA A 34 -2.45 -9.59 -8.04
N ILE A 35 -2.44 -8.60 -7.14
CA ILE A 35 -3.49 -7.58 -7.08
C ILE A 35 -2.95 -6.22 -7.53
N PHE A 36 -1.65 -5.98 -7.34
CA PHE A 36 -1.03 -4.72 -7.72
C PHE A 36 -0.25 -4.89 -9.02
N SER A 37 -0.08 -6.14 -9.49
CA SER A 37 0.67 -6.42 -10.71
C SER A 37 -0.09 -5.99 -11.96
N LYS A 38 -1.39 -5.71 -11.81
CA LYS A 38 -2.24 -5.26 -12.89
C LYS A 38 -2.13 -3.76 -13.14
N TYR A 39 -1.46 -3.03 -12.23
CA TYR A 39 -1.24 -1.59 -12.38
C TYR A 39 0.21 -1.29 -12.75
N GLY A 40 1.09 -2.27 -12.58
CA GLY A 40 2.48 -2.12 -13.01
C GLY A 40 3.28 -3.39 -12.79
N LYS A 41 4.43 -3.50 -13.47
CA LYS A 41 5.31 -4.64 -13.32
C LYS A 41 6.02 -4.55 -11.98
N ILE A 42 5.72 -5.48 -11.07
CA ILE A 42 6.28 -5.49 -9.75
C ILE A 42 7.65 -6.15 -9.77
N VAL A 43 8.65 -5.49 -9.16
CA VAL A 43 10.01 -6.00 -9.06
C VAL A 43 10.33 -6.42 -7.64
N GLY A 44 9.44 -6.08 -6.69
CA GLY A 44 9.58 -6.46 -5.30
C GLY A 44 8.28 -6.17 -4.55
N CYS A 45 7.97 -6.99 -3.55
CA CYS A 45 6.77 -6.81 -2.76
C CYS A 45 6.99 -7.37 -1.36
N SER A 46 6.26 -6.84 -0.37
CA SER A 46 6.34 -7.35 0.98
C SER A 46 5.08 -6.98 1.76
N VAL A 47 4.72 -7.80 2.74
CA VAL A 47 3.58 -7.56 3.60
C VAL A 47 4.03 -7.64 5.06
N HIS A 48 3.39 -6.83 5.90
CA HIS A 48 3.71 -6.71 7.31
C HIS A 48 2.39 -6.76 8.09
N LYS A 49 2.39 -6.33 9.34
CA LYS A 49 1.15 -6.24 10.10
C LYS A 49 0.53 -4.86 9.93
N GLY A 50 -0.70 -4.82 9.41
CA GLY A 50 -1.45 -3.60 9.20
C GLY A 50 -1.02 -2.82 7.96
N PHE A 51 0.09 -3.20 7.30
CA PHE A 51 0.54 -2.53 6.08
C PHE A 51 1.31 -3.47 5.16
N ALA A 52 1.58 -3.00 3.94
CA ALA A 52 2.37 -3.71 2.96
C ALA A 52 3.10 -2.71 2.05
N PHE A 53 3.99 -3.23 1.19
CA PHE A 53 4.77 -2.43 0.28
C PHE A 53 4.89 -3.11 -1.08
N VAL A 54 4.99 -2.30 -2.14
CA VAL A 54 5.17 -2.78 -3.51
C VAL A 54 6.21 -1.91 -4.20
N GLN A 55 6.98 -2.52 -5.09
CA GLN A 55 8.03 -1.84 -5.83
C GLN A 55 7.82 -2.07 -7.33
N TYR A 56 7.90 -1.00 -8.12
CA TYR A 56 7.70 -1.05 -9.56
C TYR A 56 9.00 -0.69 -10.29
N VAL A 57 8.96 -0.78 -11.62
CA VAL A 57 10.10 -0.46 -12.46
C VAL A 57 10.33 1.04 -12.49
N ASN A 58 9.27 1.85 -12.33
CA ASN A 58 9.41 3.29 -12.27
C ASN A 58 8.21 3.95 -11.56
N GLU A 59 8.34 5.24 -11.24
CA GLU A 59 7.33 6.00 -10.55
C GLU A 59 5.98 5.99 -11.28
N ARG A 60 5.98 5.92 -12.61
CA ARG A 60 4.72 5.92 -13.36
C ARG A 60 3.85 4.75 -12.92
N ASN A 61 4.47 3.59 -12.70
CA ASN A 61 3.72 2.42 -12.29
C ASN A 61 3.22 2.57 -10.86
N ALA A 62 3.90 3.38 -10.04
CA ALA A 62 3.49 3.63 -8.67
C ALA A 62 2.28 4.59 -8.65
N ARG A 63 2.27 5.56 -9.56
CA ARG A 63 1.16 6.51 -9.64
C ARG A 63 -0.11 5.80 -10.13
N ALA A 64 0.05 4.71 -10.88
CA ALA A 64 -1.08 3.97 -11.42
C ALA A 64 -1.68 3.05 -10.36
N ALA A 65 -0.86 2.52 -9.46
CA ALA A 65 -1.36 1.66 -8.39
C ALA A 65 -1.93 2.48 -7.25
N VAL A 66 -1.32 3.64 -6.95
CA VAL A 66 -1.84 4.54 -5.93
C VAL A 66 -3.21 5.07 -6.35
N ALA A 67 -3.43 5.26 -7.65
CA ALA A 67 -4.71 5.72 -8.15
C ALA A 67 -5.64 4.56 -8.50
N GLY A 68 -5.12 3.33 -8.52
CA GLY A 68 -5.90 2.15 -8.90
C GLY A 68 -6.36 1.31 -7.72
N GLU A 69 -5.80 1.51 -6.52
CA GLU A 69 -6.09 0.67 -5.37
C GLU A 69 -6.38 1.48 -4.10
N ASP A 70 -5.99 2.75 -4.03
CA ASP A 70 -6.27 3.55 -2.84
C ASP A 70 -7.78 3.69 -2.67
N GLY A 71 -8.30 3.15 -1.55
CA GLY A 71 -9.72 3.24 -1.25
C GLY A 71 -10.47 2.06 -1.86
N ARG A 72 -9.74 1.06 -2.37
CA ARG A 72 -10.33 -0.18 -2.82
C ARG A 72 -10.67 -0.98 -1.56
N MET A 73 -11.43 -2.06 -1.70
CA MET A 73 -11.84 -2.83 -0.55
C MET A 73 -11.20 -4.20 -0.60
N ILE A 74 -10.45 -4.54 0.45
CA ILE A 74 -9.77 -5.82 0.54
C ILE A 74 -10.08 -6.46 1.89
N ALA A 75 -10.37 -7.75 1.87
CA ALA A 75 -10.80 -8.48 3.07
C ALA A 75 -12.01 -7.83 3.73
N GLY A 76 -12.73 -6.97 3.01
CA GLY A 76 -13.89 -6.26 3.53
C GLY A 76 -13.51 -4.94 4.19
N GLN A 77 -12.22 -4.55 4.14
CA GLN A 77 -11.74 -3.33 4.73
C GLN A 77 -11.01 -2.48 3.70
N VAL A 78 -11.35 -1.17 3.65
CA VAL A 78 -10.77 -0.22 2.71
C VAL A 78 -9.28 -0.04 2.97
N LEU A 79 -8.50 0.08 1.88
CA LEU A 79 -7.07 0.32 2.00
C LEU A 79 -6.74 1.80 1.92
N ASP A 80 -5.56 2.17 2.44
CA ASP A 80 -5.06 3.54 2.36
C ASP A 80 -3.69 3.49 1.68
N ILE A 81 -3.64 3.82 0.40
CA ILE A 81 -2.46 3.63 -0.43
C ILE A 81 -1.94 4.97 -0.94
N ASN A 82 -0.61 5.14 -0.93
CA ASN A 82 0.04 6.34 -1.43
C ASN A 82 1.51 6.04 -1.76
N LEU A 83 2.17 6.96 -2.47
CA LEU A 83 3.58 6.80 -2.79
C LEU A 83 4.39 6.71 -1.49
N ALA A 84 5.40 5.84 -1.47
CA ALA A 84 6.22 5.63 -0.28
C ALA A 84 7.08 6.85 0.07
N ALA A 85 7.00 7.92 -0.73
CA ALA A 85 7.77 9.14 -0.51
C ALA A 85 6.87 10.37 -0.49
N GLU A 86 5.55 10.18 -0.53
CA GLU A 86 4.59 11.27 -0.49
C GLU A 86 3.41 10.92 0.41
N PRO A 87 3.64 10.79 1.72
CA PRO A 87 2.59 10.58 2.68
C PRO A 87 1.66 11.78 2.67
N LYS A 88 0.36 11.48 2.71
CA LYS A 88 -0.68 12.50 2.61
C LYS A 88 -1.11 12.96 4.01
N VAL A 89 -2.27 12.53 4.46
CA VAL A 89 -2.85 12.91 5.74
C VAL A 89 -3.61 11.77 6.40
N ASN A 90 -3.98 10.75 5.62
CA ASN A 90 -4.78 9.62 6.10
C ASN A 90 -3.93 8.54 6.77
N ARG A 91 -2.60 8.71 6.88
CA ARG A 91 -1.77 7.72 7.56
C ARG A 91 -2.08 7.77 9.06
N GLY A 92 -3.10 7.03 9.47
CA GLY A 92 -3.51 6.91 10.85
C GLY A 92 -3.06 5.54 11.36
N LYS A 93 -3.93 4.85 12.11
CA LYS A 93 -3.60 3.54 12.66
C LYS A 93 -4.81 2.62 12.69
N ALA A 94 -5.98 3.09 12.23
CA ALA A 94 -7.20 2.30 12.27
C ALA A 94 -8.13 2.67 11.12
N GLY A 95 -9.06 1.77 10.78
CA GLY A 95 -10.03 1.99 9.72
C GLY A 95 -11.15 2.94 10.17
N VAL A 96 -11.22 3.24 11.47
CA VAL A 96 -12.16 4.21 12.01
C VAL A 96 -11.39 5.34 12.68
N LYS A 97 -11.81 6.58 12.41
CA LYS A 97 -11.15 7.78 12.89
C LYS A 97 -12.16 8.70 13.58
N ARG A 98 -13.21 8.11 14.14
CA ARG A 98 -14.30 8.81 14.82
C ARG A 98 -14.50 8.22 16.21
N SER A 99 -15.38 8.81 17.01
CA SER A 99 -15.65 8.38 18.37
C SER A 99 -16.24 6.97 18.43
N ALA A 100 -16.69 6.43 17.29
CA ALA A 100 -17.35 5.13 17.21
C ALA A 100 -18.55 5.03 18.17
N ALA A 101 -19.03 6.19 18.65
CA ALA A 101 -20.14 6.23 19.60
C ALA A 101 -20.95 7.53 19.45
N GLU A 102 -20.64 8.33 18.42
CA GLU A 102 -21.25 9.63 18.18
C GLU A 102 -22.72 9.53 17.79
N MET A 103 -23.24 8.31 17.60
CA MET A 103 -24.65 8.07 17.29
C MET A 103 -25.38 7.46 18.47
N TYR A 104 -24.72 7.38 19.63
CA TYR A 104 -25.30 6.79 20.83
C TYR A 104 -25.10 7.68 22.06
N GLY A 105 -24.48 8.84 21.90
CA GLY A 105 -24.22 9.77 22.98
C GLY A 105 -23.40 10.96 22.51
N ALA A 1 7.86 -12.08 -7.25
CA ALA A 1 8.81 -10.94 -7.18
C ALA A 1 9.74 -11.09 -5.97
N SER A 2 10.76 -10.24 -5.90
CA SER A 2 11.72 -10.25 -4.80
C SER A 2 11.06 -9.84 -3.49
N ASN A 3 11.67 -10.21 -2.36
CA ASN A 3 11.16 -9.89 -1.04
C ASN A 3 11.69 -8.55 -0.53
N VAL A 4 12.40 -7.80 -1.37
CA VAL A 4 13.03 -6.54 -0.99
C VAL A 4 12.19 -5.37 -1.45
N THR A 5 11.99 -4.39 -0.56
CA THR A 5 11.20 -3.19 -0.86
C THR A 5 11.73 -1.96 -0.12
N ASN A 6 12.89 -2.03 0.54
CA ASN A 6 13.42 -0.89 1.27
C ASN A 6 14.70 -0.37 0.64
N LYS A 7 14.58 0.74 -0.10
CA LYS A 7 15.68 1.47 -0.69
C LYS A 7 15.34 2.96 -0.66
N THR A 8 16.34 3.82 -0.46
CA THR A 8 16.15 5.25 -0.27
C THR A 8 16.67 6.09 -1.43
N ASP A 9 16.97 5.45 -2.57
CA ASP A 9 17.44 6.16 -3.75
C ASP A 9 16.34 7.08 -4.29
N PRO A 10 16.70 8.18 -4.94
CA PRO A 10 15.78 9.21 -5.42
C PRO A 10 14.88 8.69 -6.55
N ARG A 11 15.01 7.42 -6.94
CA ARG A 11 14.16 6.83 -7.96
C ARG A 11 13.56 5.52 -7.47
N SER A 12 14.20 4.87 -6.50
CA SER A 12 13.72 3.60 -5.96
C SER A 12 12.68 3.82 -4.87
N MET A 13 12.69 4.97 -4.20
CA MET A 13 11.66 5.24 -3.19
C MET A 13 10.46 5.97 -3.79
N ASN A 14 10.57 6.36 -5.07
CA ASN A 14 9.46 7.01 -5.78
C ASN A 14 8.75 6.00 -6.68
N SER A 15 9.39 4.88 -7.01
CA SER A 15 8.77 3.78 -7.72
C SER A 15 8.19 2.74 -6.76
N ARG A 16 8.11 3.08 -5.46
CA ARG A 16 7.55 2.22 -4.43
C ARG A 16 6.19 2.75 -3.98
N VAL A 17 5.32 1.84 -3.51
CA VAL A 17 4.00 2.20 -3.03
C VAL A 17 3.80 1.66 -1.63
N PHE A 18 3.32 2.52 -0.74
CA PHE A 18 2.94 2.17 0.62
C PHE A 18 1.48 1.73 0.64
N ILE A 19 1.19 0.61 1.30
CA ILE A 19 -0.17 0.09 1.43
C ILE A 19 -0.51 0.02 2.92
N GLY A 20 -0.98 1.13 3.47
CA GLY A 20 -1.38 1.21 4.87
C GLY A 20 -2.81 0.72 5.04
N ASN A 21 -3.25 0.61 6.29
CA ASN A 21 -4.58 0.13 6.63
C ASN A 21 -4.90 -1.18 5.91
N LEU A 22 -3.96 -2.12 5.92
CA LEU A 22 -4.14 -3.42 5.29
C LEU A 22 -4.60 -4.44 6.33
N ASN A 23 -5.50 -5.36 5.95
CA ASN A 23 -6.02 -6.34 6.89
C ASN A 23 -4.93 -7.32 7.33
N THR A 24 -4.09 -7.73 6.37
CA THR A 24 -2.94 -8.63 6.51
C THR A 24 -3.28 -10.00 7.12
N LEU A 25 -4.53 -10.23 7.51
CA LEU A 25 -4.98 -11.54 7.99
C LEU A 25 -5.35 -12.46 6.83
N VAL A 26 -5.69 -11.90 5.67
CA VAL A 26 -6.10 -12.67 4.51
C VAL A 26 -5.21 -12.39 3.30
N VAL A 27 -4.56 -11.23 3.26
CA VAL A 27 -3.65 -10.88 2.17
C VAL A 27 -2.21 -11.03 2.62
N LYS A 28 -1.38 -11.63 1.77
CA LYS A 28 0.02 -11.89 2.06
C LYS A 28 0.90 -11.39 0.93
N LYS A 29 2.22 -11.44 1.13
CA LYS A 29 3.22 -11.00 0.16
C LYS A 29 3.22 -11.87 -1.10
N SER A 30 2.39 -12.92 -1.12
CA SER A 30 2.20 -13.78 -2.27
C SER A 30 0.89 -13.44 -2.99
N ASP A 31 0.16 -12.45 -2.47
CA ASP A 31 -1.12 -12.00 -3.02
C ASP A 31 -1.03 -10.56 -3.52
N VAL A 32 -0.23 -9.72 -2.83
CA VAL A 32 -0.07 -8.33 -3.23
C VAL A 32 0.61 -8.28 -4.60
N GLU A 33 1.47 -9.26 -4.89
CA GLU A 33 2.15 -9.35 -6.18
C GLU A 33 1.24 -9.93 -7.26
N ALA A 34 -0.04 -10.13 -6.95
CA ALA A 34 -1.02 -10.62 -7.90
C ALA A 34 -2.23 -9.69 -7.97
N ILE A 35 -2.29 -8.69 -7.08
CA ILE A 35 -3.37 -7.70 -7.07
C ILE A 35 -2.85 -6.34 -7.53
N PHE A 36 -1.56 -6.06 -7.31
CA PHE A 36 -0.95 -4.80 -7.70
C PHE A 36 -0.16 -4.96 -9.00
N SER A 37 0.03 -6.20 -9.46
CA SER A 37 0.79 -6.48 -10.67
C SER A 37 0.04 -6.04 -11.92
N LYS A 38 -1.26 -5.77 -11.79
CA LYS A 38 -2.12 -5.33 -12.88
C LYS A 38 -2.01 -3.82 -13.12
N TYR A 39 -1.36 -3.08 -12.20
CA TYR A 39 -1.17 -1.65 -12.35
C TYR A 39 0.29 -1.33 -12.72
N GLY A 40 1.18 -2.30 -12.55
CA GLY A 40 2.56 -2.15 -12.97
C GLY A 40 3.37 -3.42 -12.74
N LYS A 41 4.51 -3.54 -13.43
CA LYS A 41 5.40 -4.68 -13.29
C LYS A 41 6.10 -4.57 -11.95
N ILE A 42 5.80 -5.52 -11.05
CA ILE A 42 6.37 -5.52 -9.71
C ILE A 42 7.75 -6.16 -9.74
N VAL A 43 8.74 -5.47 -9.16
CA VAL A 43 10.11 -5.95 -9.08
C VAL A 43 10.47 -6.37 -7.66
N GLY A 44 9.55 -6.12 -6.72
CA GLY A 44 9.70 -6.51 -5.33
C GLY A 44 8.41 -6.27 -4.57
N CYS A 45 8.11 -7.12 -3.59
CA CYS A 45 6.91 -7.00 -2.79
C CYS A 45 7.15 -7.54 -1.40
N SER A 46 6.51 -6.93 -0.40
CA SER A 46 6.60 -7.39 0.98
C SER A 46 5.37 -6.96 1.75
N VAL A 47 4.99 -7.76 2.76
CA VAL A 47 3.86 -7.49 3.61
C VAL A 47 4.33 -7.50 5.07
N HIS A 48 3.65 -6.70 5.89
CA HIS A 48 3.97 -6.54 7.29
C HIS A 48 2.66 -6.53 8.06
N LYS A 49 2.69 -6.18 9.35
CA LYS A 49 1.47 -6.14 10.13
C LYS A 49 0.78 -4.80 9.97
N GLY A 50 -0.43 -4.80 9.41
CA GLY A 50 -1.24 -3.60 9.20
C GLY A 50 -0.83 -2.80 7.96
N PHE A 51 0.28 -3.15 7.31
CA PHE A 51 0.72 -2.46 6.10
C PHE A 51 1.51 -3.39 5.17
N ALA A 52 1.75 -2.93 3.94
CA ALA A 52 2.54 -3.65 2.96
C ALA A 52 3.28 -2.67 2.05
N PHE A 53 4.17 -3.20 1.21
CA PHE A 53 4.96 -2.42 0.28
C PHE A 53 5.08 -3.14 -1.07
N VAL A 54 5.08 -2.35 -2.15
CA VAL A 54 5.20 -2.85 -3.52
C VAL A 54 6.18 -1.97 -4.28
N GLN A 55 7.07 -2.59 -5.04
CA GLN A 55 8.09 -1.90 -5.80
C GLN A 55 7.86 -2.10 -7.29
N TYR A 56 7.94 -1.03 -8.08
CA TYR A 56 7.74 -1.08 -9.51
C TYR A 56 9.02 -0.70 -10.25
N VAL A 57 8.98 -0.76 -11.59
CA VAL A 57 10.11 -0.41 -12.43
C VAL A 57 10.32 1.11 -12.41
N ASN A 58 9.24 1.89 -12.24
CA ASN A 58 9.35 3.34 -12.16
C ASN A 58 8.15 3.97 -11.45
N GLU A 59 8.26 5.25 -11.13
CA GLU A 59 7.22 6.00 -10.42
C GLU A 59 5.89 6.00 -11.17
N ARG A 60 5.89 5.94 -12.51
CA ARG A 60 4.65 5.92 -13.27
C ARG A 60 3.79 4.74 -12.85
N ASN A 61 4.43 3.59 -12.62
CA ASN A 61 3.70 2.40 -12.21
C ASN A 61 3.21 2.54 -10.77
N ALA A 62 3.89 3.36 -9.97
CA ALA A 62 3.49 3.59 -8.59
C ALA A 62 2.29 4.52 -8.53
N ARG A 63 2.24 5.51 -9.43
CA ARG A 63 1.13 6.44 -9.49
C ARG A 63 -0.12 5.75 -10.03
N ALA A 64 0.06 4.67 -10.79
CA ALA A 64 -1.06 3.93 -11.34
C ALA A 64 -1.66 3.00 -10.29
N ALA A 65 -0.83 2.46 -9.38
CA ALA A 65 -1.32 1.60 -8.33
C ALA A 65 -1.90 2.40 -7.18
N VAL A 66 -1.33 3.56 -6.87
CA VAL A 66 -1.87 4.47 -5.87
C VAL A 66 -3.23 4.98 -6.31
N ALA A 67 -3.44 5.15 -7.61
CA ALA A 67 -4.73 5.60 -8.12
C ALA A 67 -5.65 4.43 -8.48
N GLY A 68 -5.12 3.20 -8.49
CA GLY A 68 -5.87 2.02 -8.87
C GLY A 68 -6.32 1.16 -7.69
N GLU A 69 -5.79 1.39 -6.49
CA GLU A 69 -6.05 0.53 -5.34
C GLU A 69 -6.36 1.33 -4.07
N ASP A 70 -5.99 2.60 -4.01
CA ASP A 70 -6.28 3.41 -2.83
C ASP A 70 -7.79 3.53 -2.65
N GLY A 71 -8.33 2.98 -1.56
CA GLY A 71 -9.75 3.03 -1.29
C GLY A 71 -10.47 1.85 -1.89
N ARG A 72 -9.73 0.85 -2.39
CA ARG A 72 -10.30 -0.40 -2.84
C ARG A 72 -10.61 -1.20 -1.58
N MET A 73 -11.35 -2.30 -1.70
CA MET A 73 -11.76 -3.06 -0.54
C MET A 73 -11.09 -4.42 -0.58
N ILE A 74 -10.34 -4.73 0.47
CA ILE A 74 -9.65 -6.01 0.57
C ILE A 74 -9.97 -6.64 1.91
N ALA A 75 -10.25 -7.95 1.90
CA ALA A 75 -10.68 -8.68 3.08
C ALA A 75 -11.90 -8.04 3.74
N GLY A 76 -12.61 -7.17 3.01
CA GLY A 76 -13.79 -6.47 3.51
C GLY A 76 -13.43 -5.15 4.19
N GLN A 77 -12.15 -4.76 4.15
CA GLN A 77 -11.67 -3.53 4.74
C GLN A 77 -10.96 -2.66 3.70
N VAL A 78 -11.33 -1.38 3.64
CA VAL A 78 -10.77 -0.41 2.69
C VAL A 78 -9.28 -0.22 2.95
N LEU A 79 -8.49 -0.11 1.88
CA LEU A 79 -7.06 0.14 1.99
C LEU A 79 -6.76 1.63 1.90
N ASP A 80 -5.60 2.03 2.43
CA ASP A 80 -5.13 3.40 2.34
C ASP A 80 -3.74 3.39 1.72
N ILE A 81 -3.67 3.68 0.42
CA ILE A 81 -2.47 3.50 -0.37
C ILE A 81 -1.96 4.85 -0.87
N ASN A 82 -0.64 5.04 -0.86
CA ASN A 82 0.00 6.25 -1.33
C ASN A 82 1.45 6.00 -1.72
N LEU A 83 2.04 6.92 -2.46
CA LEU A 83 3.43 6.88 -2.85
C LEU A 83 4.29 6.84 -1.59
N ALA A 84 5.30 5.96 -1.54
CA ALA A 84 6.16 5.78 -0.37
C ALA A 84 6.98 7.02 0.00
N ALA A 85 6.82 8.13 -0.73
CA ALA A 85 7.53 9.36 -0.45
C ALA A 85 6.57 10.56 -0.36
N GLU A 86 5.26 10.29 -0.46
CA GLU A 86 4.23 11.33 -0.41
C GLU A 86 3.05 10.85 0.43
N PRO A 87 3.25 10.64 1.73
CA PRO A 87 2.19 10.25 2.64
C PRO A 87 1.14 11.35 2.71
N LYS A 88 -0.12 10.93 2.88
CA LYS A 88 -1.27 11.83 2.82
C LYS A 88 -1.55 12.44 4.19
N VAL A 89 -2.62 11.97 4.84
CA VAL A 89 -3.12 12.54 6.09
C VAL A 89 -3.66 11.47 7.03
N ASN A 90 -4.19 10.38 6.47
CA ASN A 90 -4.83 9.33 7.27
C ASN A 90 -3.84 8.29 7.79
N ARG A 91 -2.55 8.47 7.52
CA ARG A 91 -1.51 7.56 8.01
C ARG A 91 -1.45 7.63 9.53
N GLY A 92 -2.23 6.79 10.20
CA GLY A 92 -2.26 6.77 11.66
C GLY A 92 -3.20 5.73 12.24
N LYS A 93 -2.99 4.46 11.87
CA LYS A 93 -3.72 3.29 12.37
C LYS A 93 -5.22 3.26 12.07
N ALA A 94 -5.85 4.41 11.87
CA ALA A 94 -7.28 4.48 11.61
C ALA A 94 -7.64 5.76 10.85
N GLY A 95 -8.79 5.75 10.17
CA GLY A 95 -9.29 6.91 9.44
C GLY A 95 -9.96 7.91 10.37
N VAL A 96 -10.20 7.51 11.63
CA VAL A 96 -10.81 8.38 12.63
C VAL A 96 -9.71 9.10 13.40
N LYS A 97 -9.92 10.40 13.65
CA LYS A 97 -8.94 11.26 14.31
C LYS A 97 -9.52 11.90 15.56
N ARG A 98 -10.56 11.29 16.12
CA ARG A 98 -11.26 11.77 17.32
C ARG A 98 -11.17 10.72 18.42
N SER A 99 -11.60 11.08 19.63
CA SER A 99 -11.59 10.18 20.78
C SER A 99 -12.48 8.96 20.57
N ALA A 100 -13.37 9.01 19.56
CA ALA A 100 -14.34 7.96 19.29
C ALA A 100 -15.16 7.57 20.53
N ALA A 101 -15.17 8.45 21.55
CA ALA A 101 -15.85 8.21 22.81
C ALA A 101 -16.33 9.52 23.43
N GLU A 102 -16.29 10.61 22.66
CA GLU A 102 -16.66 11.94 23.16
C GLU A 102 -18.16 12.07 23.42
N MET A 103 -18.93 11.04 23.06
CA MET A 103 -20.39 11.03 23.24
C MET A 103 -20.87 9.73 23.89
N TYR A 104 -19.94 8.90 24.35
CA TYR A 104 -20.25 7.62 24.99
C TYR A 104 -19.79 7.60 26.44
N GLY A 105 -19.19 8.71 26.90
CA GLY A 105 -18.71 8.87 28.26
C GLY A 105 -19.86 8.95 29.26
N ALA A 1 7.95 -11.89 -7.41
CA ALA A 1 8.72 -10.67 -7.13
C ALA A 1 9.71 -10.89 -5.99
N SER A 2 10.70 -10.00 -5.88
CA SER A 2 11.70 -10.06 -4.81
C SER A 2 11.07 -9.75 -3.47
N ASN A 3 11.70 -10.18 -2.37
CA ASN A 3 11.21 -9.93 -1.02
C ASN A 3 11.71 -8.57 -0.50
N VAL A 4 12.45 -7.84 -1.33
CA VAL A 4 13.05 -6.57 -0.92
C VAL A 4 12.21 -5.39 -1.40
N THR A 5 12.02 -4.40 -0.53
CA THR A 5 11.25 -3.20 -0.83
C THR A 5 11.81 -1.98 -0.10
N ASN A 6 12.91 -2.12 0.64
CA ASN A 6 13.46 -1.02 1.41
C ASN A 6 14.67 -0.41 0.71
N LYS A 7 14.43 0.70 0.00
CA LYS A 7 15.46 1.48 -0.68
C LYS A 7 15.11 2.97 -0.57
N THR A 8 16.12 3.83 -0.46
CA THR A 8 15.91 5.25 -0.20
C THR A 8 16.42 6.14 -1.33
N ASP A 9 16.67 5.57 -2.50
CA ASP A 9 17.12 6.35 -3.65
C ASP A 9 16.00 7.30 -4.10
N PRO A 10 16.36 8.44 -4.70
CA PRO A 10 15.43 9.50 -5.07
C PRO A 10 14.44 9.06 -6.15
N ARG A 11 14.54 7.83 -6.65
CA ARG A 11 13.62 7.32 -7.65
C ARG A 11 13.07 5.96 -7.22
N SER A 12 13.80 5.22 -6.39
CA SER A 12 13.36 3.92 -5.91
C SER A 12 12.37 4.04 -4.77
N MET A 13 12.36 5.16 -4.04
CA MET A 13 11.36 5.37 -3.00
C MET A 13 10.13 6.09 -3.54
N ASN A 14 10.11 6.38 -4.85
CA ASN A 14 8.96 6.97 -5.51
C ASN A 14 8.32 5.97 -6.47
N SER A 15 9.09 4.96 -6.91
CA SER A 15 8.54 3.83 -7.64
C SER A 15 8.00 2.78 -6.68
N ARG A 16 8.09 3.04 -5.37
CA ARG A 16 7.55 2.17 -4.35
C ARG A 16 6.18 2.68 -3.90
N VAL A 17 5.31 1.78 -3.47
CA VAL A 17 3.98 2.10 -3.00
C VAL A 17 3.77 1.51 -1.61
N PHE A 18 3.31 2.35 -0.69
CA PHE A 18 2.95 1.96 0.66
C PHE A 18 1.49 1.54 0.68
N ILE A 19 1.19 0.41 1.33
CA ILE A 19 -0.16 -0.11 1.45
C ILE A 19 -0.50 -0.20 2.93
N GLY A 20 -0.94 0.93 3.50
CA GLY A 20 -1.33 1.00 4.89
C GLY A 20 -2.77 0.55 5.08
N ASN A 21 -3.21 0.46 6.33
CA ASN A 21 -4.56 0.02 6.68
C ASN A 21 -4.90 -1.27 5.94
N LEU A 22 -3.98 -2.24 5.97
CA LEU A 22 -4.17 -3.53 5.32
C LEU A 22 -4.60 -4.57 6.37
N ASN A 23 -5.48 -5.51 5.98
CA ASN A 23 -5.98 -6.50 6.93
C ASN A 23 -4.88 -7.48 7.34
N THR A 24 -4.03 -7.85 6.39
CA THR A 24 -2.89 -8.76 6.50
C THR A 24 -3.19 -10.13 7.09
N LEU A 25 -4.44 -10.38 7.49
CA LEU A 25 -4.87 -11.68 7.98
C LEU A 25 -5.33 -12.59 6.84
N VAL A 26 -5.67 -12.01 5.70
CA VAL A 26 -6.16 -12.77 4.53
C VAL A 26 -5.26 -12.56 3.31
N VAL A 27 -4.58 -11.41 3.23
CA VAL A 27 -3.70 -11.13 2.11
C VAL A 27 -2.24 -11.37 2.49
N LYS A 28 -1.43 -11.83 1.54
CA LYS A 28 -0.03 -12.15 1.76
C LYS A 28 0.82 -11.58 0.62
N LYS A 29 2.14 -11.65 0.78
CA LYS A 29 3.11 -11.19 -0.21
C LYS A 29 3.05 -12.01 -1.50
N SER A 30 2.27 -13.10 -1.49
CA SER A 30 2.04 -13.92 -2.66
C SER A 30 0.73 -13.54 -3.36
N ASP A 31 0.01 -12.57 -2.79
CA ASP A 31 -1.25 -12.08 -3.32
C ASP A 31 -1.11 -10.64 -3.77
N VAL A 32 -0.29 -9.84 -3.07
CA VAL A 32 -0.05 -8.46 -3.44
C VAL A 32 0.61 -8.41 -4.82
N GLU A 33 1.43 -9.42 -5.14
CA GLU A 33 2.08 -9.51 -6.44
C GLU A 33 1.14 -10.04 -7.53
N ALA A 34 -0.15 -10.19 -7.21
CA ALA A 34 -1.17 -10.63 -8.15
C ALA A 34 -2.35 -9.65 -8.18
N ILE A 35 -2.37 -8.67 -7.28
CA ILE A 35 -3.41 -7.66 -7.21
C ILE A 35 -2.87 -6.30 -7.63
N PHE A 36 -1.57 -6.06 -7.43
CA PHE A 36 -0.94 -4.80 -7.79
C PHE A 36 -0.14 -4.94 -9.08
N SER A 37 0.02 -6.17 -9.58
CA SER A 37 0.78 -6.43 -10.78
C SER A 37 0.04 -5.97 -12.03
N LYS A 38 -1.26 -5.70 -11.89
CA LYS A 38 -2.11 -5.24 -12.98
C LYS A 38 -2.00 -3.72 -13.20
N TYR A 39 -1.34 -3.01 -12.28
CA TYR A 39 -1.14 -1.57 -12.39
C TYR A 39 0.31 -1.24 -12.75
N GLY A 40 1.20 -2.22 -12.60
CA GLY A 40 2.59 -2.07 -13.00
C GLY A 40 3.40 -3.34 -12.77
N LYS A 41 4.55 -3.43 -13.44
CA LYS A 41 5.44 -4.57 -13.29
C LYS A 41 6.14 -4.48 -11.93
N ILE A 42 5.85 -5.44 -11.06
CA ILE A 42 6.41 -5.48 -9.72
C ILE A 42 7.79 -6.11 -9.75
N VAL A 43 8.77 -5.45 -9.14
CA VAL A 43 10.15 -5.93 -9.07
C VAL A 43 10.49 -6.36 -7.64
N GLY A 44 9.59 -6.07 -6.70
CA GLY A 44 9.76 -6.45 -5.31
C GLY A 44 8.46 -6.22 -4.55
N CYS A 45 8.18 -7.05 -3.55
CA CYS A 45 6.98 -6.93 -2.76
C CYS A 45 7.22 -7.46 -1.34
N SER A 46 6.46 -6.96 -0.38
CA SER A 46 6.54 -7.44 1.00
C SER A 46 5.24 -7.15 1.73
N VAL A 47 4.89 -8.01 2.69
CA VAL A 47 3.73 -7.79 3.55
C VAL A 47 4.19 -7.87 5.00
N HIS A 48 3.54 -7.05 5.84
CA HIS A 48 3.88 -6.92 7.24
C HIS A 48 2.59 -6.98 8.05
N LYS A 49 2.63 -6.55 9.31
CA LYS A 49 1.42 -6.51 10.13
C LYS A 49 0.74 -5.15 9.98
N GLY A 50 -0.47 -5.16 9.41
CA GLY A 50 -1.27 -3.96 9.22
C GLY A 50 -0.88 -3.16 7.97
N PHE A 51 0.23 -3.51 7.31
CA PHE A 51 0.65 -2.80 6.09
C PHE A 51 1.43 -3.72 5.16
N ALA A 52 1.69 -3.23 3.94
CA ALA A 52 2.47 -3.93 2.93
C ALA A 52 3.19 -2.91 2.05
N PHE A 53 4.10 -3.39 1.19
CA PHE A 53 4.85 -2.54 0.27
C PHE A 53 4.98 -3.24 -1.08
N VAL A 54 5.04 -2.43 -2.15
CA VAL A 54 5.18 -2.90 -3.52
C VAL A 54 6.17 -2.00 -4.25
N GLN A 55 7.06 -2.60 -5.04
CA GLN A 55 8.09 -1.87 -5.76
C GLN A 55 7.89 -2.06 -7.26
N TYR A 56 7.91 -0.96 -8.02
CA TYR A 56 7.74 -0.99 -9.46
C TYR A 56 9.03 -0.60 -10.17
N VAL A 57 9.01 -0.67 -11.51
CA VAL A 57 10.15 -0.32 -12.33
C VAL A 57 10.36 1.20 -12.33
N ASN A 58 9.27 1.97 -12.21
CA ASN A 58 9.38 3.42 -12.14
C ASN A 58 8.19 4.06 -11.44
N GLU A 59 8.30 5.36 -11.15
CA GLU A 59 7.27 6.11 -10.44
C GLU A 59 5.92 6.08 -11.18
N ARG A 60 5.92 6.01 -12.52
CA ARG A 60 4.67 5.99 -13.27
C ARG A 60 3.81 4.79 -12.83
N ASN A 61 4.45 3.65 -12.60
CA ASN A 61 3.73 2.47 -12.19
C ASN A 61 3.22 2.59 -10.76
N ALA A 62 3.88 3.42 -9.95
CA ALA A 62 3.46 3.66 -8.58
C ALA A 62 2.25 4.59 -8.54
N ARG A 63 2.22 5.58 -9.43
CA ARG A 63 1.10 6.51 -9.52
C ARG A 63 -0.15 5.80 -10.02
N ALA A 64 0.03 4.70 -10.77
CA ALA A 64 -1.09 3.96 -11.33
C ALA A 64 -1.68 3.02 -10.27
N ALA A 65 -0.85 2.48 -9.38
CA ALA A 65 -1.34 1.60 -8.33
C ALA A 65 -1.92 2.40 -7.16
N VAL A 66 -1.32 3.56 -6.85
CA VAL A 66 -1.86 4.44 -5.82
C VAL A 66 -3.22 4.98 -6.24
N ALA A 67 -3.44 5.18 -7.54
CA ALA A 67 -4.73 5.65 -8.04
C ALA A 67 -5.65 4.49 -8.42
N GLY A 68 -5.13 3.26 -8.44
CA GLY A 68 -5.90 2.09 -8.84
C GLY A 68 -6.33 1.20 -7.68
N GLU A 69 -5.79 1.40 -6.47
CA GLU A 69 -6.07 0.52 -5.33
C GLU A 69 -6.36 1.30 -4.05
N ASP A 70 -5.96 2.57 -3.95
CA ASP A 70 -6.24 3.35 -2.76
C ASP A 70 -7.75 3.47 -2.56
N GLY A 71 -8.27 2.93 -1.45
CA GLY A 71 -9.69 2.99 -1.15
C GLY A 71 -10.43 1.82 -1.78
N ARG A 72 -9.69 0.83 -2.29
CA ARG A 72 -10.27 -0.41 -2.75
C ARG A 72 -10.59 -1.22 -1.50
N MET A 73 -11.33 -2.32 -1.64
CA MET A 73 -11.74 -3.09 -0.48
C MET A 73 -11.08 -4.46 -0.53
N ILE A 74 -10.33 -4.80 0.51
CA ILE A 74 -9.65 -6.08 0.59
C ILE A 74 -9.93 -6.72 1.94
N ALA A 75 -10.22 -8.02 1.92
CA ALA A 75 -10.66 -8.76 3.10
C ALA A 75 -11.87 -8.11 3.78
N GLY A 76 -12.59 -7.24 3.05
CA GLY A 76 -13.75 -6.55 3.57
C GLY A 76 -13.37 -5.23 4.24
N GLN A 77 -12.09 -4.84 4.19
CA GLN A 77 -11.60 -3.62 4.81
C GLN A 77 -10.90 -2.75 3.77
N VAL A 78 -11.25 -1.46 3.72
CA VAL A 78 -10.70 -0.49 2.78
C VAL A 78 -9.20 -0.31 3.03
N LEU A 79 -8.42 -0.19 1.96
CA LEU A 79 -7.00 0.05 2.06
C LEU A 79 -6.68 1.54 1.98
N ASP A 80 -5.52 1.93 2.51
CA ASP A 80 -5.01 3.29 2.40
C ASP A 80 -3.64 3.24 1.74
N ILE A 81 -3.61 3.56 0.45
CA ILE A 81 -2.42 3.38 -0.37
C ILE A 81 -1.91 4.73 -0.86
N ASN A 82 -0.59 4.90 -0.86
CA ASN A 82 0.06 6.13 -1.29
C ASN A 82 1.52 5.85 -1.65
N LEU A 83 2.18 6.81 -2.32
CA LEU A 83 3.59 6.71 -2.64
C LEU A 83 4.38 6.61 -1.34
N ALA A 84 5.46 5.83 -1.33
CA ALA A 84 6.28 5.64 -0.14
C ALA A 84 7.00 6.91 0.30
N ALA A 85 6.77 8.04 -0.40
CA ALA A 85 7.37 9.32 -0.06
C ALA A 85 6.35 10.46 -0.15
N GLU A 86 5.08 10.13 -0.41
CA GLU A 86 4.02 11.12 -0.54
C GLU A 86 2.72 10.59 0.09
N PRO A 87 2.70 10.42 1.43
CA PRO A 87 1.51 10.02 2.15
C PRO A 87 0.48 11.14 2.02
N LYS A 88 -0.81 10.79 1.88
CA LYS A 88 -1.85 11.76 1.54
C LYS A 88 -1.93 12.91 2.53
N VAL A 89 -2.28 12.63 3.78
CA VAL A 89 -2.37 13.66 4.82
C VAL A 89 -1.99 13.07 6.18
N ASN A 90 -2.41 11.84 6.44
CA ASN A 90 -2.18 11.17 7.70
C ASN A 90 -1.57 9.78 7.46
N ARG A 91 -1.21 9.08 8.54
CA ARG A 91 -0.62 7.77 8.42
C ARG A 91 -1.07 6.84 9.55
N GLY A 92 -1.01 7.30 10.80
CA GLY A 92 -1.21 6.43 11.95
C GLY A 92 -2.67 6.10 12.22
N LYS A 93 -2.98 4.80 12.12
CA LYS A 93 -4.25 4.16 12.47
C LYS A 93 -5.51 4.72 11.79
N ALA A 94 -5.45 5.90 11.15
CA ALA A 94 -6.63 6.47 10.51
C ALA A 94 -6.24 7.54 9.50
N GLY A 95 -7.19 7.90 8.62
CA GLY A 95 -7.02 8.93 7.61
C GLY A 95 -7.71 10.23 8.02
N VAL A 96 -8.25 10.30 9.24
CA VAL A 96 -8.99 11.48 9.68
C VAL A 96 -8.11 12.72 9.58
N LYS A 97 -8.67 13.77 8.97
CA LYS A 97 -7.93 14.97 8.59
C LYS A 97 -8.61 16.23 9.12
N ARG A 98 -9.28 16.09 10.26
CA ARG A 98 -9.98 17.20 10.93
C ARG A 98 -9.64 17.18 12.41
N SER A 99 -9.91 18.29 13.10
CA SER A 99 -9.69 18.39 14.54
C SER A 99 -10.66 17.51 15.31
N ALA A 100 -11.69 16.98 14.64
CA ALA A 100 -12.76 16.20 15.23
C ALA A 100 -13.41 16.89 16.45
N ALA A 101 -13.14 18.19 16.64
CA ALA A 101 -13.66 18.95 17.76
C ALA A 101 -13.87 20.43 17.42
N GLU A 102 -13.64 20.81 16.16
CA GLU A 102 -13.73 22.21 15.75
C GLU A 102 -15.19 22.67 15.60
N MET A 103 -16.14 21.76 15.80
CA MET A 103 -17.57 22.06 15.69
C MET A 103 -18.22 22.13 17.08
N TYR A 104 -17.42 22.09 18.14
CA TYR A 104 -17.92 22.10 19.51
C TYR A 104 -17.18 23.12 20.37
N GLY A 105 -16.24 23.87 19.79
CA GLY A 105 -15.47 24.90 20.49
C GLY A 105 -14.55 24.28 21.54
N ALA A 1 8.00 -12.03 -7.10
CA ALA A 1 8.91 -10.87 -7.07
C ALA A 1 9.85 -10.96 -5.86
N SER A 2 10.81 -10.03 -5.78
CA SER A 2 11.75 -9.98 -4.66
C SER A 2 11.03 -9.66 -3.36
N ASN A 3 11.66 -10.00 -2.22
CA ASN A 3 11.11 -9.72 -0.91
C ASN A 3 11.60 -8.36 -0.38
N VAL A 4 12.37 -7.62 -1.20
CA VAL A 4 12.96 -6.36 -0.79
C VAL A 4 12.14 -5.18 -1.30
N THR A 5 11.91 -4.19 -0.41
CA THR A 5 11.10 -3.01 -0.71
C THR A 5 11.57 -1.78 0.09
N ASN A 6 12.72 -1.84 0.78
CA ASN A 6 13.12 -0.75 1.69
C ASN A 6 14.24 0.13 1.14
N LYS A 7 14.48 0.12 -0.17
CA LYS A 7 15.50 0.97 -0.79
C LYS A 7 15.10 2.43 -0.65
N THR A 8 16.07 3.29 -0.36
CA THR A 8 15.81 4.69 -0.04
C THR A 8 16.30 5.65 -1.13
N ASP A 9 16.59 5.14 -2.33
CA ASP A 9 17.03 5.98 -3.44
C ASP A 9 15.91 6.94 -3.84
N PRO A 10 16.26 8.12 -4.36
CA PRO A 10 15.31 9.17 -4.69
C PRO A 10 14.33 8.76 -5.80
N ARG A 11 14.55 7.59 -6.42
CA ARG A 11 13.65 7.08 -7.46
C ARG A 11 12.99 5.80 -6.97
N SER A 12 13.73 4.98 -6.20
CA SER A 12 13.20 3.72 -5.70
C SER A 12 12.15 3.96 -4.62
N MET A 13 12.19 5.11 -3.94
CA MET A 13 11.19 5.42 -2.93
C MET A 13 10.00 6.17 -3.54
N ASN A 14 10.01 6.39 -4.86
CA ASN A 14 8.89 6.97 -5.58
C ASN A 14 8.28 5.96 -6.54
N SER A 15 9.05 4.95 -6.94
CA SER A 15 8.51 3.80 -7.67
C SER A 15 7.96 2.76 -6.70
N ARG A 16 8.01 3.06 -5.40
CA ARG A 16 7.43 2.21 -4.36
C ARG A 16 6.08 2.74 -3.94
N VAL A 17 5.20 1.82 -3.50
CA VAL A 17 3.87 2.17 -3.05
C VAL A 17 3.65 1.64 -1.64
N PHE A 18 3.21 2.53 -0.75
CA PHE A 18 2.84 2.18 0.61
C PHE A 18 1.38 1.76 0.63
N ILE A 19 1.08 0.62 1.25
CA ILE A 19 -0.28 0.11 1.37
C ILE A 19 -0.62 0.03 2.84
N GLY A 20 -1.07 1.15 3.40
CA GLY A 20 -1.47 1.24 4.79
C GLY A 20 -2.92 0.81 4.97
N ASN A 21 -3.37 0.74 6.23
CA ASN A 21 -4.72 0.31 6.56
C ASN A 21 -5.05 -1.01 5.84
N LEU A 22 -4.14 -1.99 5.90
CA LEU A 22 -4.32 -3.28 5.27
C LEU A 22 -4.76 -4.31 6.32
N ASN A 23 -5.60 -5.27 5.94
CA ASN A 23 -6.10 -6.25 6.89
C ASN A 23 -5.01 -7.23 7.32
N THR A 24 -4.14 -7.59 6.38
CA THR A 24 -2.99 -8.49 6.54
C THR A 24 -3.32 -9.83 7.22
N LEU A 25 -4.60 -10.13 7.41
CA LEU A 25 -5.07 -11.39 7.96
C LEU A 25 -5.60 -12.32 6.87
N VAL A 26 -5.86 -11.77 5.67
CA VAL A 26 -6.34 -12.55 4.53
C VAL A 26 -5.44 -12.34 3.33
N VAL A 27 -4.73 -11.21 3.27
CA VAL A 27 -3.81 -10.91 2.16
C VAL A 27 -2.37 -11.15 2.60
N LYS A 28 -1.52 -11.61 1.66
CA LYS A 28 -0.12 -11.90 1.92
C LYS A 28 0.75 -11.35 0.80
N LYS A 29 2.07 -11.41 0.99
CA LYS A 29 3.05 -10.94 0.01
C LYS A 29 3.06 -11.80 -1.26
N SER A 30 2.28 -12.87 -1.26
CA SER A 30 2.08 -13.71 -2.43
C SER A 30 0.77 -13.37 -3.13
N ASP A 31 0.02 -12.39 -2.61
CA ASP A 31 -1.24 -11.94 -3.15
C ASP A 31 -1.15 -10.49 -3.63
N VAL A 32 -0.35 -9.67 -2.94
CA VAL A 32 -0.19 -8.27 -3.33
C VAL A 32 0.52 -8.23 -4.68
N GLU A 33 1.37 -9.21 -4.97
CA GLU A 33 2.06 -9.29 -6.25
C GLU A 33 1.17 -9.86 -7.35
N ALA A 34 -0.13 -10.03 -7.06
CA ALA A 34 -1.12 -10.48 -8.03
C ALA A 34 -2.31 -9.51 -8.08
N ILE A 35 -2.36 -8.54 -7.16
CA ILE A 35 -3.41 -7.54 -7.12
C ILE A 35 -2.87 -6.17 -7.56
N PHE A 36 -1.57 -5.95 -7.39
CA PHE A 36 -0.93 -4.69 -7.76
C PHE A 36 -0.10 -4.87 -9.03
N SER A 37 0.02 -6.10 -9.53
CA SER A 37 0.79 -6.38 -10.73
C SER A 37 0.03 -5.95 -11.99
N LYS A 38 -1.27 -5.68 -11.85
CA LYS A 38 -2.11 -5.25 -12.95
C LYS A 38 -1.96 -3.76 -13.26
N TYR A 39 -1.29 -3.01 -12.36
CA TYR A 39 -1.06 -1.59 -12.55
C TYR A 39 0.39 -1.30 -12.91
N GLY A 40 1.28 -2.27 -12.69
CA GLY A 40 2.66 -2.15 -13.09
C GLY A 40 3.45 -3.42 -12.81
N LYS A 41 4.61 -3.57 -13.46
CA LYS A 41 5.49 -4.70 -13.26
C LYS A 41 6.16 -4.58 -11.90
N ILE A 42 5.86 -5.51 -11.00
CA ILE A 42 6.40 -5.51 -9.66
C ILE A 42 7.79 -6.14 -9.65
N VAL A 43 8.76 -5.45 -9.07
CA VAL A 43 10.13 -5.93 -8.96
C VAL A 43 10.44 -6.35 -7.52
N GLY A 44 9.53 -6.06 -6.60
CA GLY A 44 9.66 -6.44 -5.20
C GLY A 44 8.34 -6.22 -4.48
N CYS A 45 8.04 -7.06 -3.49
CA CYS A 45 6.80 -6.97 -2.73
C CYS A 45 7.03 -7.51 -1.32
N SER A 46 6.37 -6.90 -0.33
CA SER A 46 6.43 -7.36 1.04
C SER A 46 5.17 -6.96 1.79
N VAL A 47 4.78 -7.78 2.75
CA VAL A 47 3.63 -7.54 3.61
C VAL A 47 4.05 -7.60 5.07
N HIS A 48 3.40 -6.79 5.89
CA HIS A 48 3.70 -6.65 7.30
C HIS A 48 2.39 -6.74 8.08
N LYS A 49 2.39 -6.31 9.35
CA LYS A 49 1.16 -6.28 10.12
C LYS A 49 0.51 -4.91 9.97
N GLY A 50 -0.69 -4.90 9.38
CA GLY A 50 -1.47 -3.68 9.19
C GLY A 50 -1.07 -2.89 7.94
N PHE A 51 0.03 -3.25 7.27
CA PHE A 51 0.46 -2.54 6.07
C PHE A 51 1.27 -3.46 5.14
N ALA A 52 1.54 -2.99 3.93
CA ALA A 52 2.36 -3.69 2.95
C ALA A 52 3.09 -2.69 2.05
N PHE A 53 4.00 -3.19 1.22
CA PHE A 53 4.79 -2.39 0.30
C PHE A 53 4.94 -3.11 -1.04
N VAL A 54 4.94 -2.32 -2.13
CA VAL A 54 5.10 -2.82 -3.48
C VAL A 54 6.09 -1.95 -4.23
N GLN A 55 6.98 -2.58 -5.00
CA GLN A 55 8.03 -1.88 -5.72
C GLN A 55 7.82 -2.07 -7.23
N TYR A 56 7.87 -0.97 -7.98
CA TYR A 56 7.69 -1.00 -9.43
C TYR A 56 8.99 -0.60 -10.13
N VAL A 57 8.98 -0.66 -11.47
CA VAL A 57 10.12 -0.30 -12.28
C VAL A 57 10.32 1.22 -12.28
N ASN A 58 9.24 2.00 -12.15
CA ASN A 58 9.35 3.44 -12.10
C ASN A 58 8.15 4.09 -11.40
N GLU A 59 8.26 5.39 -11.12
CA GLU A 59 7.23 6.15 -10.42
C GLU A 59 5.90 6.13 -11.17
N ARG A 60 5.91 6.05 -12.50
CA ARG A 60 4.67 6.04 -13.28
C ARG A 60 3.81 4.85 -12.87
N ASN A 61 4.44 3.70 -12.63
CA ASN A 61 3.70 2.51 -12.24
C ASN A 61 3.15 2.65 -10.82
N ALA A 62 3.79 3.47 -10.00
CA ALA A 62 3.35 3.71 -8.64
C ALA A 62 2.14 4.64 -8.62
N ARG A 63 2.12 5.62 -9.53
CA ARG A 63 1.00 6.55 -9.65
C ARG A 63 -0.24 5.82 -10.16
N ALA A 64 -0.06 4.73 -10.91
CA ALA A 64 -1.18 3.98 -11.45
C ALA A 64 -1.77 3.06 -10.40
N ALA A 65 -0.94 2.53 -9.49
CA ALA A 65 -1.43 1.64 -8.45
C ALA A 65 -2.03 2.42 -7.29
N VAL A 66 -1.46 3.60 -7.00
CA VAL A 66 -1.98 4.47 -5.96
C VAL A 66 -3.35 5.02 -6.38
N ALA A 67 -3.56 5.23 -7.69
CA ALA A 67 -4.85 5.71 -8.18
C ALA A 67 -5.77 4.54 -8.54
N GLY A 68 -5.25 3.32 -8.57
CA GLY A 68 -6.02 2.14 -8.96
C GLY A 68 -6.48 1.28 -7.78
N GLU A 69 -5.92 1.50 -6.57
CA GLU A 69 -6.20 0.63 -5.42
C GLU A 69 -6.50 1.44 -4.16
N ASP A 70 -6.10 2.70 -4.09
CA ASP A 70 -6.40 3.50 -2.90
C ASP A 70 -7.92 3.62 -2.72
N GLY A 71 -8.43 3.11 -1.60
CA GLY A 71 -9.85 3.18 -1.32
C GLY A 71 -10.60 1.98 -1.91
N ARG A 72 -9.84 0.99 -2.40
CA ARG A 72 -10.42 -0.27 -2.84
C ARG A 72 -10.75 -1.05 -1.57
N MET A 73 -11.48 -2.15 -1.68
CA MET A 73 -11.89 -2.91 -0.52
C MET A 73 -11.23 -4.28 -0.57
N ILE A 74 -10.46 -4.59 0.47
CA ILE A 74 -9.79 -5.87 0.57
C ILE A 74 -10.08 -6.50 1.93
N ALA A 75 -10.39 -7.80 1.93
CA ALA A 75 -10.82 -8.52 3.12
C ALA A 75 -12.02 -7.86 3.80
N GLY A 76 -12.73 -7.00 3.07
CA GLY A 76 -13.89 -6.28 3.59
C GLY A 76 -13.51 -4.96 4.23
N GLN A 77 -12.23 -4.58 4.18
CA GLN A 77 -11.74 -3.35 4.76
C GLN A 77 -11.03 -2.50 3.71
N VAL A 78 -11.37 -1.21 3.66
CA VAL A 78 -10.83 -0.25 2.71
C VAL A 78 -9.33 -0.06 2.93
N LEU A 79 -8.56 0.06 1.85
CA LEU A 79 -7.13 0.31 1.93
C LEU A 79 -6.81 1.80 1.80
N ASP A 80 -5.66 2.19 2.35
CA ASP A 80 -5.14 3.55 2.22
C ASP A 80 -3.76 3.46 1.58
N ILE A 81 -3.70 3.79 0.29
CA ILE A 81 -2.50 3.56 -0.52
C ILE A 81 -1.96 4.89 -1.04
N ASN A 82 -0.64 5.04 -1.04
CA ASN A 82 0.04 6.25 -1.48
C ASN A 82 1.51 5.96 -1.80
N LEU A 83 2.22 6.93 -2.37
CA LEU A 83 3.64 6.78 -2.63
C LEU A 83 4.39 6.64 -1.31
N ALA A 84 5.52 5.93 -1.32
CA ALA A 84 6.35 5.77 -0.13
C ALA A 84 7.07 7.07 0.24
N ALA A 85 6.79 8.17 -0.49
CA ALA A 85 7.42 9.46 -0.24
C ALA A 85 6.42 10.62 -0.31
N GLU A 86 5.15 10.32 -0.63
CA GLU A 86 4.10 11.32 -0.69
C GLU A 86 2.82 10.74 -0.08
N PRO A 87 2.80 10.54 1.24
CA PRO A 87 1.63 10.00 1.93
C PRO A 87 0.47 10.98 1.76
N LYS A 88 -0.75 10.43 1.65
CA LYS A 88 -1.92 11.20 1.28
C LYS A 88 -2.11 12.46 2.13
N VAL A 89 -2.35 12.28 3.44
CA VAL A 89 -2.48 13.40 4.36
C VAL A 89 -1.95 13.02 5.73
N ASN A 90 -2.21 11.78 6.17
CA ASN A 90 -1.83 11.32 7.49
C ASN A 90 -1.22 9.93 7.44
N ARG A 91 -0.61 9.52 8.55
CA ARG A 91 -0.12 8.17 8.79
C ARG A 91 -0.65 7.74 10.16
N GLY A 92 -1.87 7.20 10.18
CA GLY A 92 -2.55 6.86 11.42
C GLY A 92 -2.57 5.37 11.67
N LYS A 93 -3.75 4.84 12.02
CA LYS A 93 -3.93 3.42 12.29
C LYS A 93 -5.15 2.86 11.57
N ALA A 94 -6.13 3.72 11.26
CA ALA A 94 -7.34 3.31 10.57
C ALA A 94 -7.90 4.46 9.73
N GLY A 95 -8.43 4.14 8.55
CA GLY A 95 -9.03 5.11 7.67
C GLY A 95 -10.51 5.34 7.99
N VAL A 96 -11.04 4.61 8.96
CA VAL A 96 -12.43 4.74 9.38
C VAL A 96 -12.48 5.05 10.88
N LYS A 97 -13.37 5.97 11.25
CA LYS A 97 -13.52 6.44 12.63
C LYS A 97 -14.92 6.13 13.17
N ARG A 98 -15.55 5.07 12.65
CA ARG A 98 -16.90 4.66 13.01
C ARG A 98 -16.96 3.15 13.21
N SER A 99 -18.10 2.64 13.66
CA SER A 99 -18.32 1.22 13.88
C SER A 99 -18.15 0.40 12.61
N ALA A 100 -18.21 1.05 11.44
CA ALA A 100 -18.12 0.40 10.14
C ALA A 100 -19.13 -0.75 9.98
N ALA A 101 -20.14 -0.80 10.87
CA ALA A 101 -21.14 -1.85 10.86
C ALA A 101 -22.50 -1.33 11.33
N GLU A 102 -22.62 -0.02 11.55
CA GLU A 102 -23.87 0.57 12.05
C GLU A 102 -24.96 0.60 10.96
N MET A 103 -24.59 0.26 9.73
CA MET A 103 -25.50 0.24 8.60
C MET A 103 -26.00 -1.17 8.31
N TYR A 104 -25.66 -2.14 9.16
CA TYR A 104 -26.03 -3.54 8.96
C TYR A 104 -26.60 -4.15 10.25
N GLY A 105 -26.77 -3.33 11.30
CA GLY A 105 -27.29 -3.78 12.57
C GLY A 105 -27.47 -2.61 13.53
N ALA A 1 7.86 -11.97 -7.16
CA ALA A 1 8.68 -10.74 -6.99
C ALA A 1 9.68 -10.92 -5.84
N SER A 2 10.68 -10.03 -5.77
CA SER A 2 11.68 -10.06 -4.71
C SER A 2 11.07 -9.68 -3.37
N ASN A 3 11.71 -10.05 -2.27
CA ASN A 3 11.24 -9.73 -0.93
C ASN A 3 11.70 -8.32 -0.52
N VAL A 4 12.51 -7.67 -1.36
CA VAL A 4 13.10 -6.38 -1.03
C VAL A 4 12.22 -5.22 -1.51
N THR A 5 12.02 -4.24 -0.62
CA THR A 5 11.19 -3.07 -0.88
C THR A 5 11.67 -1.84 -0.10
N ASN A 6 12.82 -1.91 0.60
CA ASN A 6 13.23 -0.82 1.47
C ASN A 6 14.37 0.03 0.91
N LYS A 7 14.58 0.01 -0.41
CA LYS A 7 15.61 0.84 -1.04
C LYS A 7 15.24 2.31 -0.86
N THR A 8 16.24 3.15 -0.60
CA THR A 8 16.04 4.57 -0.31
C THR A 8 16.57 5.47 -1.41
N ASP A 9 16.86 4.91 -2.59
CA ASP A 9 17.35 5.69 -3.71
C ASP A 9 16.28 6.69 -4.17
N PRO A 10 16.69 7.83 -4.74
CA PRO A 10 15.81 8.92 -5.11
C PRO A 10 14.87 8.56 -6.27
N ARG A 11 14.93 7.32 -6.76
CA ARG A 11 14.03 6.85 -7.81
C ARG A 11 13.36 5.54 -7.39
N SER A 12 14.01 4.76 -6.53
CA SER A 12 13.46 3.49 -6.07
C SER A 12 12.44 3.71 -4.97
N MET A 13 12.51 4.81 -4.22
CA MET A 13 11.51 5.07 -3.21
C MET A 13 10.32 5.84 -3.78
N ASN A 14 10.38 6.22 -5.07
CA ASN A 14 9.28 6.86 -5.75
C ASN A 14 8.55 5.86 -6.66
N SER A 15 9.24 4.79 -7.07
CA SER A 15 8.63 3.69 -7.79
C SER A 15 8.03 2.67 -6.81
N ARG A 16 8.04 2.97 -5.52
CA ARG A 16 7.47 2.12 -4.48
C ARG A 16 6.11 2.66 -4.06
N VAL A 17 5.24 1.77 -3.56
CA VAL A 17 3.93 2.13 -3.06
C VAL A 17 3.72 1.57 -1.67
N PHE A 18 3.25 2.42 -0.76
CA PHE A 18 2.90 2.04 0.59
C PHE A 18 1.43 1.61 0.64
N ILE A 19 1.13 0.50 1.31
CA ILE A 19 -0.22 -0.03 1.44
C ILE A 19 -0.55 -0.12 2.94
N GLY A 20 -1.02 0.98 3.51
CA GLY A 20 -1.40 1.02 4.91
C GLY A 20 -2.83 0.54 5.10
N ASN A 21 -3.25 0.43 6.36
CA ASN A 21 -4.58 -0.04 6.72
C ASN A 21 -4.92 -1.33 5.96
N LEU A 22 -4.01 -2.30 5.98
CA LEU A 22 -4.20 -3.59 5.32
C LEU A 22 -4.67 -4.62 6.33
N ASN A 23 -5.57 -5.53 5.91
CA ASN A 23 -6.10 -6.54 6.82
C ASN A 23 -5.03 -7.56 7.21
N THR A 24 -4.20 -7.94 6.24
CA THR A 24 -3.09 -8.90 6.35
C THR A 24 -3.47 -10.29 6.86
N LEU A 25 -4.74 -10.50 7.25
CA LEU A 25 -5.22 -11.79 7.70
C LEU A 25 -5.73 -12.64 6.55
N VAL A 26 -5.99 -12.02 5.39
CA VAL A 26 -6.48 -12.71 4.20
C VAL A 26 -5.61 -12.41 2.99
N VAL A 27 -4.82 -11.33 3.05
CA VAL A 27 -3.91 -10.97 1.97
C VAL A 27 -2.45 -11.19 2.40
N LYS A 28 -1.64 -11.71 1.48
CA LYS A 28 -0.23 -12.00 1.69
C LYS A 28 0.58 -11.47 0.52
N LYS A 29 1.91 -11.52 0.66
CA LYS A 29 2.86 -11.04 -0.34
C LYS A 29 2.76 -11.81 -1.66
N SER A 30 2.01 -12.92 -1.66
CA SER A 30 1.78 -13.72 -2.86
C SER A 30 0.49 -13.29 -3.56
N ASP A 31 -0.33 -12.51 -2.85
CA ASP A 31 -1.58 -11.97 -3.35
C ASP A 31 -1.38 -10.52 -3.81
N VAL A 32 -0.53 -9.77 -3.11
CA VAL A 32 -0.26 -8.39 -3.46
C VAL A 32 0.40 -8.33 -4.84
N GLU A 33 1.19 -9.35 -5.18
CA GLU A 33 1.85 -9.41 -6.49
C GLU A 33 0.91 -9.91 -7.58
N ALA A 34 -0.38 -10.05 -7.27
CA ALA A 34 -1.40 -10.45 -8.23
C ALA A 34 -2.56 -9.45 -8.25
N ILE A 35 -2.57 -8.50 -7.32
CA ILE A 35 -3.61 -7.47 -7.23
C ILE A 35 -3.05 -6.11 -7.64
N PHE A 36 -1.74 -5.90 -7.45
CA PHE A 36 -1.09 -4.65 -7.79
C PHE A 36 -0.28 -4.80 -9.10
N SER A 37 -0.16 -6.02 -9.61
CA SER A 37 0.60 -6.29 -10.82
C SER A 37 -0.17 -5.80 -12.07
N LYS A 38 -1.46 -5.50 -11.90
CA LYS A 38 -2.30 -5.02 -12.98
C LYS A 38 -2.12 -3.53 -13.23
N TYR A 39 -1.43 -2.82 -12.33
CA TYR A 39 -1.18 -1.39 -12.48
C TYR A 39 0.28 -1.12 -12.84
N GLY A 40 1.14 -2.12 -12.65
CA GLY A 40 2.53 -2.01 -13.06
C GLY A 40 3.30 -3.30 -12.82
N LYS A 41 4.44 -3.44 -13.50
CA LYS A 41 5.30 -4.60 -13.34
C LYS A 41 5.99 -4.53 -11.97
N ILE A 42 5.69 -5.50 -11.10
CA ILE A 42 6.25 -5.54 -9.76
C ILE A 42 7.62 -6.20 -9.79
N VAL A 43 8.61 -5.53 -9.20
CA VAL A 43 9.98 -6.05 -9.12
C VAL A 43 10.32 -6.45 -7.69
N GLY A 44 9.44 -6.14 -6.75
CA GLY A 44 9.60 -6.50 -5.35
C GLY A 44 8.30 -6.28 -4.60
N CYS A 45 8.04 -7.10 -3.58
CA CYS A 45 6.84 -7.00 -2.78
C CYS A 45 7.11 -7.49 -1.36
N SER A 46 6.38 -6.96 -0.39
CA SER A 46 6.48 -7.39 0.99
C SER A 46 5.20 -7.06 1.74
N VAL A 47 4.80 -7.95 2.65
CA VAL A 47 3.66 -7.71 3.54
C VAL A 47 4.14 -7.77 4.98
N HIS A 48 3.52 -6.96 5.82
CA HIS A 48 3.87 -6.79 7.22
C HIS A 48 2.58 -6.80 8.04
N LYS A 49 2.65 -6.44 9.32
CA LYS A 49 1.45 -6.38 10.14
C LYS A 49 0.77 -5.02 9.95
N GLY A 50 -0.45 -5.03 9.43
CA GLY A 50 -1.25 -3.83 9.23
C GLY A 50 -0.87 -3.03 7.99
N PHE A 51 0.23 -3.37 7.31
CA PHE A 51 0.65 -2.67 6.11
C PHE A 51 1.41 -3.60 5.16
N ALA A 52 1.64 -3.13 3.93
CA ALA A 52 2.42 -3.82 2.92
C ALA A 52 3.13 -2.81 2.01
N PHE A 53 4.02 -3.31 1.15
CA PHE A 53 4.78 -2.49 0.21
C PHE A 53 4.89 -3.19 -1.14
N VAL A 54 4.90 -2.40 -2.22
CA VAL A 54 5.03 -2.89 -3.58
C VAL A 54 6.03 -2.02 -4.32
N GLN A 55 6.91 -2.65 -5.11
CA GLN A 55 7.96 -1.97 -5.82
C GLN A 55 7.76 -2.15 -7.32
N TYR A 56 7.79 -1.05 -8.08
CA TYR A 56 7.61 -1.07 -9.52
C TYR A 56 8.90 -0.69 -10.24
N VAL A 57 8.86 -0.74 -11.58
CA VAL A 57 10.00 -0.39 -12.41
C VAL A 57 10.22 1.12 -12.39
N ASN A 58 9.15 1.91 -12.24
CA ASN A 58 9.29 3.36 -12.18
C ASN A 58 8.12 4.02 -11.45
N GLU A 59 8.26 5.32 -11.17
CA GLU A 59 7.25 6.09 -10.45
C GLU A 59 5.91 6.12 -11.16
N ARG A 60 5.89 6.05 -12.50
CA ARG A 60 4.62 6.06 -13.23
C ARG A 60 3.76 4.89 -12.77
N ASN A 61 4.36 3.73 -12.54
CA ASN A 61 3.61 2.57 -12.11
C ASN A 61 3.12 2.72 -10.67
N ALA A 62 3.82 3.54 -9.88
CA ALA A 62 3.41 3.80 -8.50
C ALA A 62 2.20 4.73 -8.47
N ARG A 63 2.17 5.72 -9.37
CA ARG A 63 1.04 6.65 -9.42
C ARG A 63 -0.22 5.95 -9.92
N ALA A 64 -0.05 4.89 -10.70
CA ALA A 64 -1.18 4.15 -11.25
C ALA A 64 -1.78 3.21 -10.20
N ALA A 65 -0.96 2.67 -9.31
CA ALA A 65 -1.43 1.78 -8.27
C ALA A 65 -1.97 2.56 -7.07
N VAL A 66 -1.37 3.71 -6.76
CA VAL A 66 -1.86 4.57 -5.70
C VAL A 66 -3.22 5.13 -6.07
N ALA A 67 -3.48 5.36 -7.37
CA ALA A 67 -4.76 5.86 -7.82
C ALA A 67 -5.71 4.72 -8.23
N GLY A 68 -5.20 3.50 -8.32
CA GLY A 68 -5.99 2.35 -8.75
C GLY A 68 -6.45 1.45 -7.59
N GLU A 69 -5.87 1.60 -6.39
CA GLU A 69 -6.16 0.71 -5.28
C GLU A 69 -6.45 1.47 -3.98
N ASP A 70 -6.04 2.74 -3.87
CA ASP A 70 -6.34 3.51 -2.67
C ASP A 70 -7.85 3.62 -2.47
N GLY A 71 -8.36 3.08 -1.37
CA GLY A 71 -9.78 3.14 -1.07
C GLY A 71 -10.53 1.98 -1.70
N ARG A 72 -9.79 1.00 -2.23
CA ARG A 72 -10.37 -0.24 -2.70
C ARG A 72 -10.71 -1.06 -1.46
N MET A 73 -11.44 -2.15 -1.61
CA MET A 73 -11.86 -2.93 -0.46
C MET A 73 -11.22 -4.31 -0.54
N ILE A 74 -10.45 -4.65 0.48
CA ILE A 74 -9.78 -5.95 0.54
C ILE A 74 -10.07 -6.61 1.88
N ALA A 75 -10.39 -7.90 1.84
CA ALA A 75 -10.81 -8.66 3.00
C ALA A 75 -12.02 -8.01 3.70
N GLY A 76 -12.73 -7.12 3.01
CA GLY A 76 -13.88 -6.43 3.54
C GLY A 76 -13.48 -5.13 4.24
N GLN A 77 -12.20 -4.75 4.18
CA GLN A 77 -11.71 -3.55 4.81
C GLN A 77 -10.99 -2.66 3.78
N VAL A 78 -11.32 -1.38 3.77
CA VAL A 78 -10.77 -0.38 2.84
C VAL A 78 -9.27 -0.24 3.06
N LEU A 79 -8.51 -0.07 1.98
CA LEU A 79 -7.08 0.15 2.07
C LEU A 79 -6.74 1.64 1.98
N ASP A 80 -5.59 2.01 2.55
CA ASP A 80 -5.08 3.37 2.50
C ASP A 80 -3.70 3.34 1.87
N ILE A 81 -3.64 3.65 0.57
CA ILE A 81 -2.45 3.47 -0.25
C ILE A 81 -1.90 4.83 -0.67
N ASN A 82 -0.57 4.96 -0.69
CA ASN A 82 0.09 6.23 -0.98
C ASN A 82 1.49 6.00 -1.55
N LEU A 83 2.01 7.00 -2.27
CA LEU A 83 3.38 7.00 -2.74
C LEU A 83 4.32 6.96 -1.52
N ALA A 84 5.27 6.02 -1.51
CA ALA A 84 6.11 5.77 -0.35
C ALA A 84 7.03 6.93 0.03
N ALA A 85 6.99 8.05 -0.69
CA ALA A 85 7.86 9.18 -0.43
C ALA A 85 7.08 10.49 -0.28
N GLU A 86 5.75 10.41 -0.17
CA GLU A 86 4.89 11.57 -0.09
C GLU A 86 3.77 11.37 0.94
N PRO A 87 4.09 11.10 2.21
CA PRO A 87 3.08 10.95 3.24
C PRO A 87 2.31 12.26 3.37
N LYS A 88 1.00 12.17 3.61
CA LYS A 88 0.13 13.34 3.58
C LYS A 88 -0.94 13.28 4.68
N VAL A 89 -2.06 12.61 4.42
CA VAL A 89 -3.18 12.51 5.34
C VAL A 89 -3.76 11.11 5.39
N ASN A 90 -3.43 10.27 4.40
CA ASN A 90 -3.90 8.91 4.31
C ASN A 90 -3.04 7.96 5.16
N ARG A 91 -2.40 8.49 6.20
CA ARG A 91 -1.67 7.69 7.17
C ARG A 91 -2.13 8.06 8.57
N GLY A 92 -2.49 7.04 9.34
CA GLY A 92 -2.96 7.15 10.70
C GLY A 92 -2.97 5.75 11.32
N LYS A 93 -3.99 5.44 12.13
CA LYS A 93 -4.12 4.12 12.73
C LYS A 93 -5.54 3.58 12.59
N ALA A 94 -6.45 4.37 12.02
CA ALA A 94 -7.84 3.98 11.87
C ALA A 94 -8.49 4.74 10.73
N GLY A 95 -9.70 4.31 10.33
CA GLY A 95 -10.45 4.95 9.27
C GLY A 95 -11.07 6.28 9.71
N VAL A 96 -10.90 6.63 10.99
CA VAL A 96 -11.39 7.89 11.53
C VAL A 96 -10.22 8.82 11.83
N LYS A 97 -10.39 10.11 11.54
CA LYS A 97 -9.35 11.12 11.70
C LYS A 97 -9.80 12.24 12.64
N ARG A 98 -10.88 11.99 13.40
CA ARG A 98 -11.45 12.94 14.33
C ARG A 98 -11.07 12.56 15.76
N SER A 99 -11.38 13.43 16.73
CA SER A 99 -11.12 13.14 18.14
C SER A 99 -11.94 11.94 18.63
N ALA A 100 -12.97 11.55 17.86
CA ALA A 100 -13.88 10.46 18.20
C ALA A 100 -14.49 10.62 19.60
N ALA A 101 -14.37 11.82 20.19
CA ALA A 101 -14.86 12.11 21.53
C ALA A 101 -15.29 13.57 21.69
N GLU A 102 -15.20 14.37 20.62
CA GLU A 102 -15.54 15.78 20.68
C GLU A 102 -17.05 16.02 20.60
N MET A 103 -17.82 14.95 20.41
CA MET A 103 -19.27 15.00 20.32
C MET A 103 -19.94 14.46 21.58
N TYR A 104 -19.15 14.23 22.64
CA TYR A 104 -19.66 13.69 23.90
C TYR A 104 -19.17 14.52 25.09
N GLY A 105 -18.45 15.60 24.83
CA GLY A 105 -17.92 16.48 25.88
C GLY A 105 -17.25 17.69 25.27
N ALA A 1 8.06 -12.05 -7.03
CA ALA A 1 8.95 -10.86 -6.98
C ALA A 1 9.90 -10.93 -5.79
N SER A 2 10.84 -10.00 -5.72
CA SER A 2 11.82 -9.95 -4.63
C SER A 2 11.14 -9.62 -3.30
N ASN A 3 11.80 -9.96 -2.19
CA ASN A 3 11.30 -9.66 -0.86
C ASN A 3 11.76 -8.28 -0.38
N VAL A 4 12.54 -7.58 -1.20
CA VAL A 4 13.10 -6.29 -0.83
C VAL A 4 12.20 -5.15 -1.32
N THR A 5 11.94 -4.18 -0.43
CA THR A 5 11.11 -3.02 -0.72
C THR A 5 11.58 -1.78 0.04
N ASN A 6 12.75 -1.83 0.68
CA ASN A 6 13.24 -0.69 1.46
C ASN A 6 14.59 -0.20 0.95
N LYS A 7 14.57 0.96 0.30
CA LYS A 7 15.75 1.70 -0.16
C LYS A 7 15.41 3.18 -0.16
N THR A 8 16.41 4.06 -0.24
CA THR A 8 16.17 5.51 -0.18
C THR A 8 16.75 6.24 -1.39
N ASP A 9 16.96 5.53 -2.50
CA ASP A 9 17.45 6.13 -3.73
C ASP A 9 16.43 7.12 -4.28
N PRO A 10 16.87 8.18 -4.98
CA PRO A 10 16.03 9.26 -5.45
C PRO A 10 15.04 8.84 -6.53
N ARG A 11 15.03 7.55 -6.91
CA ARG A 11 14.10 7.04 -7.90
C ARG A 11 13.46 5.74 -7.42
N SER A 12 14.19 4.94 -6.64
CA SER A 12 13.68 3.65 -6.18
C SER A 12 12.65 3.82 -5.06
N MET A 13 12.67 4.95 -4.35
CA MET A 13 11.65 5.19 -3.33
C MET A 13 10.44 5.94 -3.90
N ASN A 14 10.47 6.27 -5.19
CA ASN A 14 9.37 6.92 -5.87
C ASN A 14 8.64 5.94 -6.79
N SER A 15 9.30 4.83 -7.14
CA SER A 15 8.67 3.72 -7.84
C SER A 15 8.08 2.70 -6.84
N ARG A 16 7.98 3.09 -5.57
CA ARG A 16 7.47 2.25 -4.50
C ARG A 16 6.07 2.71 -4.09
N VAL A 17 5.27 1.80 -3.54
CA VAL A 17 3.93 2.13 -3.06
C VAL A 17 3.74 1.60 -1.64
N PHE A 18 3.22 2.48 -0.78
CA PHE A 18 2.87 2.14 0.59
C PHE A 18 1.40 1.73 0.64
N ILE A 19 1.10 0.61 1.31
CA ILE A 19 -0.25 0.09 1.44
C ILE A 19 -0.59 0.02 2.92
N GLY A 20 -1.08 1.13 3.47
CA GLY A 20 -1.48 1.22 4.85
C GLY A 20 -2.90 0.73 5.03
N ASN A 21 -3.35 0.65 6.29
CA ASN A 21 -4.69 0.17 6.63
C ASN A 21 -5.00 -1.15 5.91
N LEU A 22 -4.08 -2.11 5.97
CA LEU A 22 -4.26 -3.40 5.34
C LEU A 22 -4.68 -4.42 6.41
N ASN A 23 -5.54 -5.39 6.03
CA ASN A 23 -6.02 -6.37 6.99
C ASN A 23 -4.90 -7.31 7.41
N THR A 24 -4.06 -7.70 6.45
CA THR A 24 -2.88 -8.57 6.60
C THR A 24 -3.15 -9.93 7.23
N LEU A 25 -4.40 -10.22 7.60
CA LEU A 25 -4.81 -11.50 8.13
C LEU A 25 -5.26 -12.46 7.03
N VAL A 26 -5.61 -11.91 5.86
CA VAL A 26 -6.08 -12.70 4.72
C VAL A 26 -5.20 -12.49 3.49
N VAL A 27 -4.53 -11.34 3.38
CA VAL A 27 -3.66 -11.04 2.26
C VAL A 27 -2.19 -11.24 2.67
N LYS A 28 -1.37 -11.69 1.72
CA LYS A 28 0.05 -11.97 1.95
C LYS A 28 0.89 -11.40 0.81
N LYS A 29 2.21 -11.43 0.99
CA LYS A 29 3.17 -10.95 0.01
C LYS A 29 3.16 -11.79 -1.27
N SER A 30 2.40 -12.89 -1.25
CA SER A 30 2.21 -13.75 -2.42
C SER A 30 0.88 -13.42 -3.12
N ASP A 31 0.13 -12.45 -2.57
CA ASP A 31 -1.14 -12.02 -3.10
C ASP A 31 -1.07 -10.57 -3.57
N VAL A 32 -0.28 -9.74 -2.88
CA VAL A 32 -0.11 -8.35 -3.26
C VAL A 32 0.58 -8.29 -4.62
N GLU A 33 1.44 -9.27 -4.91
CA GLU A 33 2.13 -9.35 -6.19
C GLU A 33 1.23 -9.93 -7.29
N ALA A 34 -0.05 -10.12 -6.99
CA ALA A 34 -1.03 -10.60 -7.95
C ALA A 34 -2.25 -9.67 -8.03
N ILE A 35 -2.31 -8.67 -7.13
CA ILE A 35 -3.39 -7.69 -7.09
C ILE A 35 -2.87 -6.33 -7.54
N PHE A 36 -1.58 -6.06 -7.34
CA PHE A 36 -0.97 -4.79 -7.71
C PHE A 36 -0.17 -4.94 -9.01
N SER A 37 0.02 -6.18 -9.47
CA SER A 37 0.79 -6.46 -10.67
C SER A 37 0.04 -6.03 -11.94
N LYS A 38 -1.26 -5.79 -11.81
CA LYS A 38 -2.11 -5.36 -12.91
C LYS A 38 -1.96 -3.86 -13.19
N TYR A 39 -1.32 -3.11 -12.29
CA TYR A 39 -1.09 -1.68 -12.47
C TYR A 39 0.36 -1.40 -12.83
N GLY A 40 1.25 -2.36 -12.61
CA GLY A 40 2.64 -2.24 -13.03
C GLY A 40 3.43 -3.50 -12.76
N LYS A 41 4.58 -3.64 -13.43
CA LYS A 41 5.47 -4.77 -13.24
C LYS A 41 6.14 -4.64 -11.88
N ILE A 42 5.85 -5.58 -10.98
CA ILE A 42 6.39 -5.56 -9.63
C ILE A 42 7.78 -6.20 -9.63
N VAL A 43 8.75 -5.51 -9.04
CA VAL A 43 10.13 -5.99 -8.93
C VAL A 43 10.46 -6.37 -7.49
N GLY A 44 9.53 -6.09 -6.57
CA GLY A 44 9.68 -6.44 -5.17
C GLY A 44 8.36 -6.21 -4.44
N CYS A 45 8.08 -7.04 -3.44
CA CYS A 45 6.85 -6.96 -2.67
C CYS A 45 7.07 -7.47 -1.26
N SER A 46 6.39 -6.87 -0.28
CA SER A 46 6.46 -7.31 1.10
C SER A 46 5.16 -6.98 1.83
N VAL A 47 4.81 -7.78 2.83
CA VAL A 47 3.65 -7.55 3.68
C VAL A 47 4.09 -7.60 5.13
N HIS A 48 3.41 -6.84 5.98
CA HIS A 48 3.73 -6.69 7.38
C HIS A 48 2.42 -6.75 8.17
N LYS A 49 2.39 -6.25 9.40
CA LYS A 49 1.15 -6.22 10.17
C LYS A 49 0.52 -4.83 10.04
N GLY A 50 -0.69 -4.79 9.47
CA GLY A 50 -1.45 -3.56 9.29
C GLY A 50 -1.05 -2.78 8.02
N PHE A 51 0.03 -3.18 7.36
CA PHE A 51 0.48 -2.52 6.14
C PHE A 51 1.28 -3.46 5.22
N ALA A 52 1.55 -3.00 4.00
CA ALA A 52 2.37 -3.71 3.03
C ALA A 52 3.10 -2.71 2.14
N PHE A 53 4.01 -3.23 1.30
CA PHE A 53 4.79 -2.42 0.37
C PHE A 53 4.92 -3.12 -0.97
N VAL A 54 5.01 -2.32 -2.04
CA VAL A 54 5.18 -2.82 -3.41
C VAL A 54 6.23 -1.96 -4.10
N GLN A 55 6.97 -2.56 -5.02
CA GLN A 55 8.03 -1.89 -5.75
C GLN A 55 7.83 -2.12 -7.25
N TYR A 56 7.91 -1.04 -8.03
CA TYR A 56 7.73 -1.09 -9.48
C TYR A 56 9.02 -0.72 -10.21
N VAL A 57 8.99 -0.81 -11.54
CA VAL A 57 10.13 -0.44 -12.36
C VAL A 57 10.32 1.08 -12.37
N ASN A 58 9.22 1.84 -12.26
CA ASN A 58 9.32 3.29 -12.22
C ASN A 58 8.12 3.93 -11.51
N GLU A 59 8.24 5.22 -11.22
CA GLU A 59 7.22 6.00 -10.53
C GLU A 59 5.88 5.98 -11.26
N ARG A 60 5.87 5.90 -12.60
CA ARG A 60 4.62 5.88 -13.35
C ARG A 60 3.76 4.71 -12.91
N ASN A 61 4.39 3.56 -12.65
CA ASN A 61 3.66 2.38 -12.23
C ASN A 61 3.14 2.54 -10.79
N ALA A 62 3.80 3.40 -10.00
CA ALA A 62 3.38 3.65 -8.64
C ALA A 62 2.16 4.57 -8.63
N ARG A 63 2.12 5.54 -9.54
CA ARG A 63 0.99 6.46 -9.65
C ARG A 63 -0.25 5.70 -10.13
N ALA A 64 -0.05 4.61 -10.88
CA ALA A 64 -1.16 3.84 -11.41
C ALA A 64 -1.75 2.94 -10.33
N ALA A 65 -0.92 2.44 -9.40
CA ALA A 65 -1.40 1.59 -8.33
C ALA A 65 -1.95 2.39 -7.16
N VAL A 66 -1.37 3.56 -6.88
CA VAL A 66 -1.88 4.46 -5.84
C VAL A 66 -3.25 4.99 -6.24
N ALA A 67 -3.50 5.14 -7.54
CA ALA A 67 -4.80 5.60 -8.02
C ALA A 67 -5.71 4.44 -8.41
N GLY A 68 -5.18 3.21 -8.47
CA GLY A 68 -5.95 2.05 -8.87
C GLY A 68 -6.40 1.16 -7.70
N GLU A 69 -5.85 1.36 -6.50
CA GLU A 69 -6.14 0.48 -5.37
C GLU A 69 -6.46 1.27 -4.10
N ASP A 70 -6.09 2.55 -4.03
CA ASP A 70 -6.40 3.34 -2.85
C ASP A 70 -7.92 3.43 -2.67
N GLY A 71 -8.44 2.90 -1.56
CA GLY A 71 -9.86 2.93 -1.28
C GLY A 71 -10.57 1.73 -1.88
N ARG A 72 -9.81 0.76 -2.38
CA ARG A 72 -10.36 -0.52 -2.82
C ARG A 72 -10.68 -1.29 -1.55
N MET A 73 -11.39 -2.42 -1.69
CA MET A 73 -11.79 -3.18 -0.52
C MET A 73 -11.12 -4.53 -0.55
N ILE A 74 -10.35 -4.83 0.49
CA ILE A 74 -9.65 -6.10 0.60
C ILE A 74 -9.94 -6.72 1.95
N ALA A 75 -10.22 -8.03 1.96
CA ALA A 75 -10.63 -8.76 3.15
C ALA A 75 -11.87 -8.12 3.81
N GLY A 76 -12.58 -7.27 3.07
CA GLY A 76 -13.77 -6.58 3.56
C GLY A 76 -13.42 -5.25 4.22
N GLN A 77 -12.14 -4.84 4.17
CA GLN A 77 -11.68 -3.61 4.77
C GLN A 77 -10.98 -2.74 3.72
N VAL A 78 -11.36 -1.46 3.67
CA VAL A 78 -10.82 -0.49 2.71
C VAL A 78 -9.33 -0.28 2.95
N LEU A 79 -8.56 -0.15 1.87
CA LEU A 79 -7.13 0.12 1.98
C LEU A 79 -6.83 1.61 1.88
N ASP A 80 -5.67 2.01 2.41
CA ASP A 80 -5.19 3.37 2.33
C ASP A 80 -3.81 3.35 1.69
N ILE A 81 -3.75 3.68 0.40
CA ILE A 81 -2.54 3.51 -0.39
C ILE A 81 -2.01 4.86 -0.84
N ASN A 82 -0.68 5.03 -0.79
CA ASN A 82 -0.03 6.29 -1.10
C ASN A 82 1.40 6.02 -1.57
N LEU A 83 2.01 6.96 -2.31
CA LEU A 83 3.40 6.84 -2.71
C LEU A 83 4.29 6.80 -1.47
N ALA A 84 5.36 6.00 -1.51
CA ALA A 84 6.24 5.84 -0.36
C ALA A 84 7.09 7.08 -0.07
N ALA A 85 6.98 8.13 -0.89
CA ALA A 85 7.81 9.32 -0.74
C ALA A 85 6.99 10.61 -0.71
N GLU A 86 5.66 10.50 -0.64
CA GLU A 86 4.76 11.65 -0.61
C GLU A 86 3.63 11.45 0.39
N PRO A 87 3.93 11.15 1.65
CA PRO A 87 2.93 10.98 2.68
C PRO A 87 2.19 12.30 2.88
N LYS A 88 0.94 12.21 3.35
CA LYS A 88 0.06 13.36 3.46
C LYS A 88 -0.59 13.44 4.83
N VAL A 89 -1.85 13.05 4.93
CA VAL A 89 -2.63 13.15 6.17
C VAL A 89 -3.43 11.89 6.46
N ASN A 90 -3.61 11.03 5.45
CA ASN A 90 -4.43 9.84 5.59
C ASN A 90 -3.69 8.72 6.34
N ARG A 91 -2.41 8.91 6.68
CA ARG A 91 -1.64 7.93 7.41
C ARG A 91 -2.02 7.97 8.88
N GLY A 92 -3.06 7.22 9.25
CA GLY A 92 -3.51 7.09 10.62
C GLY A 92 -3.11 5.74 11.17
N LYS A 93 -3.99 5.08 11.92
CA LYS A 93 -3.70 3.77 12.49
C LYS A 93 -4.90 2.83 12.43
N ALA A 94 -6.12 3.35 12.26
CA ALA A 94 -7.32 2.55 12.20
C ALA A 94 -8.44 3.31 11.47
N GLY A 95 -9.38 2.56 10.87
CA GLY A 95 -10.53 3.13 10.19
C GLY A 95 -11.65 3.45 11.17
N VAL A 96 -11.53 2.98 12.42
CA VAL A 96 -12.51 3.28 13.47
C VAL A 96 -11.86 4.23 14.47
N LYS A 97 -12.66 5.20 14.94
CA LYS A 97 -12.18 6.24 15.85
C LYS A 97 -12.79 6.05 17.25
N ARG A 98 -13.15 4.81 17.57
CA ARG A 98 -13.80 4.46 18.83
C ARG A 98 -13.22 3.14 19.36
N SER A 99 -13.57 2.79 20.59
CA SER A 99 -13.13 1.55 21.23
C SER A 99 -13.67 0.31 20.52
N ALA A 100 -14.67 0.48 19.65
CA ALA A 100 -15.36 -0.61 18.97
C ALA A 100 -15.88 -1.66 19.93
N ALA A 101 -15.95 -1.33 21.23
CA ALA A 101 -16.40 -2.25 22.27
C ALA A 101 -17.09 -1.49 23.41
N GLU A 102 -17.47 -0.23 23.15
CA GLU A 102 -18.07 0.63 24.17
C GLU A 102 -19.48 0.18 24.56
N MET A 103 -20.01 -0.84 23.88
CA MET A 103 -21.33 -1.39 24.15
C MET A 103 -21.23 -2.74 24.86
N TYR A 104 -20.02 -3.13 25.25
CA TYR A 104 -19.76 -4.41 25.91
C TYR A 104 -18.85 -4.24 27.14
N GLY A 105 -18.51 -3.00 27.49
CA GLY A 105 -17.66 -2.71 28.63
C GLY A 105 -17.48 -1.21 28.80
N ALA A 1 7.84 -12.14 -6.88
CA ALA A 1 8.73 -10.97 -6.81
C ALA A 1 9.67 -11.09 -5.60
N SER A 2 10.68 -10.21 -5.53
CA SER A 2 11.65 -10.20 -4.44
C SER A 2 10.98 -9.77 -3.14
N ASN A 3 11.62 -10.10 -2.00
CA ASN A 3 11.12 -9.74 -0.68
C ASN A 3 11.58 -8.34 -0.28
N VAL A 4 12.41 -7.70 -1.12
CA VAL A 4 12.98 -6.40 -0.80
C VAL A 4 12.08 -5.26 -1.27
N THR A 5 11.83 -4.31 -0.37
CA THR A 5 11.00 -3.14 -0.65
C THR A 5 11.49 -1.91 0.11
N ASN A 6 12.68 -1.95 0.74
CA ASN A 6 13.17 -0.81 1.50
C ASN A 6 14.44 -0.25 0.89
N LYS A 7 14.29 0.87 0.18
CA LYS A 7 15.38 1.63 -0.42
C LYS A 7 15.02 3.12 -0.36
N THR A 8 16.02 3.99 -0.25
CA THR A 8 15.79 5.41 -0.06
C THR A 8 16.32 6.26 -1.21
N ASP A 9 16.59 5.63 -2.36
CA ASP A 9 17.04 6.37 -3.54
C ASP A 9 15.94 7.33 -4.00
N PRO A 10 16.32 8.47 -4.59
CA PRO A 10 15.40 9.55 -4.94
C PRO A 10 14.40 9.17 -6.04
N ARG A 11 14.50 7.94 -6.57
CA ARG A 11 13.57 7.46 -7.59
C ARG A 11 12.97 6.12 -7.18
N SER A 12 13.74 5.30 -6.47
CA SER A 12 13.27 3.98 -6.05
C SER A 12 12.23 4.09 -4.94
N MET A 13 12.29 5.15 -4.12
CA MET A 13 11.31 5.32 -3.07
C MET A 13 10.06 6.06 -3.58
N ASN A 14 10.06 6.47 -4.85
CA ASN A 14 8.89 7.01 -5.52
C ASN A 14 8.32 5.97 -6.49
N SER A 15 9.11 4.96 -6.83
CA SER A 15 8.67 3.81 -7.59
C SER A 15 8.09 2.74 -6.66
N ARG A 16 8.02 3.03 -5.36
CA ARG A 16 7.47 2.14 -4.36
C ARG A 16 6.10 2.66 -3.94
N VAL A 17 5.23 1.74 -3.51
CA VAL A 17 3.90 2.06 -3.05
C VAL A 17 3.68 1.48 -1.66
N PHE A 18 3.21 2.33 -0.75
CA PHE A 18 2.85 1.95 0.60
C PHE A 18 1.37 1.58 0.65
N ILE A 19 1.04 0.46 1.29
CA ILE A 19 -0.33 -0.03 1.40
C ILE A 19 -0.67 -0.13 2.88
N GLY A 20 -1.09 0.99 3.46
CA GLY A 20 -1.48 1.07 4.84
C GLY A 20 -2.95 0.67 5.02
N ASN A 21 -3.38 0.57 6.28
CA ASN A 21 -4.75 0.22 6.63
C ASN A 21 -5.17 -1.06 5.89
N LEU A 22 -4.27 -2.05 5.86
CA LEU A 22 -4.49 -3.33 5.20
C LEU A 22 -4.94 -4.37 6.24
N ASN A 23 -5.80 -5.31 5.85
CA ASN A 23 -6.31 -6.30 6.78
C ASN A 23 -5.20 -7.26 7.21
N THR A 24 -4.38 -7.69 6.25
CA THR A 24 -3.24 -8.60 6.41
C THR A 24 -3.58 -9.97 7.01
N LEU A 25 -4.83 -10.17 7.44
CA LEU A 25 -5.28 -11.46 7.93
C LEU A 25 -5.68 -12.41 6.79
N VAL A 26 -6.01 -11.84 5.63
CA VAL A 26 -6.46 -12.64 4.47
C VAL A 26 -5.56 -12.42 3.26
N VAL A 27 -4.87 -11.27 3.17
CA VAL A 27 -3.98 -10.99 2.06
C VAL A 27 -2.52 -11.26 2.43
N LYS A 28 -1.72 -11.71 1.46
CA LYS A 28 -0.32 -12.04 1.66
C LYS A 28 0.51 -11.49 0.52
N LYS A 29 1.84 -11.55 0.66
CA LYS A 29 2.80 -11.07 -0.33
C LYS A 29 2.72 -11.87 -1.63
N SER A 30 1.95 -12.95 -1.65
CA SER A 30 1.72 -13.76 -2.83
C SER A 30 0.43 -13.32 -3.53
N ASP A 31 -0.37 -12.51 -2.85
CA ASP A 31 -1.61 -11.96 -3.36
C ASP A 31 -1.41 -10.51 -3.83
N VAL A 32 -0.56 -9.76 -3.12
CA VAL A 32 -0.31 -8.38 -3.50
C VAL A 32 0.38 -8.34 -4.85
N GLU A 33 1.18 -9.36 -5.17
CA GLU A 33 1.85 -9.45 -6.45
C GLU A 33 0.92 -10.00 -7.54
N ALA A 34 -0.37 -10.10 -7.24
CA ALA A 34 -1.39 -10.52 -8.19
C ALA A 34 -2.55 -9.52 -8.23
N ILE A 35 -2.54 -8.53 -7.32
CA ILE A 35 -3.57 -7.49 -7.27
C ILE A 35 -2.98 -6.14 -7.67
N PHE A 36 -1.68 -5.94 -7.45
CA PHE A 36 -1.01 -4.70 -7.80
C PHE A 36 -0.16 -4.89 -9.05
N SER A 37 -0.06 -6.11 -9.58
CA SER A 37 0.71 -6.40 -10.78
C SER A 37 -0.02 -5.95 -12.04
N LYS A 38 -1.31 -5.65 -11.92
CA LYS A 38 -2.14 -5.19 -13.03
C LYS A 38 -1.99 -3.68 -13.26
N TYR A 39 -1.34 -2.98 -12.34
CA TYR A 39 -1.09 -1.55 -12.47
C TYR A 39 0.39 -1.27 -12.79
N GLY A 40 1.25 -2.27 -12.61
CA GLY A 40 2.64 -2.15 -12.99
C GLY A 40 3.42 -3.44 -12.75
N LYS A 41 4.61 -3.54 -13.37
CA LYS A 41 5.49 -4.67 -13.21
C LYS A 41 6.16 -4.59 -11.84
N ILE A 42 5.82 -5.54 -10.96
CA ILE A 42 6.34 -5.58 -9.61
C ILE A 42 7.71 -6.25 -9.60
N VAL A 43 8.69 -5.59 -9.00
CA VAL A 43 10.06 -6.10 -8.88
C VAL A 43 10.35 -6.53 -7.45
N GLY A 44 9.44 -6.22 -6.52
CA GLY A 44 9.57 -6.62 -5.13
C GLY A 44 8.26 -6.35 -4.38
N CYS A 45 7.95 -7.18 -3.39
CA CYS A 45 6.76 -7.01 -2.58
C CYS A 45 7.00 -7.62 -1.20
N SER A 46 6.43 -6.99 -0.17
CA SER A 46 6.53 -7.48 1.19
C SER A 46 5.30 -7.06 1.98
N VAL A 47 4.71 -7.98 2.72
CA VAL A 47 3.55 -7.71 3.57
C VAL A 47 3.97 -7.76 5.03
N HIS A 48 3.31 -6.94 5.85
CA HIS A 48 3.59 -6.80 7.27
C HIS A 48 2.26 -6.84 8.02
N LYS A 49 2.26 -6.49 9.31
CA LYS A 49 1.02 -6.45 10.06
C LYS A 49 0.36 -5.08 9.90
N GLY A 50 -0.85 -5.08 9.34
CA GLY A 50 -1.64 -3.86 9.14
C GLY A 50 -1.23 -3.07 7.89
N PHE A 51 -0.11 -3.42 7.24
CA PHE A 51 0.33 -2.73 6.03
C PHE A 51 1.15 -3.63 5.14
N ALA A 52 1.43 -3.16 3.91
CA ALA A 52 2.26 -3.86 2.94
C ALA A 52 3.02 -2.85 2.07
N PHE A 53 3.94 -3.35 1.24
CA PHE A 53 4.73 -2.54 0.33
C PHE A 53 4.87 -3.24 -1.02
N VAL A 54 4.93 -2.44 -2.09
CA VAL A 54 5.09 -2.93 -3.46
C VAL A 54 6.08 -2.05 -4.19
N GLN A 55 7.01 -2.66 -4.93
CA GLN A 55 8.04 -1.95 -5.66
C GLN A 55 7.83 -2.15 -7.16
N TYR A 56 7.85 -1.05 -7.92
CA TYR A 56 7.70 -1.07 -9.36
C TYR A 56 9.00 -0.67 -10.04
N VAL A 57 9.03 -0.79 -11.37
CA VAL A 57 10.21 -0.40 -12.14
C VAL A 57 10.39 1.11 -12.13
N ASN A 58 9.28 1.86 -12.08
CA ASN A 58 9.35 3.31 -12.03
C ASN A 58 8.13 3.94 -11.37
N GLU A 59 8.23 5.23 -11.05
CA GLU A 59 7.17 5.98 -10.38
C GLU A 59 5.86 5.98 -11.17
N ARG A 60 5.91 5.90 -12.51
CA ARG A 60 4.69 5.89 -13.31
C ARG A 60 3.81 4.70 -12.91
N ASN A 61 4.44 3.55 -12.62
CA ASN A 61 3.69 2.38 -12.22
C ASN A 61 3.18 2.53 -10.78
N ALA A 62 3.85 3.34 -9.97
CA ALA A 62 3.43 3.59 -8.60
C ALA A 62 2.24 4.53 -8.56
N ARG A 63 2.22 5.52 -9.47
CA ARG A 63 1.12 6.47 -9.56
C ARG A 63 -0.13 5.79 -10.10
N ALA A 64 0.04 4.71 -10.86
CA ALA A 64 -1.10 3.97 -11.40
C ALA A 64 -1.71 3.06 -10.34
N ALA A 65 -0.89 2.50 -9.44
CA ALA A 65 -1.40 1.63 -8.39
C ALA A 65 -1.99 2.43 -7.24
N VAL A 66 -1.41 3.59 -6.94
CA VAL A 66 -1.93 4.48 -5.91
C VAL A 66 -3.28 5.05 -6.35
N ALA A 67 -3.46 5.28 -7.64
CA ALA A 67 -4.73 5.78 -8.16
C ALA A 67 -5.67 4.64 -8.53
N GLY A 68 -5.18 3.39 -8.54
CA GLY A 68 -5.98 2.24 -8.93
C GLY A 68 -6.43 1.37 -7.75
N GLU A 69 -5.89 1.58 -6.56
CA GLU A 69 -6.17 0.72 -5.40
C GLU A 69 -6.44 1.52 -4.13
N ASP A 70 -6.02 2.78 -4.03
CA ASP A 70 -6.29 3.57 -2.84
C ASP A 70 -7.79 3.72 -2.65
N GLY A 71 -8.33 3.19 -1.55
CA GLY A 71 -9.75 3.28 -1.26
C GLY A 71 -10.51 2.12 -1.88
N ARG A 72 -9.79 1.11 -2.40
CA ARG A 72 -10.40 -0.12 -2.87
C ARG A 72 -10.74 -0.93 -1.63
N MET A 73 -11.51 -2.00 -1.78
CA MET A 73 -11.92 -2.79 -0.63
C MET A 73 -11.30 -4.17 -0.72
N ILE A 74 -10.53 -4.52 0.31
CA ILE A 74 -9.87 -5.81 0.38
C ILE A 74 -10.17 -6.49 1.71
N ALA A 75 -10.47 -7.78 1.67
CA ALA A 75 -10.91 -8.53 2.83
C ALA A 75 -12.12 -7.90 3.50
N GLY A 76 -12.83 -7.03 2.77
CA GLY A 76 -14.00 -6.34 3.29
C GLY A 76 -13.63 -5.02 3.99
N GLN A 77 -12.35 -4.64 3.94
CA GLN A 77 -11.87 -3.41 4.58
C GLN A 77 -11.12 -2.54 3.56
N VAL A 78 -11.43 -1.24 3.57
CA VAL A 78 -10.85 -0.24 2.67
C VAL A 78 -9.34 -0.11 2.90
N LEU A 79 -8.57 0.05 1.83
CA LEU A 79 -7.14 0.27 1.93
C LEU A 79 -6.79 1.75 1.86
N ASP A 80 -5.61 2.11 2.40
CA ASP A 80 -5.09 3.45 2.30
C ASP A 80 -3.71 3.37 1.65
N ILE A 81 -3.64 3.74 0.37
CA ILE A 81 -2.46 3.52 -0.45
C ILE A 81 -1.90 4.86 -0.96
N ASN A 82 -0.57 4.98 -0.96
CA ASN A 82 0.11 6.19 -1.42
C ASN A 82 1.58 5.87 -1.73
N LEU A 83 2.29 6.82 -2.36
CA LEU A 83 3.72 6.66 -2.62
C LEU A 83 4.45 6.50 -1.29
N ALA A 84 5.56 5.75 -1.31
CA ALA A 84 6.37 5.57 -0.11
C ALA A 84 7.12 6.84 0.28
N ALA A 85 6.88 7.95 -0.43
CA ALA A 85 7.55 9.22 -0.18
C ALA A 85 6.59 10.41 -0.26
N GLU A 86 5.33 10.18 -0.62
CA GLU A 86 4.32 11.22 -0.72
C GLU A 86 3.00 10.72 -0.14
N PRO A 87 2.94 10.54 1.19
CA PRO A 87 1.73 10.14 1.88
C PRO A 87 0.69 11.24 1.71
N LYS A 88 -0.58 10.87 1.56
CA LYS A 88 -1.64 11.81 1.18
C LYS A 88 -1.75 13.01 2.13
N VAL A 89 -1.92 12.77 3.43
CA VAL A 89 -2.06 13.85 4.38
C VAL A 89 -1.68 13.41 5.79
N ASN A 90 -2.04 12.17 6.14
CA ASN A 90 -1.71 11.59 7.42
C ASN A 90 -1.30 10.13 7.26
N ARG A 91 -0.65 9.58 8.29
CA ARG A 91 -0.30 8.18 8.35
C ARG A 91 -1.32 7.42 9.20
N GLY A 92 -1.69 8.00 10.34
CA GLY A 92 -2.70 7.45 11.22
C GLY A 92 -2.39 6.04 11.70
N LYS A 93 -3.44 5.33 12.12
CA LYS A 93 -3.35 3.96 12.57
C LYS A 93 -4.55 3.14 12.13
N ALA A 94 -5.71 3.79 11.99
CA ALA A 94 -6.93 3.12 11.57
C ALA A 94 -7.87 4.11 10.89
N GLY A 95 -8.58 3.66 9.85
CA GLY A 95 -9.56 4.48 9.14
C GLY A 95 -10.91 4.49 9.84
N VAL A 96 -11.10 3.59 10.82
CA VAL A 96 -12.33 3.52 11.60
C VAL A 96 -12.10 4.18 12.95
N LYS A 97 -12.99 5.10 13.33
CA LYS A 97 -12.83 5.90 14.55
C LYS A 97 -14.10 5.88 15.41
N ARG A 98 -15.02 4.98 15.09
CA ARG A 98 -16.28 4.79 15.81
C ARG A 98 -16.32 3.39 16.39
N SER A 99 -17.32 3.12 17.24
CA SER A 99 -17.50 1.82 17.86
C SER A 99 -17.99 0.79 16.84
N ALA A 100 -18.41 1.27 15.66
CA ALA A 100 -19.02 0.46 14.61
C ALA A 100 -20.24 -0.33 15.08
N ALA A 101 -20.71 -0.07 16.31
CA ALA A 101 -21.87 -0.74 16.88
C ALA A 101 -22.65 0.20 17.81
N GLU A 102 -22.26 1.47 17.87
CA GLU A 102 -22.88 2.44 18.78
C GLU A 102 -24.26 2.87 18.30
N MET A 103 -24.65 2.45 17.08
CA MET A 103 -25.97 2.74 16.54
C MET A 103 -26.96 1.62 16.88
N TYR A 104 -26.50 0.61 17.63
CA TYR A 104 -27.31 -0.56 17.96
C TYR A 104 -27.21 -0.91 19.45
N GLY A 105 -26.51 -0.08 20.23
CA GLY A 105 -26.33 -0.30 21.66
C GLY A 105 -27.65 -0.12 22.41
N ALA A 1 7.82 -11.97 -7.24
CA ALA A 1 8.64 -10.78 -6.95
C ALA A 1 9.54 -11.03 -5.73
N SER A 2 10.60 -10.24 -5.60
CA SER A 2 11.53 -10.34 -4.48
C SER A 2 10.88 -9.83 -3.19
N ASN A 3 11.41 -10.22 -2.05
CA ASN A 3 10.87 -9.82 -0.75
C ASN A 3 11.44 -8.47 -0.29
N VAL A 4 12.19 -7.79 -1.16
CA VAL A 4 12.83 -6.51 -0.84
C VAL A 4 11.98 -5.35 -1.34
N THR A 5 11.74 -4.37 -0.47
CA THR A 5 10.96 -3.18 -0.80
C THR A 5 11.48 -1.94 -0.07
N ASN A 6 12.66 -2.00 0.56
CA ASN A 6 13.18 -0.86 1.31
C ASN A 6 14.50 -0.35 0.73
N LYS A 7 14.47 0.87 0.23
CA LYS A 7 15.61 1.63 -0.28
C LYS A 7 15.31 3.11 -0.07
N THR A 8 16.32 3.98 -0.16
CA THR A 8 16.12 5.42 0.03
C THR A 8 16.66 6.24 -1.13
N ASP A 9 16.90 5.60 -2.29
CA ASP A 9 17.38 6.30 -3.47
C ASP A 9 16.28 7.20 -4.05
N PRO A 10 16.64 8.29 -4.73
CA PRO A 10 15.71 9.29 -5.24
C PRO A 10 14.80 8.76 -6.34
N ARG A 11 14.94 7.50 -6.74
CA ARG A 11 14.07 6.89 -7.74
C ARG A 11 13.50 5.57 -7.22
N SER A 12 14.24 4.88 -6.36
CA SER A 12 13.80 3.61 -5.81
C SER A 12 12.70 3.80 -4.77
N MET A 13 12.67 4.95 -4.08
CA MET A 13 11.62 5.19 -3.09
C MET A 13 10.41 5.91 -3.69
N ASN A 14 10.50 6.29 -4.97
CA ASN A 14 9.39 6.93 -5.67
C ASN A 14 8.73 5.96 -6.63
N SER A 15 9.42 4.88 -7.00
CA SER A 15 8.86 3.78 -7.75
C SER A 15 8.20 2.76 -6.81
N ARG A 16 7.97 3.16 -5.56
CA ARG A 16 7.44 2.31 -4.50
C ARG A 16 6.03 2.78 -4.12
N VAL A 17 5.24 1.86 -3.57
CA VAL A 17 3.90 2.18 -3.09
C VAL A 17 3.69 1.63 -1.69
N PHE A 18 3.15 2.47 -0.82
CA PHE A 18 2.79 2.10 0.54
C PHE A 18 1.32 1.69 0.57
N ILE A 19 1.03 0.59 1.25
CA ILE A 19 -0.33 0.05 1.36
C ILE A 19 -0.68 -0.02 2.84
N GLY A 20 -1.11 1.10 3.41
CA GLY A 20 -1.51 1.18 4.79
C GLY A 20 -2.95 0.75 4.96
N ASN A 21 -3.41 0.70 6.23
CA ASN A 21 -4.76 0.27 6.55
C ASN A 21 -5.10 -1.04 5.83
N LEU A 22 -4.18 -2.01 5.87
CA LEU A 22 -4.37 -3.31 5.24
C LEU A 22 -4.82 -4.33 6.29
N ASN A 23 -5.68 -5.28 5.91
CA ASN A 23 -6.18 -6.26 6.88
C ASN A 23 -5.07 -7.20 7.32
N THR A 24 -4.21 -7.59 6.38
CA THR A 24 -3.06 -8.49 6.56
C THR A 24 -3.38 -9.83 7.20
N LEU A 25 -4.67 -10.12 7.44
CA LEU A 25 -5.11 -11.39 7.99
C LEU A 25 -5.62 -12.33 6.89
N VAL A 26 -5.86 -11.80 5.69
CA VAL A 26 -6.34 -12.58 4.56
C VAL A 26 -5.43 -12.38 3.35
N VAL A 27 -4.73 -11.24 3.29
CA VAL A 27 -3.81 -10.94 2.19
C VAL A 27 -2.37 -11.16 2.64
N LYS A 28 -1.52 -11.62 1.71
CA LYS A 28 -0.12 -11.92 2.00
C LYS A 28 0.76 -11.38 0.89
N LYS A 29 2.08 -11.44 1.09
CA LYS A 29 3.07 -11.00 0.10
C LYS A 29 3.08 -11.88 -1.14
N SER A 30 2.28 -12.95 -1.13
CA SER A 30 2.09 -13.81 -2.27
C SER A 30 0.79 -13.46 -3.01
N ASP A 31 0.06 -12.45 -2.52
CA ASP A 31 -1.18 -12.00 -3.10
C ASP A 31 -1.06 -10.56 -3.59
N VAL A 32 -0.26 -9.74 -2.92
CA VAL A 32 -0.04 -8.36 -3.33
C VAL A 32 0.62 -8.36 -4.71
N GLU A 33 1.44 -9.36 -5.00
CA GLU A 33 2.10 -9.48 -6.30
C GLU A 33 1.16 -10.01 -7.38
N ALA A 34 -0.12 -10.18 -7.06
CA ALA A 34 -1.13 -10.61 -8.02
C ALA A 34 -2.30 -9.63 -8.08
N ILE A 35 -2.33 -8.65 -7.17
CA ILE A 35 -3.38 -7.64 -7.11
C ILE A 35 -2.86 -6.28 -7.55
N PHE A 36 -1.55 -6.03 -7.37
CA PHE A 36 -0.93 -4.78 -7.74
C PHE A 36 -0.12 -4.95 -9.03
N SER A 37 0.07 -6.18 -9.49
CA SER A 37 0.86 -6.45 -10.69
C SER A 37 0.08 -6.09 -11.95
N LYS A 38 -1.20 -5.76 -11.80
CA LYS A 38 -2.06 -5.35 -12.92
C LYS A 38 -1.92 -3.86 -13.23
N TYR A 39 -1.27 -3.10 -12.34
CA TYR A 39 -1.05 -1.66 -12.54
C TYR A 39 0.40 -1.37 -12.91
N GLY A 40 1.30 -2.34 -12.69
CA GLY A 40 2.69 -2.21 -13.11
C GLY A 40 3.46 -3.48 -12.82
N LYS A 41 4.62 -3.63 -13.47
CA LYS A 41 5.49 -4.76 -13.27
C LYS A 41 6.16 -4.63 -11.91
N ILE A 42 5.86 -5.55 -11.00
CA ILE A 42 6.41 -5.53 -9.66
C ILE A 42 7.80 -6.17 -9.66
N VAL A 43 8.77 -5.46 -9.07
CA VAL A 43 10.14 -5.93 -8.95
C VAL A 43 10.47 -6.32 -7.51
N GLY A 44 9.53 -6.06 -6.59
CA GLY A 44 9.67 -6.41 -5.19
C GLY A 44 8.35 -6.17 -4.47
N CYS A 45 8.04 -7.01 -3.48
CA CYS A 45 6.81 -6.90 -2.72
C CYS A 45 7.03 -7.38 -1.29
N SER A 46 6.24 -6.87 -0.34
CA SER A 46 6.31 -7.32 1.03
C SER A 46 5.03 -6.96 1.78
N VAL A 47 4.69 -7.76 2.79
CA VAL A 47 3.55 -7.52 3.65
C VAL A 47 3.99 -7.56 5.11
N HIS A 48 3.35 -6.73 5.92
CA HIS A 48 3.66 -6.57 7.34
C HIS A 48 2.36 -6.60 8.12
N LYS A 49 2.36 -6.13 9.38
CA LYS A 49 1.14 -6.07 10.16
C LYS A 49 0.48 -4.72 9.97
N GLY A 50 -0.73 -4.72 9.41
CA GLY A 50 -1.52 -3.52 9.18
C GLY A 50 -1.10 -2.75 7.92
N PHE A 51 0.01 -3.11 7.28
CA PHE A 51 0.44 -2.47 6.05
C PHE A 51 1.22 -3.42 5.14
N ALA A 52 1.47 -2.98 3.91
CA ALA A 52 2.29 -3.70 2.95
C ALA A 52 3.04 -2.72 2.05
N PHE A 53 3.93 -3.23 1.20
CA PHE A 53 4.73 -2.44 0.29
C PHE A 53 4.87 -3.13 -1.06
N VAL A 54 5.00 -2.32 -2.11
CA VAL A 54 5.19 -2.78 -3.48
C VAL A 54 6.23 -1.92 -4.16
N GLN A 55 7.01 -2.52 -5.06
CA GLN A 55 8.05 -1.83 -5.79
C GLN A 55 7.85 -2.07 -7.28
N TYR A 56 7.94 -1.00 -8.08
CA TYR A 56 7.77 -1.07 -9.52
C TYR A 56 9.07 -0.69 -10.24
N VAL A 57 9.06 -0.81 -11.57
CA VAL A 57 10.20 -0.44 -12.39
C VAL A 57 10.39 1.07 -12.38
N ASN A 58 9.30 1.84 -12.26
CA ASN A 58 9.40 3.30 -12.21
C ASN A 58 8.21 3.93 -11.50
N GLU A 59 8.35 5.21 -11.17
CA GLU A 59 7.33 5.99 -10.47
C GLU A 59 5.99 6.00 -11.22
N ARG A 60 5.99 5.93 -12.56
CA ARG A 60 4.74 5.95 -13.30
C ARG A 60 3.87 4.76 -12.87
N ASN A 61 4.50 3.61 -12.64
CA ASN A 61 3.75 2.43 -12.22
C ASN A 61 3.24 2.58 -10.79
N ALA A 62 3.91 3.40 -9.99
CA ALA A 62 3.49 3.65 -8.62
C ALA A 62 2.28 4.58 -8.60
N ARG A 63 2.24 5.57 -9.50
CA ARG A 63 1.12 6.49 -9.57
C ARG A 63 -0.13 5.78 -10.11
N ALA A 64 0.07 4.69 -10.86
CA ALA A 64 -1.04 3.94 -11.42
C ALA A 64 -1.65 3.00 -10.38
N ALA A 65 -0.82 2.46 -9.47
CA ALA A 65 -1.31 1.57 -8.43
C ALA A 65 -1.91 2.37 -7.27
N VAL A 66 -1.35 3.54 -6.97
CA VAL A 66 -1.88 4.43 -5.95
C VAL A 66 -3.27 4.94 -6.39
N ALA A 67 -3.46 5.15 -7.69
CA ALA A 67 -4.74 5.61 -8.19
C ALA A 67 -5.66 4.45 -8.58
N GLY A 68 -5.12 3.21 -8.59
CA GLY A 68 -5.88 2.04 -8.99
C GLY A 68 -6.37 1.19 -7.80
N GLU A 69 -5.83 1.41 -6.59
CA GLU A 69 -6.12 0.55 -5.46
C GLU A 69 -6.45 1.35 -4.19
N ASP A 70 -6.06 2.62 -4.10
CA ASP A 70 -6.37 3.41 -2.93
C ASP A 70 -7.88 3.54 -2.77
N GLY A 71 -8.42 3.00 -1.66
CA GLY A 71 -9.85 3.06 -1.40
C GLY A 71 -10.57 1.85 -2.00
N ARG A 72 -9.81 0.86 -2.48
CA ARG A 72 -10.37 -0.40 -2.92
C ARG A 72 -10.73 -1.18 -1.67
N MET A 73 -11.46 -2.28 -1.79
CA MET A 73 -11.88 -3.02 -0.62
C MET A 73 -11.23 -4.40 -0.65
N ILE A 74 -10.48 -4.72 0.41
CA ILE A 74 -9.80 -5.99 0.53
C ILE A 74 -10.11 -6.61 1.89
N ALA A 75 -10.41 -7.91 1.90
CA ALA A 75 -10.83 -8.62 3.09
C ALA A 75 -12.06 -7.97 3.75
N GLY A 76 -12.76 -7.10 3.01
CA GLY A 76 -13.94 -6.41 3.51
C GLY A 76 -13.56 -5.07 4.16
N GLN A 77 -12.29 -4.68 4.10
CA GLN A 77 -11.81 -3.44 4.68
C GLN A 77 -11.10 -2.59 3.63
N VAL A 78 -11.46 -1.31 3.56
CA VAL A 78 -10.90 -0.36 2.61
C VAL A 78 -9.41 -0.16 2.85
N LEU A 79 -8.63 -0.07 1.78
CA LEU A 79 -7.19 0.17 1.89
C LEU A 79 -6.88 1.65 1.80
N ASP A 80 -5.73 2.05 2.35
CA ASP A 80 -5.24 3.42 2.23
C ASP A 80 -3.85 3.37 1.62
N ILE A 81 -3.77 3.70 0.32
CA ILE A 81 -2.57 3.50 -0.47
C ILE A 81 -2.04 4.85 -0.98
N ASN A 82 -0.72 5.02 -0.94
CA ASN A 82 -0.08 6.25 -1.40
C ASN A 82 1.37 6.02 -1.79
N LEU A 83 1.95 6.98 -2.52
CA LEU A 83 3.35 6.97 -2.88
C LEU A 83 4.18 6.94 -1.60
N ALA A 84 5.18 6.05 -1.52
CA ALA A 84 5.99 5.85 -0.32
C ALA A 84 6.81 7.07 0.10
N ALA A 85 6.69 8.19 -0.60
CA ALA A 85 7.41 9.41 -0.26
C ALA A 85 6.48 10.62 -0.21
N GLU A 86 5.17 10.41 -0.38
CA GLU A 86 4.17 11.47 -0.35
C GLU A 86 2.91 10.96 0.37
N PRO A 87 3.00 10.71 1.69
CA PRO A 87 1.86 10.31 2.49
C PRO A 87 0.83 11.42 2.51
N LYS A 88 -0.44 11.02 2.65
CA LYS A 88 -1.57 11.93 2.56
C LYS A 88 -1.80 12.64 3.90
N VAL A 89 -2.79 12.17 4.66
CA VAL A 89 -3.21 12.81 5.90
C VAL A 89 -3.63 11.78 6.95
N ASN A 90 -4.20 10.65 6.52
CA ASN A 90 -4.73 9.64 7.42
C ASN A 90 -3.71 8.53 7.73
N ARG A 91 -2.45 8.69 7.30
CA ARG A 91 -1.42 7.71 7.59
C ARG A 91 -1.06 7.80 9.07
N GLY A 92 -1.84 7.12 9.91
CA GLY A 92 -1.63 7.17 11.34
C GLY A 92 -2.51 6.22 12.13
N LYS A 93 -2.62 4.97 11.66
CA LYS A 93 -3.37 3.89 12.30
C LYS A 93 -4.86 4.16 12.47
N ALA A 94 -5.34 5.35 12.09
CA ALA A 94 -6.74 5.71 12.24
C ALA A 94 -7.13 6.83 11.26
N GLY A 95 -8.43 6.99 11.03
CA GLY A 95 -8.95 8.02 10.14
C GLY A 95 -10.40 7.77 9.75
N VAL A 96 -10.88 6.53 9.96
CA VAL A 96 -12.27 6.18 9.73
C VAL A 96 -12.78 5.33 10.89
N LYS A 97 -14.00 5.61 11.35
CA LYS A 97 -14.61 4.92 12.49
C LYS A 97 -15.90 4.21 12.10
N ARG A 98 -16.15 4.07 10.79
CA ARG A 98 -17.35 3.44 10.27
C ARG A 98 -17.02 2.59 9.04
N SER A 99 -17.99 1.79 8.59
CA SER A 99 -17.83 0.95 7.41
C SER A 99 -17.78 1.79 6.13
N ALA A 100 -18.14 3.07 6.24
CA ALA A 100 -18.25 4.00 5.11
C ALA A 100 -19.11 3.46 3.98
N ALA A 101 -19.86 2.38 4.22
CA ALA A 101 -20.73 1.76 3.21
C ALA A 101 -21.97 1.15 3.87
N GLU A 102 -22.18 1.42 5.16
CA GLU A 102 -23.29 0.87 5.93
C GLU A 102 -24.60 1.60 5.65
N MET A 103 -24.57 2.63 4.80
CA MET A 103 -25.73 3.42 4.46
C MET A 103 -25.96 3.51 2.95
N TYR A 104 -25.20 2.71 2.17
CA TYR A 104 -25.34 2.68 0.73
C TYR A 104 -25.56 1.25 0.23
N GLY A 105 -25.45 0.26 1.14
CA GLY A 105 -25.64 -1.14 0.81
C GLY A 105 -27.10 -1.45 0.49
N ALA A 1 7.98 -12.08 -7.00
CA ALA A 1 8.87 -10.92 -6.90
C ALA A 1 9.80 -11.04 -5.69
N SER A 2 10.79 -10.16 -5.60
CA SER A 2 11.74 -10.15 -4.48
C SER A 2 11.04 -9.78 -3.18
N ASN A 3 11.64 -10.14 -2.04
CA ASN A 3 11.10 -9.84 -0.72
C ASN A 3 11.59 -8.48 -0.22
N VAL A 4 12.38 -7.76 -1.03
CA VAL A 4 12.97 -6.49 -0.66
C VAL A 4 12.13 -5.32 -1.18
N THR A 5 11.93 -4.31 -0.33
CA THR A 5 11.15 -3.12 -0.67
C THR A 5 11.69 -1.87 0.01
N ASN A 6 12.80 -1.95 0.75
CA ASN A 6 13.33 -0.79 1.44
C ASN A 6 14.50 -0.19 0.66
N LYS A 7 14.25 0.99 0.06
CA LYS A 7 15.23 1.74 -0.73
C LYS A 7 14.99 3.23 -0.52
N THR A 8 16.01 4.06 -0.73
CA THR A 8 15.90 5.50 -0.49
C THR A 8 16.47 6.33 -1.64
N ASP A 9 16.60 5.73 -2.83
CA ASP A 9 17.11 6.43 -4.00
C ASP A 9 16.05 7.33 -4.62
N PRO A 10 16.46 8.33 -5.41
CA PRO A 10 15.59 9.35 -5.98
C PRO A 10 14.48 8.79 -6.88
N ARG A 11 14.52 7.50 -7.19
CA ARG A 11 13.48 6.84 -7.97
C ARG A 11 13.00 5.57 -7.26
N SER A 12 13.92 4.86 -6.62
CA SER A 12 13.61 3.60 -5.95
C SER A 12 12.69 3.79 -4.75
N MET A 13 12.51 5.02 -4.28
CA MET A 13 11.55 5.27 -3.20
C MET A 13 10.30 6.01 -3.69
N ASN A 14 10.23 6.32 -4.99
CA ASN A 14 9.07 6.94 -5.60
C ASN A 14 8.34 5.95 -6.51
N SER A 15 9.05 4.90 -6.94
CA SER A 15 8.46 3.76 -7.65
C SER A 15 7.90 2.76 -6.65
N ARG A 16 8.05 3.03 -5.35
CA ARG A 16 7.50 2.19 -4.30
C ARG A 16 6.13 2.71 -3.90
N VAL A 17 5.25 1.81 -3.47
CA VAL A 17 3.92 2.15 -3.01
C VAL A 17 3.70 1.59 -1.61
N PHE A 18 3.26 2.47 -0.71
CA PHE A 18 2.90 2.12 0.65
C PHE A 18 1.43 1.71 0.69
N ILE A 19 1.12 0.61 1.37
CA ILE A 19 -0.23 0.08 1.48
C ILE A 19 -0.58 0.02 2.96
N GLY A 20 -1.03 1.15 3.50
CA GLY A 20 -1.44 1.24 4.89
C GLY A 20 -2.88 0.76 5.07
N ASN A 21 -3.32 0.68 6.33
CA ASN A 21 -4.65 0.23 6.68
C ASN A 21 -4.98 -1.08 5.96
N LEU A 22 -4.06 -2.05 6.00
CA LEU A 22 -4.25 -3.35 5.36
C LEU A 22 -4.69 -4.37 6.41
N ASN A 23 -5.55 -5.31 6.03
CA ASN A 23 -6.07 -6.29 6.99
C ASN A 23 -4.97 -7.25 7.44
N THR A 24 -4.08 -7.63 6.51
CA THR A 24 -2.94 -8.51 6.70
C THR A 24 -3.26 -9.86 7.36
N LEU A 25 -4.54 -10.15 7.56
CA LEU A 25 -5.00 -11.43 8.11
C LEU A 25 -5.51 -12.37 7.02
N VAL A 26 -5.75 -11.83 5.81
CA VAL A 26 -6.22 -12.61 4.68
C VAL A 26 -5.33 -12.40 3.47
N VAL A 27 -4.62 -11.27 3.41
CA VAL A 27 -3.72 -10.97 2.31
C VAL A 27 -2.26 -11.19 2.74
N LYS A 28 -1.42 -11.64 1.82
CA LYS A 28 -0.02 -11.92 2.08
C LYS A 28 0.85 -11.36 0.96
N LYS A 29 2.18 -11.40 1.16
CA LYS A 29 3.16 -10.90 0.20
C LYS A 29 3.19 -11.74 -1.08
N SER A 30 2.42 -12.82 -1.11
CA SER A 30 2.25 -13.66 -2.29
C SER A 30 0.97 -13.28 -3.04
N ASP A 31 0.12 -12.48 -2.42
CA ASP A 31 -1.13 -12.01 -2.99
C ASP A 31 -1.02 -10.57 -3.48
N VAL A 32 -0.23 -9.74 -2.79
CA VAL A 32 -0.07 -8.34 -3.18
C VAL A 32 0.64 -8.28 -4.54
N GLU A 33 1.51 -9.26 -4.82
CA GLU A 33 2.21 -9.34 -6.09
C GLU A 33 1.32 -9.91 -7.19
N ALA A 34 0.03 -10.10 -6.90
CA ALA A 34 -0.96 -10.57 -7.88
C ALA A 34 -2.15 -9.62 -7.94
N ILE A 35 -2.21 -8.64 -7.04
CA ILE A 35 -3.28 -7.65 -7.01
C ILE A 35 -2.77 -6.29 -7.45
N PHE A 36 -1.47 -6.03 -7.28
CA PHE A 36 -0.86 -4.76 -7.66
C PHE A 36 -0.04 -4.93 -8.93
N SER A 37 0.14 -6.17 -9.39
CA SER A 37 0.93 -6.46 -10.60
C SER A 37 0.18 -6.03 -11.86
N LYS A 38 -1.12 -5.76 -11.73
CA LYS A 38 -1.97 -5.32 -12.83
C LYS A 38 -1.83 -3.83 -13.12
N TYR A 39 -1.17 -3.09 -12.22
CA TYR A 39 -0.96 -1.65 -12.41
C TYR A 39 0.50 -1.36 -12.75
N GLY A 40 1.40 -2.32 -12.51
CA GLY A 40 2.79 -2.18 -12.89
C GLY A 40 3.58 -3.44 -12.63
N LYS A 41 4.74 -3.56 -13.28
CA LYS A 41 5.64 -4.69 -13.10
C LYS A 41 6.29 -4.59 -11.73
N ILE A 42 6.00 -5.55 -10.84
CA ILE A 42 6.53 -5.54 -9.49
C ILE A 42 7.91 -6.17 -9.48
N VAL A 43 8.89 -5.46 -8.92
CA VAL A 43 10.27 -5.93 -8.80
C VAL A 43 10.57 -6.36 -7.37
N GLY A 44 9.64 -6.10 -6.45
CA GLY A 44 9.76 -6.51 -5.06
C GLY A 44 8.46 -6.23 -4.32
N CYS A 45 8.14 -7.05 -3.33
CA CYS A 45 6.92 -6.91 -2.55
C CYS A 45 7.13 -7.48 -1.14
N SER A 46 6.49 -6.87 -0.15
CA SER A 46 6.54 -7.37 1.21
C SER A 46 5.29 -6.95 1.97
N VAL A 47 4.88 -7.77 2.93
CA VAL A 47 3.72 -7.50 3.77
C VAL A 47 4.15 -7.55 5.23
N HIS A 48 3.51 -6.71 6.04
CA HIS A 48 3.81 -6.54 7.45
C HIS A 48 2.50 -6.60 8.22
N LYS A 49 2.49 -6.20 9.49
CA LYS A 49 1.26 -6.16 10.26
C LYS A 49 0.58 -4.80 10.06
N GLY A 50 -0.63 -4.83 9.50
CA GLY A 50 -1.43 -3.62 9.30
C GLY A 50 -1.03 -2.83 8.05
N PHE A 51 0.07 -3.20 7.37
CA PHE A 51 0.50 -2.50 6.16
C PHE A 51 1.33 -3.41 5.26
N ALA A 52 1.60 -2.95 4.04
CA ALA A 52 2.43 -3.66 3.08
C ALA A 52 3.17 -2.68 2.17
N PHE A 53 4.08 -3.19 1.34
CA PHE A 53 4.86 -2.39 0.41
C PHE A 53 5.00 -3.11 -0.92
N VAL A 54 5.02 -2.34 -2.01
CA VAL A 54 5.18 -2.86 -3.37
C VAL A 54 6.16 -1.97 -4.12
N GLN A 55 7.05 -2.58 -4.90
CA GLN A 55 8.09 -1.86 -5.62
C GLN A 55 7.91 -2.05 -7.12
N TYR A 56 7.92 -0.95 -7.87
CA TYR A 56 7.79 -0.99 -9.32
C TYR A 56 9.09 -0.58 -10.00
N VAL A 57 9.10 -0.60 -11.34
CA VAL A 57 10.26 -0.19 -12.11
C VAL A 57 10.43 1.32 -12.10
N ASN A 58 9.31 2.07 -12.03
CA ASN A 58 9.39 3.53 -11.99
C ASN A 58 8.17 4.16 -11.31
N GLU A 59 8.24 5.46 -11.05
CA GLU A 59 7.19 6.20 -10.37
C GLU A 59 5.87 6.15 -11.14
N ARG A 60 5.89 6.05 -12.48
CA ARG A 60 4.66 6.00 -13.25
C ARG A 60 3.82 4.79 -12.84
N ASN A 61 4.48 3.67 -12.55
CA ASN A 61 3.77 2.48 -12.13
C ASN A 61 3.22 2.65 -10.72
N ALA A 62 3.85 3.50 -9.91
CA ALA A 62 3.40 3.76 -8.56
C ALA A 62 2.18 4.67 -8.58
N ARG A 63 2.14 5.63 -9.51
CA ARG A 63 1.00 6.53 -9.66
C ARG A 63 -0.22 5.74 -10.14
N ALA A 64 -0.01 4.65 -10.87
CA ALA A 64 -1.11 3.87 -11.40
C ALA A 64 -1.70 2.96 -10.30
N ALA A 65 -0.87 2.48 -9.38
CA ALA A 65 -1.35 1.62 -8.31
C ALA A 65 -1.92 2.44 -7.15
N VAL A 66 -1.34 3.60 -6.86
CA VAL A 66 -1.88 4.50 -5.84
C VAL A 66 -3.26 5.01 -6.26
N ALA A 67 -3.49 5.18 -7.56
CA ALA A 67 -4.78 5.62 -8.06
C ALA A 67 -5.69 4.45 -8.43
N GLY A 68 -5.15 3.22 -8.46
CA GLY A 68 -5.91 2.05 -8.86
C GLY A 68 -6.35 1.19 -7.68
N GLU A 69 -5.81 1.40 -6.48
CA GLU A 69 -6.09 0.54 -5.33
C GLU A 69 -6.41 1.34 -4.05
N ASP A 70 -6.02 2.62 -3.99
CA ASP A 70 -6.33 3.41 -2.81
C ASP A 70 -7.85 3.52 -2.64
N GLY A 71 -8.36 3.01 -1.51
CA GLY A 71 -9.79 3.07 -1.23
C GLY A 71 -10.51 1.89 -1.85
N ARG A 72 -9.76 0.90 -2.34
CA ARG A 72 -10.34 -0.36 -2.77
C ARG A 72 -10.67 -1.14 -1.51
N MET A 73 -11.40 -2.24 -1.64
CA MET A 73 -11.81 -3.01 -0.48
C MET A 73 -11.15 -4.38 -0.52
N ILE A 74 -10.38 -4.68 0.52
CA ILE A 74 -9.69 -5.96 0.63
C ILE A 74 -9.99 -6.59 1.98
N ALA A 75 -10.28 -7.90 1.98
CA ALA A 75 -10.71 -8.62 3.17
C ALA A 75 -11.92 -7.97 3.83
N GLY A 76 -12.63 -7.11 3.09
CA GLY A 76 -13.81 -6.40 3.61
C GLY A 76 -13.43 -5.08 4.26
N GLN A 77 -12.16 -4.69 4.21
CA GLN A 77 -11.68 -3.46 4.82
C GLN A 77 -10.97 -2.60 3.76
N VAL A 78 -11.32 -1.32 3.71
CA VAL A 78 -10.77 -0.35 2.76
C VAL A 78 -9.28 -0.16 3.01
N LEU A 79 -8.51 -0.01 1.93
CA LEU A 79 -7.08 0.23 2.02
C LEU A 79 -6.77 1.72 1.91
N ASP A 80 -5.62 2.11 2.46
CA ASP A 80 -5.11 3.48 2.39
C ASP A 80 -3.73 3.45 1.75
N ILE A 81 -3.68 3.73 0.45
CA ILE A 81 -2.47 3.53 -0.36
C ILE A 81 -1.93 4.88 -0.84
N ASN A 82 -0.60 5.01 -0.82
CA ASN A 82 0.08 6.26 -1.17
C ASN A 82 1.52 5.96 -1.58
N LEU A 83 2.20 6.92 -2.20
CA LEU A 83 3.62 6.76 -2.51
C LEU A 83 4.41 6.65 -1.20
N ALA A 84 5.54 5.95 -1.24
CA ALA A 84 6.37 5.73 -0.07
C ALA A 84 7.19 6.96 0.33
N ALA A 85 7.04 8.09 -0.39
CA ALA A 85 7.84 9.28 -0.12
C ALA A 85 7.00 10.55 -0.08
N GLU A 86 5.67 10.43 -0.20
CA GLU A 86 4.79 11.60 -0.25
C GLU A 86 3.56 11.41 0.63
N PRO A 87 3.70 11.07 1.92
CA PRO A 87 2.58 10.91 2.82
C PRO A 87 1.88 12.26 2.97
N LYS A 88 0.56 12.26 3.11
CA LYS A 88 -0.21 13.49 3.02
C LYS A 88 -1.37 13.58 4.02
N VAL A 89 -2.43 12.81 3.80
CA VAL A 89 -3.66 12.90 4.61
C VAL A 89 -4.25 11.53 4.94
N ASN A 90 -3.93 10.53 4.13
CA ASN A 90 -4.47 9.19 4.28
C ASN A 90 -3.55 8.29 5.11
N ARG A 91 -2.65 8.87 5.91
CA ARG A 91 -1.81 8.12 6.83
C ARG A 91 -2.31 8.39 8.24
N GLY A 92 -2.57 7.31 8.96
CA GLY A 92 -3.10 7.34 10.31
C GLY A 92 -2.80 6.02 11.02
N LYS A 93 -3.75 5.54 11.82
CA LYS A 93 -3.59 4.32 12.58
C LYS A 93 -4.84 3.44 12.52
N ALA A 94 -5.99 4.02 12.16
CA ALA A 94 -7.26 3.32 12.17
C ALA A 94 -8.16 3.82 11.04
N GLY A 95 -9.39 3.27 10.96
CA GLY A 95 -10.36 3.67 9.95
C GLY A 95 -10.87 5.09 10.17
N VAL A 96 -10.46 5.74 11.26
CA VAL A 96 -10.85 7.11 11.54
C VAL A 96 -10.07 8.06 10.64
N LYS A 97 -10.75 9.09 10.11
CA LYS A 97 -10.17 10.03 9.17
C LYS A 97 -10.24 11.47 9.69
N ARG A 98 -10.39 11.63 11.00
CA ARG A 98 -10.47 12.93 11.66
C ARG A 98 -9.28 13.16 12.57
N SER A 99 -9.19 14.38 13.12
CA SER A 99 -8.09 14.79 13.97
C SER A 99 -8.09 14.04 15.29
N ALA A 100 -9.19 13.32 15.59
CA ALA A 100 -9.40 12.63 16.86
C ALA A 100 -9.33 13.58 18.06
N ALA A 101 -9.29 14.90 17.80
CA ALA A 101 -9.25 15.92 18.83
C ALA A 101 -10.01 17.18 18.38
N GLU A 102 -10.65 17.14 17.20
CA GLU A 102 -11.37 18.28 16.65
C GLU A 102 -12.79 18.38 17.23
N MET A 103 -13.17 17.40 18.04
CA MET A 103 -14.49 17.33 18.65
C MET A 103 -14.43 17.56 20.16
N TYR A 104 -13.28 17.99 20.66
CA TYR A 104 -13.07 18.21 22.10
C TYR A 104 -12.52 19.60 22.37
N GLY A 105 -12.38 20.44 21.33
CA GLY A 105 -11.88 21.80 21.45
C GLY A 105 -12.87 22.69 22.19
N ALA A 1 7.87 -12.01 -6.99
CA ALA A 1 8.83 -10.89 -6.98
C ALA A 1 9.76 -10.98 -5.78
N SER A 2 10.78 -10.11 -5.73
CA SER A 2 11.74 -10.08 -4.64
C SER A 2 11.06 -9.66 -3.33
N ASN A 3 11.68 -9.99 -2.20
CA ASN A 3 11.14 -9.66 -0.89
C ASN A 3 11.62 -8.29 -0.41
N VAL A 4 12.43 -7.60 -1.22
CA VAL A 4 13.03 -6.33 -0.84
C VAL A 4 12.19 -5.14 -1.32
N THR A 5 11.98 -4.18 -0.42
CA THR A 5 11.17 -3.01 -0.67
C THR A 5 11.63 -1.79 0.13
N ASN A 6 12.76 -1.87 0.85
CA ASN A 6 13.15 -0.79 1.75
C ASN A 6 14.27 0.09 1.20
N LYS A 7 14.46 0.13 -0.12
CA LYS A 7 15.45 0.99 -0.74
C LYS A 7 15.06 2.45 -0.57
N THR A 8 16.05 3.33 -0.47
CA THR A 8 15.83 4.74 -0.16
C THR A 8 16.42 5.68 -1.21
N ASP A 9 16.64 5.19 -2.43
CA ASP A 9 17.18 6.02 -3.50
C ASP A 9 16.16 7.06 -3.94
N PRO A 10 16.63 8.15 -4.56
CA PRO A 10 15.80 9.28 -4.95
C PRO A 10 14.70 8.95 -5.95
N ARG A 11 14.60 7.69 -6.39
CA ARG A 11 13.60 7.26 -7.36
C ARG A 11 12.99 5.92 -6.95
N SER A 12 13.72 5.08 -6.21
CA SER A 12 13.20 3.79 -5.81
C SER A 12 12.16 3.93 -4.72
N MET A 13 12.24 4.98 -3.90
CA MET A 13 11.24 5.22 -2.88
C MET A 13 10.05 6.02 -3.43
N ASN A 14 10.06 6.31 -4.73
CA ASN A 14 8.94 6.97 -5.41
C ASN A 14 8.25 6.00 -6.37
N SER A 15 8.97 4.98 -6.85
CA SER A 15 8.39 3.87 -7.59
C SER A 15 7.85 2.81 -6.63
N ARG A 16 7.97 3.05 -5.32
CA ARG A 16 7.41 2.18 -4.30
C ARG A 16 6.04 2.70 -3.85
N VAL A 17 5.17 1.78 -3.44
CA VAL A 17 3.85 2.12 -2.95
C VAL A 17 3.64 1.53 -1.57
N PHE A 18 3.20 2.38 -0.65
CA PHE A 18 2.85 1.99 0.71
C PHE A 18 1.38 1.62 0.74
N ILE A 19 1.04 0.48 1.35
CA ILE A 19 -0.32 -0.01 1.46
C ILE A 19 -0.64 -0.15 2.94
N GLY A 20 -1.05 0.96 3.54
CA GLY A 20 -1.43 0.97 4.94
C GLY A 20 -2.89 0.55 5.09
N ASN A 21 -3.36 0.45 6.34
CA ASN A 21 -4.70 0.02 6.65
C ASN A 21 -5.02 -1.27 5.88
N LEU A 22 -4.14 -2.27 5.97
CA LEU A 22 -4.32 -3.55 5.29
C LEU A 22 -4.81 -4.60 6.29
N ASN A 23 -5.70 -5.50 5.86
CA ASN A 23 -6.24 -6.50 6.75
C ASN A 23 -5.20 -7.55 7.12
N THR A 24 -4.35 -7.91 6.15
CA THR A 24 -3.25 -8.88 6.24
C THR A 24 -3.65 -10.27 6.74
N LEU A 25 -4.91 -10.48 7.12
CA LEU A 25 -5.40 -11.77 7.56
C LEU A 25 -5.93 -12.61 6.40
N VAL A 26 -6.18 -11.98 5.25
CA VAL A 26 -6.66 -12.67 4.06
C VAL A 26 -5.78 -12.37 2.85
N VAL A 27 -4.97 -11.30 2.93
CA VAL A 27 -4.07 -10.93 1.85
C VAL A 27 -2.62 -11.04 2.30
N LYS A 28 -1.79 -11.69 1.48
CA LYS A 28 -0.39 -11.97 1.77
C LYS A 28 0.52 -11.39 0.69
N LYS A 29 1.82 -11.53 0.92
CA LYS A 29 2.85 -11.05 0.02
C LYS A 29 2.90 -11.85 -1.28
N SER A 30 2.11 -12.91 -1.35
CA SER A 30 1.94 -13.72 -2.55
C SER A 30 0.63 -13.37 -3.25
N ASP A 31 -0.12 -12.40 -2.71
CA ASP A 31 -1.39 -11.95 -3.26
C ASP A 31 -1.30 -10.49 -3.68
N VAL A 32 -0.50 -9.68 -2.97
CA VAL A 32 -0.31 -8.29 -3.33
C VAL A 32 0.38 -8.22 -4.69
N GLU A 33 1.24 -9.20 -4.99
CA GLU A 33 1.93 -9.27 -6.27
C GLU A 33 1.04 -9.84 -7.37
N ALA A 34 -0.27 -10.00 -7.09
CA ALA A 34 -1.26 -10.45 -8.05
C ALA A 34 -2.45 -9.49 -8.11
N ILE A 35 -2.49 -8.52 -7.19
CA ILE A 35 -3.56 -7.52 -7.14
C ILE A 35 -3.03 -6.16 -7.56
N PHE A 36 -1.72 -5.92 -7.38
CA PHE A 36 -1.10 -4.66 -7.75
C PHE A 36 -0.28 -4.82 -9.04
N SER A 37 -0.13 -6.05 -9.53
CA SER A 37 0.63 -6.32 -10.74
C SER A 37 -0.12 -5.87 -11.99
N LYS A 38 -1.42 -5.60 -11.84
CA LYS A 38 -2.27 -5.14 -12.93
C LYS A 38 -2.10 -3.64 -13.20
N TYR A 39 -1.43 -2.92 -12.30
CA TYR A 39 -1.17 -1.48 -12.48
C TYR A 39 0.29 -1.21 -12.83
N GLY A 40 1.16 -2.19 -12.61
CA GLY A 40 2.55 -2.07 -13.00
C GLY A 40 3.34 -3.36 -12.75
N LYS A 41 4.49 -3.46 -13.39
CA LYS A 41 5.39 -4.60 -13.23
C LYS A 41 6.06 -4.50 -11.86
N ILE A 42 5.75 -5.45 -10.98
CA ILE A 42 6.29 -5.46 -9.63
C ILE A 42 7.67 -6.12 -9.64
N VAL A 43 8.66 -5.43 -9.07
CA VAL A 43 10.03 -5.92 -8.97
C VAL A 43 10.36 -6.34 -7.54
N GLY A 44 9.42 -6.09 -6.61
CA GLY A 44 9.56 -6.49 -5.23
C GLY A 44 8.25 -6.28 -4.49
N CYS A 45 7.94 -7.14 -3.52
CA CYS A 45 6.73 -7.06 -2.75
C CYS A 45 6.97 -7.61 -1.35
N SER A 46 6.34 -6.99 -0.35
CA SER A 46 6.42 -7.43 1.03
C SER A 46 5.15 -7.06 1.78
N VAL A 47 4.77 -7.89 2.75
CA VAL A 47 3.63 -7.62 3.61
C VAL A 47 4.08 -7.68 5.07
N HIS A 48 3.44 -6.85 5.90
CA HIS A 48 3.78 -6.69 7.30
C HIS A 48 2.47 -6.68 8.09
N LYS A 49 2.52 -6.34 9.38
CA LYS A 49 1.30 -6.27 10.17
C LYS A 49 0.63 -4.92 9.97
N GLY A 50 -0.61 -4.93 9.46
CA GLY A 50 -1.41 -3.73 9.26
C GLY A 50 -1.02 -2.94 8.00
N PHE A 51 0.10 -3.29 7.34
CA PHE A 51 0.54 -2.59 6.14
C PHE A 51 1.32 -3.52 5.20
N ALA A 52 1.53 -3.07 3.97
CA ALA A 52 2.34 -3.78 2.99
C ALA A 52 3.08 -2.79 2.09
N PHE A 53 3.99 -3.30 1.26
CA PHE A 53 4.78 -2.49 0.34
C PHE A 53 4.90 -3.18 -1.02
N VAL A 54 4.90 -2.38 -2.09
CA VAL A 54 5.05 -2.87 -3.46
C VAL A 54 6.03 -1.98 -4.21
N GLN A 55 6.93 -2.60 -4.98
CA GLN A 55 7.96 -1.89 -5.70
C GLN A 55 7.77 -2.05 -7.20
N TYR A 56 7.79 -0.94 -7.93
CA TYR A 56 7.64 -0.94 -9.39
C TYR A 56 8.94 -0.54 -10.07
N VAL A 57 8.94 -0.59 -11.41
CA VAL A 57 10.10 -0.21 -12.21
C VAL A 57 10.27 1.31 -12.20
N ASN A 58 9.17 2.07 -12.09
CA ASN A 58 9.26 3.52 -12.03
C ASN A 58 8.04 4.14 -11.35
N GLU A 59 8.11 5.45 -11.06
CA GLU A 59 7.05 6.18 -10.37
C GLU A 59 5.73 6.15 -11.14
N ARG A 60 5.77 6.07 -12.49
CA ARG A 60 4.53 6.03 -13.27
C ARG A 60 3.69 4.84 -12.85
N ASN A 61 4.32 3.69 -12.60
CA ASN A 61 3.60 2.50 -12.20
C ASN A 61 3.07 2.63 -10.78
N ALA A 62 3.74 3.46 -9.97
CA ALA A 62 3.32 3.69 -8.59
C ALA A 62 2.13 4.63 -8.54
N ARG A 63 2.11 5.64 -9.43
CA ARG A 63 1.00 6.58 -9.52
C ARG A 63 -0.25 5.86 -10.03
N ALA A 64 -0.06 4.78 -10.79
CA ALA A 64 -1.19 4.04 -11.33
C ALA A 64 -1.79 3.12 -10.26
N ALA A 65 -0.96 2.59 -9.36
CA ALA A 65 -1.45 1.72 -8.31
C ALA A 65 -2.03 2.51 -7.14
N VAL A 66 -1.44 3.68 -6.84
CA VAL A 66 -1.97 4.56 -5.80
C VAL A 66 -3.35 5.08 -6.21
N ALA A 67 -3.56 5.31 -7.51
CA ALA A 67 -4.85 5.79 -8.01
C ALA A 67 -5.78 4.63 -8.38
N GLY A 68 -5.26 3.40 -8.42
CA GLY A 68 -6.03 2.24 -8.81
C GLY A 68 -6.49 1.37 -7.64
N GLU A 69 -5.93 1.58 -6.45
CA GLU A 69 -6.21 0.71 -5.30
C GLU A 69 -6.50 1.49 -4.02
N ASP A 70 -6.10 2.75 -3.93
CA ASP A 70 -6.40 3.53 -2.74
C ASP A 70 -7.91 3.66 -2.56
N GLY A 71 -8.42 3.14 -1.45
CA GLY A 71 -9.86 3.22 -1.16
C GLY A 71 -10.60 2.06 -1.80
N ARG A 72 -9.86 1.06 -2.31
CA ARG A 72 -10.45 -0.18 -2.77
C ARG A 72 -10.79 -0.99 -1.53
N MET A 73 -11.55 -2.08 -1.68
CA MET A 73 -11.97 -2.86 -0.54
C MET A 73 -11.33 -4.23 -0.61
N ILE A 74 -10.55 -4.57 0.41
CA ILE A 74 -9.89 -5.85 0.48
C ILE A 74 -10.21 -6.53 1.81
N ALA A 75 -10.53 -7.82 1.77
CA ALA A 75 -10.97 -8.58 2.93
C ALA A 75 -12.17 -7.93 3.62
N GLY A 76 -12.86 -7.02 2.93
CA GLY A 76 -14.01 -6.31 3.47
C GLY A 76 -13.61 -5.01 4.16
N GLN A 77 -12.32 -4.64 4.11
CA GLN A 77 -11.81 -3.44 4.75
C GLN A 77 -11.09 -2.57 3.71
N VAL A 78 -11.44 -1.29 3.68
CA VAL A 78 -10.88 -0.30 2.75
C VAL A 78 -9.38 -0.14 2.99
N LEU A 79 -8.62 0.02 1.91
CA LEU A 79 -7.18 0.25 2.02
C LEU A 79 -6.84 1.73 1.93
N ASP A 80 -5.69 2.10 2.49
CA ASP A 80 -5.15 3.46 2.40
C ASP A 80 -3.78 3.37 1.76
N ILE A 81 -3.69 3.78 0.49
CA ILE A 81 -2.50 3.58 -0.32
C ILE A 81 -1.95 4.93 -0.82
N ASN A 82 -0.62 5.07 -0.77
CA ASN A 82 0.07 6.27 -1.22
C ASN A 82 1.53 5.91 -1.53
N LEU A 83 2.27 6.80 -2.20
CA LEU A 83 3.69 6.55 -2.46
C LEU A 83 4.45 6.48 -1.16
N ALA A 84 5.54 5.72 -1.15
CA ALA A 84 6.36 5.55 0.03
C ALA A 84 7.11 6.83 0.40
N ALA A 85 6.88 7.92 -0.35
CA ALA A 85 7.51 9.20 -0.09
C ALA A 85 6.48 10.33 -0.02
N GLU A 86 5.19 9.98 0.02
CA GLU A 86 4.11 10.98 0.07
C GLU A 86 3.03 10.56 1.07
N PRO A 87 3.33 10.57 2.38
CA PRO A 87 2.37 10.36 3.45
C PRO A 87 1.50 11.60 3.63
N LYS A 88 1.15 12.27 2.53
CA LYS A 88 0.42 13.53 2.50
C LYS A 88 -0.69 13.61 3.54
N VAL A 89 -1.59 12.62 3.52
CA VAL A 89 -2.77 12.57 4.37
C VAL A 89 -3.15 11.11 4.65
N ASN A 90 -2.87 10.22 3.69
CA ASN A 90 -3.36 8.85 3.72
C ASN A 90 -2.60 7.97 4.72
N ARG A 91 -1.69 8.55 5.52
CA ARG A 91 -0.95 7.77 6.51
C ARG A 91 -1.87 7.35 7.65
N GLY A 92 -2.91 8.14 7.95
CA GLY A 92 -3.85 7.84 9.01
C GLY A 92 -3.12 7.44 10.28
N LYS A 93 -3.59 6.36 10.91
CA LYS A 93 -2.98 5.84 12.12
C LYS A 93 -3.25 4.34 12.29
N ALA A 94 -4.50 3.91 12.08
CA ALA A 94 -4.89 2.53 12.33
C ALA A 94 -6.09 2.13 11.46
N GLY A 95 -6.39 0.83 11.43
CA GLY A 95 -7.50 0.29 10.67
C GLY A 95 -8.85 0.67 11.27
N VAL A 96 -8.84 1.23 12.49
CA VAL A 96 -10.04 1.74 13.13
C VAL A 96 -9.92 3.26 13.24
N LYS A 97 -10.99 3.97 12.85
CA LYS A 97 -11.01 5.42 12.82
C LYS A 97 -12.25 5.96 13.55
N ARG A 98 -12.84 5.12 14.41
CA ARG A 98 -14.02 5.44 15.18
C ARG A 98 -13.62 5.72 16.64
N SER A 99 -14.58 6.14 17.47
CA SER A 99 -14.34 6.38 18.89
C SER A 99 -13.91 5.12 19.63
N ALA A 100 -14.14 3.94 19.02
CA ALA A 100 -13.85 2.64 19.62
C ALA A 100 -14.49 2.48 21.01
N ALA A 101 -15.45 3.36 21.35
CA ALA A 101 -16.12 3.35 22.63
C ALA A 101 -17.57 3.82 22.50
N GLU A 102 -18.09 3.87 21.27
CA GLU A 102 -19.44 4.37 21.00
C GLU A 102 -20.52 3.41 21.50
N MET A 103 -20.13 2.26 22.06
CA MET A 103 -21.03 1.27 22.61
C MET A 103 -20.94 1.20 24.14
N TYR A 104 -20.17 2.13 24.75
CA TYR A 104 -19.96 2.14 26.19
C TYR A 104 -20.10 3.55 26.77
N GLY A 105 -20.42 4.53 25.92
CA GLY A 105 -20.58 5.91 26.33
C GLY A 105 -20.92 6.80 25.14
N ALA A 1 7.77 -12.09 -7.18
CA ALA A 1 8.69 -10.95 -7.13
C ALA A 1 9.64 -11.06 -5.94
N SER A 2 10.64 -10.18 -5.88
CA SER A 2 11.61 -10.17 -4.79
C SER A 2 10.94 -9.80 -3.46
N ASN A 3 11.56 -10.19 -2.35
CA ASN A 3 11.05 -9.91 -1.01
C ASN A 3 11.56 -8.56 -0.50
N VAL A 4 12.34 -7.84 -1.33
CA VAL A 4 12.93 -6.57 -0.94
C VAL A 4 12.07 -5.40 -1.41
N THR A 5 11.82 -4.45 -0.51
CA THR A 5 11.01 -3.26 -0.80
C THR A 5 11.51 -2.03 -0.03
N ASN A 6 12.68 -2.09 0.61
CA ASN A 6 13.18 -0.95 1.37
C ASN A 6 14.53 -0.47 0.84
N LYS A 7 14.50 0.69 0.18
CA LYS A 7 15.67 1.43 -0.30
C LYS A 7 15.33 2.91 -0.25
N THR A 8 16.34 3.78 -0.33
CA THR A 8 16.11 5.22 -0.19
C THR A 8 16.70 6.03 -1.35
N ASP A 9 16.93 5.40 -2.50
CA ASP A 9 17.44 6.08 -3.68
C ASP A 9 16.40 7.10 -4.18
N PRO A 10 16.84 8.16 -4.86
CA PRO A 10 15.98 9.22 -5.35
C PRO A 10 15.02 8.76 -6.44
N ARG A 11 14.96 7.45 -6.71
CA ARG A 11 14.06 6.90 -7.71
C ARG A 11 13.43 5.58 -7.23
N SER A 12 14.14 4.83 -6.39
CA SER A 12 13.64 3.53 -5.94
C SER A 12 12.53 3.71 -4.91
N MET A 13 12.60 4.75 -4.08
CA MET A 13 11.55 4.99 -3.10
C MET A 13 10.38 5.79 -3.69
N ASN A 14 10.50 6.20 -4.95
CA ASN A 14 9.42 6.88 -5.66
C ASN A 14 8.73 5.90 -6.63
N SER A 15 9.40 4.80 -6.94
CA SER A 15 8.82 3.71 -7.73
C SER A 15 8.17 2.67 -6.81
N ARG A 16 7.95 3.04 -5.54
CA ARG A 16 7.42 2.17 -4.51
C ARG A 16 6.03 2.64 -4.09
N VAL A 17 5.22 1.72 -3.54
CA VAL A 17 3.90 2.07 -3.03
C VAL A 17 3.71 1.53 -1.62
N PHE A 18 3.19 2.39 -0.74
CA PHE A 18 2.84 2.03 0.62
C PHE A 18 1.37 1.63 0.67
N ILE A 19 1.08 0.50 1.32
CA ILE A 19 -0.28 -0.01 1.44
C ILE A 19 -0.62 -0.11 2.91
N GLY A 20 -1.06 1.00 3.49
CA GLY A 20 -1.44 1.06 4.88
C GLY A 20 -2.87 0.56 5.09
N ASN A 21 -3.28 0.42 6.35
CA ASN A 21 -4.60 -0.05 6.70
C ASN A 21 -4.97 -1.33 5.95
N LEU A 22 -4.07 -2.33 5.95
CA LEU A 22 -4.29 -3.59 5.28
C LEU A 22 -4.76 -4.65 6.28
N ASN A 23 -5.64 -5.56 5.86
CA ASN A 23 -6.19 -6.58 6.75
C ASN A 23 -5.12 -7.61 7.13
N THR A 24 -4.29 -7.99 6.15
CA THR A 24 -3.20 -8.95 6.26
C THR A 24 -3.60 -10.35 6.75
N LEU A 25 -4.88 -10.56 7.09
CA LEU A 25 -5.38 -11.85 7.52
C LEU A 25 -5.88 -12.68 6.35
N VAL A 26 -6.13 -12.03 5.20
CA VAL A 26 -6.60 -12.71 4.00
C VAL A 26 -5.70 -12.38 2.80
N VAL A 27 -4.90 -11.31 2.89
CA VAL A 27 -3.98 -10.94 1.83
C VAL A 27 -2.54 -11.07 2.28
N LYS A 28 -1.72 -11.72 1.45
CA LYS A 28 -0.32 -11.99 1.75
C LYS A 28 0.59 -11.40 0.66
N LYS A 29 1.89 -11.55 0.86
CA LYS A 29 2.91 -11.06 -0.06
C LYS A 29 2.96 -11.87 -1.35
N SER A 30 2.17 -12.94 -1.40
CA SER A 30 1.98 -13.76 -2.60
C SER A 30 0.66 -13.40 -3.29
N ASP A 31 -0.08 -12.44 -2.73
CA ASP A 31 -1.35 -11.98 -3.27
C ASP A 31 -1.27 -10.52 -3.71
N VAL A 32 -0.47 -9.71 -3.00
CA VAL A 32 -0.28 -8.31 -3.37
C VAL A 32 0.39 -8.24 -4.74
N GLU A 33 1.24 -9.23 -5.04
CA GLU A 33 1.93 -9.29 -6.33
C GLU A 33 1.03 -9.85 -7.43
N ALA A 34 -0.26 -10.03 -7.12
CA ALA A 34 -1.26 -10.48 -8.09
C ALA A 34 -2.45 -9.52 -8.13
N ILE A 35 -2.48 -8.55 -7.22
CA ILE A 35 -3.55 -7.54 -7.17
C ILE A 35 -3.02 -6.18 -7.60
N PHE A 36 -1.72 -5.93 -7.41
CA PHE A 36 -1.09 -4.68 -7.78
C PHE A 36 -0.30 -4.82 -9.07
N SER A 37 -0.14 -6.06 -9.56
CA SER A 37 0.61 -6.32 -10.78
C SER A 37 -0.14 -5.84 -12.03
N LYS A 38 -1.42 -5.56 -11.88
CA LYS A 38 -2.26 -5.07 -12.97
C LYS A 38 -2.11 -3.58 -13.20
N TYR A 39 -1.43 -2.86 -12.29
CA TYR A 39 -1.18 -1.43 -12.44
C TYR A 39 0.28 -1.16 -12.78
N GLY A 40 1.15 -2.16 -12.61
CA GLY A 40 2.54 -2.05 -13.02
C GLY A 40 3.30 -3.34 -12.80
N LYS A 41 4.45 -3.48 -13.48
CA LYS A 41 5.31 -4.63 -13.34
C LYS A 41 6.00 -4.57 -11.98
N ILE A 42 5.69 -5.52 -11.10
CA ILE A 42 6.24 -5.55 -9.75
C ILE A 42 7.61 -6.20 -9.78
N VAL A 43 8.59 -5.54 -9.18
CA VAL A 43 9.97 -6.05 -9.09
C VAL A 43 10.29 -6.45 -7.65
N GLY A 44 9.38 -6.16 -6.72
CA GLY A 44 9.54 -6.53 -5.32
C GLY A 44 8.22 -6.31 -4.58
N CYS A 45 7.93 -7.17 -3.60
CA CYS A 45 6.70 -7.09 -2.83
C CYS A 45 6.94 -7.64 -1.43
N SER A 46 6.30 -7.04 -0.43
CA SER A 46 6.38 -7.51 0.95
C SER A 46 5.13 -7.11 1.71
N VAL A 47 4.75 -7.94 2.69
CA VAL A 47 3.61 -7.66 3.54
C VAL A 47 4.05 -7.74 5.00
N HIS A 48 3.42 -6.91 5.83
CA HIS A 48 3.73 -6.78 7.24
C HIS A 48 2.41 -6.81 8.01
N LYS A 49 2.42 -6.44 9.29
CA LYS A 49 1.17 -6.36 10.05
C LYS A 49 0.56 -4.97 9.92
N GLY A 50 -0.65 -4.92 9.38
CA GLY A 50 -1.39 -3.68 9.19
C GLY A 50 -1.00 -2.92 7.93
N PHE A 51 0.12 -3.28 7.29
CA PHE A 51 0.55 -2.61 6.07
C PHE A 51 1.32 -3.55 5.15
N ALA A 52 1.56 -3.09 3.92
CA ALA A 52 2.35 -3.81 2.93
C ALA A 52 3.08 -2.82 2.03
N PHE A 53 3.99 -3.34 1.18
CA PHE A 53 4.77 -2.54 0.28
C PHE A 53 4.90 -3.24 -1.08
N VAL A 54 4.97 -2.43 -2.14
CA VAL A 54 5.13 -2.91 -3.50
C VAL A 54 6.16 -2.04 -4.20
N GLN A 55 6.92 -2.64 -5.12
CA GLN A 55 7.97 -1.95 -5.84
C GLN A 55 7.75 -2.15 -7.34
N TYR A 56 7.83 -1.05 -8.10
CA TYR A 56 7.64 -1.07 -9.54
C TYR A 56 8.93 -0.68 -10.25
N VAL A 57 8.90 -0.75 -11.59
CA VAL A 57 10.05 -0.40 -12.40
C VAL A 57 10.26 1.12 -12.37
N ASN A 58 9.19 1.90 -12.22
CA ASN A 58 9.30 3.35 -12.14
C ASN A 58 8.12 3.99 -11.40
N GLU A 59 8.28 5.26 -11.03
CA GLU A 59 7.26 6.02 -10.32
C GLU A 59 5.93 6.09 -11.07
N ARG A 60 5.93 6.04 -12.41
CA ARG A 60 4.68 6.09 -13.15
C ARG A 60 3.79 4.91 -12.76
N ASN A 61 4.40 3.75 -12.53
CA ASN A 61 3.63 2.57 -12.14
C ASN A 61 3.14 2.71 -10.69
N ALA A 62 3.83 3.51 -9.88
CA ALA A 62 3.42 3.73 -8.50
C ALA A 62 2.21 4.67 -8.45
N ARG A 63 2.20 5.69 -9.32
CA ARG A 63 1.08 6.62 -9.39
C ARG A 63 -0.17 5.92 -9.90
N ALA A 64 0.00 4.86 -10.70
CA ALA A 64 -1.12 4.13 -11.25
C ALA A 64 -1.75 3.21 -10.21
N ALA A 65 -0.93 2.65 -9.31
CA ALA A 65 -1.43 1.76 -8.28
C ALA A 65 -1.96 2.55 -7.07
N VAL A 66 -1.35 3.69 -6.75
CA VAL A 66 -1.86 4.53 -5.68
C VAL A 66 -3.24 5.08 -6.04
N ALA A 67 -3.48 5.35 -7.33
CA ALA A 67 -4.78 5.83 -7.78
C ALA A 67 -5.70 4.68 -8.22
N GLY A 68 -5.17 3.46 -8.34
CA GLY A 68 -5.93 2.31 -8.80
C GLY A 68 -6.40 1.38 -7.67
N GLU A 69 -5.83 1.52 -6.46
CA GLU A 69 -6.14 0.59 -5.37
C GLU A 69 -6.47 1.32 -4.07
N ASP A 70 -6.13 2.60 -3.93
CA ASP A 70 -6.49 3.33 -2.73
C ASP A 70 -8.00 3.34 -2.55
N GLY A 71 -8.49 2.79 -1.44
CA GLY A 71 -9.91 2.78 -1.13
C GLY A 71 -10.69 1.71 -1.90
N ARG A 72 -9.99 0.69 -2.43
CA ARG A 72 -10.59 -0.33 -3.28
C ARG A 72 -11.33 -1.42 -2.50
N MET A 73 -10.98 -1.52 -1.23
CA MET A 73 -11.54 -2.43 -0.23
C MET A 73 -11.08 -3.86 -0.46
N ILE A 74 -10.43 -4.41 0.57
CA ILE A 74 -9.87 -5.73 0.52
C ILE A 74 -10.17 -6.48 1.81
N ALA A 75 -10.50 -7.77 1.71
CA ALA A 75 -10.92 -8.57 2.84
C ALA A 75 -12.11 -7.96 3.59
N GLY A 76 -12.81 -7.00 2.96
CA GLY A 76 -13.94 -6.33 3.56
C GLY A 76 -13.53 -5.06 4.32
N GLN A 77 -12.25 -4.70 4.26
CA GLN A 77 -11.71 -3.52 4.93
C GLN A 77 -11.01 -2.61 3.92
N VAL A 78 -11.32 -1.31 3.97
CA VAL A 78 -10.80 -0.32 3.04
C VAL A 78 -9.29 -0.17 3.22
N LEU A 79 -8.55 -0.05 2.11
CA LEU A 79 -7.11 0.18 2.15
C LEU A 79 -6.80 1.66 2.07
N ASP A 80 -5.63 2.04 2.58
CA ASP A 80 -5.13 3.41 2.53
C ASP A 80 -3.76 3.38 1.88
N ILE A 81 -3.73 3.63 0.57
CA ILE A 81 -2.53 3.45 -0.25
C ILE A 81 -2.00 4.81 -0.69
N ASN A 82 -0.67 4.97 -0.65
CA ASN A 82 -0.02 6.23 -0.95
C ASN A 82 1.40 5.97 -1.47
N LEU A 83 1.97 6.93 -2.20
CA LEU A 83 3.35 6.85 -2.64
C LEU A 83 4.27 6.77 -1.41
N ALA A 84 5.31 5.94 -1.47
CA ALA A 84 6.19 5.70 -0.33
C ALA A 84 7.09 6.89 0.00
N ALA A 85 6.98 8.00 -0.72
CA ALA A 85 7.86 9.14 -0.51
C ALA A 85 7.10 10.47 -0.43
N GLU A 86 5.77 10.43 -0.49
CA GLU A 86 4.96 11.65 -0.47
C GLU A 86 3.72 11.43 0.41
N PRO A 87 3.90 11.17 1.71
CA PRO A 87 2.79 11.00 2.65
C PRO A 87 2.04 12.31 2.82
N LYS A 88 0.77 12.23 3.22
CA LYS A 88 -0.10 13.38 3.31
C LYS A 88 -1.07 13.26 4.48
N VAL A 89 -2.29 12.80 4.21
CA VAL A 89 -3.35 12.65 5.21
C VAL A 89 -3.86 11.21 5.28
N ASN A 90 -3.49 10.42 4.28
CA ASN A 90 -3.95 9.03 4.16
C ASN A 90 -3.14 8.09 5.04
N ARG A 91 -2.39 8.62 6.01
CA ARG A 91 -1.67 7.82 6.98
C ARG A 91 -2.05 8.26 8.39
N GLY A 92 -2.46 7.26 9.18
CA GLY A 92 -2.85 7.40 10.57
C GLY A 92 -2.78 6.03 11.20
N LYS A 93 -3.73 5.69 12.08
CA LYS A 93 -3.79 4.36 12.67
C LYS A 93 -5.20 3.80 12.65
N ALA A 94 -6.21 4.67 12.70
CA ALA A 94 -7.60 4.28 12.67
C ALA A 94 -8.49 5.48 12.32
N GLY A 95 -9.80 5.26 12.25
CA GLY A 95 -10.77 6.34 12.03
C GLY A 95 -10.86 7.26 13.24
N VAL A 96 -10.28 6.85 14.36
CA VAL A 96 -10.19 7.68 15.56
C VAL A 96 -8.78 8.22 15.70
N LYS A 97 -8.66 9.48 16.13
CA LYS A 97 -7.38 10.18 16.22
C LYS A 97 -7.02 10.51 17.66
N ARG A 98 -7.48 9.67 18.61
CA ARG A 98 -7.23 9.83 20.03
C ARG A 98 -6.86 8.48 20.63
N SER A 99 -6.40 8.46 21.89
CA SER A 99 -6.03 7.24 22.57
C SER A 99 -7.20 6.28 22.75
N ALA A 100 -8.44 6.76 22.54
CA ALA A 100 -9.66 5.99 22.73
C ALA A 100 -9.73 5.35 24.12
N ALA A 101 -8.90 5.83 25.05
CA ALA A 101 -8.83 5.31 26.41
C ALA A 101 -8.45 6.42 27.40
N GLU A 102 -8.56 7.68 26.96
CA GLU A 102 -8.16 8.82 27.78
C GLU A 102 -9.07 9.04 28.99
N MET A 103 -10.15 8.25 29.09
CA MET A 103 -11.09 8.32 30.20
C MET A 103 -10.91 7.13 31.16
N TYR A 104 -9.88 6.31 30.95
CA TYR A 104 -9.64 5.13 31.77
C TYR A 104 -8.18 5.02 32.19
N GLY A 105 -7.33 5.96 31.75
CA GLY A 105 -5.92 5.98 32.10
C GLY A 105 -5.17 4.79 31.50
N ALA A 1 7.85 -12.14 -7.13
CA ALA A 1 8.77 -10.99 -7.00
C ALA A 1 9.64 -11.16 -5.75
N SER A 2 10.70 -10.34 -5.64
CA SER A 2 11.60 -10.36 -4.50
C SER A 2 10.90 -9.88 -3.23
N ASN A 3 11.45 -10.23 -2.06
CA ASN A 3 10.88 -9.84 -0.78
C ASN A 3 11.43 -8.49 -0.31
N VAL A 4 12.23 -7.82 -1.14
CA VAL A 4 12.85 -6.55 -0.79
C VAL A 4 11.99 -5.38 -1.28
N THR A 5 11.78 -4.39 -0.42
CA THR A 5 11.00 -3.20 -0.73
C THR A 5 11.54 -1.96 -0.02
N ASN A 6 12.66 -2.05 0.69
CA ASN A 6 13.18 -0.92 1.43
C ASN A 6 14.35 -0.28 0.71
N LYS A 7 14.14 0.94 0.22
CA LYS A 7 15.14 1.75 -0.48
C LYS A 7 14.88 3.22 -0.20
N THR A 8 15.90 4.07 -0.32
CA THR A 8 15.77 5.50 -0.04
C THR A 8 16.36 6.35 -1.15
N ASP A 9 16.65 5.74 -2.31
CA ASP A 9 17.20 6.45 -3.46
C ASP A 9 16.17 7.43 -4.03
N PRO A 10 16.63 8.50 -4.70
CA PRO A 10 15.79 9.56 -5.24
C PRO A 10 14.91 9.09 -6.42
N ARG A 11 14.82 7.77 -6.64
CA ARG A 11 13.94 7.21 -7.65
C ARG A 11 13.36 5.88 -7.19
N SER A 12 14.12 5.11 -6.41
CA SER A 12 13.70 3.79 -5.96
C SER A 12 12.70 3.85 -4.82
N MET A 13 12.59 4.99 -4.13
CA MET A 13 11.55 5.13 -3.09
C MET A 13 10.32 5.83 -3.66
N ASN A 14 10.34 6.16 -4.95
CA ASN A 14 9.23 6.83 -5.61
C ASN A 14 8.51 5.87 -6.56
N SER A 15 9.19 4.79 -6.94
CA SER A 15 8.59 3.69 -7.69
C SER A 15 7.97 2.67 -6.73
N ARG A 16 7.98 2.96 -5.42
CA ARG A 16 7.38 2.11 -4.41
C ARG A 16 6.01 2.64 -4.01
N VAL A 17 5.14 1.74 -3.53
CA VAL A 17 3.82 2.09 -3.06
C VAL A 17 3.59 1.55 -1.66
N PHE A 18 3.11 2.41 -0.78
CA PHE A 18 2.73 2.06 0.58
C PHE A 18 1.28 1.58 0.58
N ILE A 19 1.01 0.47 1.26
CA ILE A 19 -0.33 -0.08 1.38
C ILE A 19 -0.67 -0.18 2.85
N GLY A 20 -1.13 0.93 3.42
CA GLY A 20 -1.53 1.01 4.81
C GLY A 20 -2.97 0.56 4.99
N ASN A 21 -3.42 0.44 6.24
CA ASN A 21 -4.76 0.00 6.57
C ASN A 21 -5.12 -1.28 5.81
N LEU A 22 -4.22 -2.27 5.84
CA LEU A 22 -4.42 -3.55 5.18
C LEU A 22 -4.86 -4.60 6.22
N ASN A 23 -5.70 -5.54 5.82
CA ASN A 23 -6.21 -6.53 6.76
C ASN A 23 -5.11 -7.52 7.18
N THR A 24 -4.24 -7.87 6.23
CA THR A 24 -3.10 -8.78 6.39
C THR A 24 -3.42 -10.12 7.02
N LEU A 25 -4.71 -10.43 7.22
CA LEU A 25 -5.17 -11.70 7.74
C LEU A 25 -5.72 -12.59 6.62
N VAL A 26 -5.96 -12.01 5.44
CA VAL A 26 -6.45 -12.75 4.29
C VAL A 26 -5.59 -12.47 3.07
N VAL A 27 -4.83 -11.37 3.07
CA VAL A 27 -3.93 -11.03 1.99
C VAL A 27 -2.47 -11.23 2.41
N LYS A 28 -1.66 -11.82 1.52
CA LYS A 28 -0.26 -12.13 1.77
C LYS A 28 0.59 -11.55 0.64
N LYS A 29 1.92 -11.60 0.82
CA LYS A 29 2.88 -11.10 -0.16
C LYS A 29 2.88 -11.91 -1.46
N SER A 30 2.11 -13.00 -1.48
CA SER A 30 1.91 -13.82 -2.67
C SER A 30 0.64 -13.40 -3.41
N ASP A 31 -0.19 -12.57 -2.76
CA ASP A 31 -1.43 -12.07 -3.31
C ASP A 31 -1.28 -10.63 -3.77
N VAL A 32 -0.46 -9.84 -3.07
CA VAL A 32 -0.26 -8.44 -3.43
C VAL A 32 0.44 -8.37 -4.78
N GLU A 33 1.28 -9.36 -5.08
CA GLU A 33 1.98 -9.43 -6.36
C GLU A 33 1.09 -9.97 -7.48
N ALA A 34 -0.21 -10.14 -7.19
CA ALA A 34 -1.19 -10.57 -8.19
C ALA A 34 -2.37 -9.61 -8.26
N ILE A 35 -2.44 -8.64 -7.32
CA ILE A 35 -3.50 -7.64 -7.28
C ILE A 35 -2.95 -6.28 -7.71
N PHE A 36 -1.66 -6.04 -7.47
CA PHE A 36 -1.01 -4.79 -7.83
C PHE A 36 -0.19 -4.94 -9.12
N SER A 37 -0.03 -6.17 -9.61
CA SER A 37 0.76 -6.43 -10.81
C SER A 37 0.02 -5.97 -12.06
N LYS A 38 -1.28 -5.69 -11.93
CA LYS A 38 -2.10 -5.23 -13.05
C LYS A 38 -1.98 -3.73 -13.27
N TYR A 39 -1.36 -3.01 -12.33
CA TYR A 39 -1.13 -1.56 -12.45
C TYR A 39 0.32 -1.25 -12.76
N GLY A 40 1.21 -2.23 -12.58
CA GLY A 40 2.61 -2.08 -12.95
C GLY A 40 3.40 -3.36 -12.73
N LYS A 41 4.54 -3.48 -13.39
CA LYS A 41 5.43 -4.62 -13.26
C LYS A 41 6.11 -4.55 -11.89
N ILE A 42 5.80 -5.53 -11.03
CA ILE A 42 6.35 -5.57 -9.68
C ILE A 42 7.73 -6.21 -9.70
N VAL A 43 8.70 -5.54 -9.10
CA VAL A 43 10.07 -6.03 -8.99
C VAL A 43 10.38 -6.46 -7.56
N GLY A 44 9.45 -6.20 -6.63
CA GLY A 44 9.58 -6.59 -5.24
C GLY A 44 8.27 -6.32 -4.50
N CYS A 45 7.96 -7.16 -3.51
CA CYS A 45 6.75 -7.01 -2.72
C CYS A 45 6.97 -7.62 -1.34
N SER A 46 6.36 -7.00 -0.32
CA SER A 46 6.44 -7.51 1.03
C SER A 46 5.18 -7.11 1.81
N VAL A 47 4.71 -8.01 2.68
CA VAL A 47 3.56 -7.77 3.52
C VAL A 47 3.96 -7.88 4.98
N HIS A 48 3.33 -7.07 5.81
CA HIS A 48 3.61 -6.96 7.24
C HIS A 48 2.28 -7.04 7.98
N LYS A 49 2.26 -6.62 9.26
CA LYS A 49 1.02 -6.63 10.01
C LYS A 49 0.36 -5.26 9.90
N GLY A 50 -0.81 -5.22 9.25
CA GLY A 50 -1.59 -4.00 9.08
C GLY A 50 -1.16 -3.19 7.86
N PHE A 51 -0.02 -3.51 7.23
CA PHE A 51 0.43 -2.78 6.07
C PHE A 51 1.24 -3.68 5.13
N ALA A 52 1.48 -3.20 3.91
CA ALA A 52 2.28 -3.89 2.91
C ALA A 52 3.01 -2.87 2.02
N PHE A 53 3.90 -3.37 1.16
CA PHE A 53 4.68 -2.55 0.24
C PHE A 53 4.83 -3.26 -1.11
N VAL A 54 4.84 -2.46 -2.18
CA VAL A 54 5.01 -2.95 -3.53
C VAL A 54 6.00 -2.06 -4.28
N GLN A 55 6.92 -2.66 -5.02
CA GLN A 55 7.96 -1.95 -5.73
C GLN A 55 7.77 -2.15 -7.23
N TYR A 56 7.80 -1.06 -7.99
CA TYR A 56 7.64 -1.09 -9.43
C TYR A 56 8.95 -0.70 -10.13
N VAL A 57 8.95 -0.74 -11.46
CA VAL A 57 10.12 -0.36 -12.25
C VAL A 57 10.32 1.15 -12.21
N ASN A 58 9.23 1.92 -12.11
CA ASN A 58 9.34 3.37 -12.04
C ASN A 58 8.14 4.02 -11.34
N GLU A 59 8.26 5.32 -11.04
CA GLU A 59 7.24 6.09 -10.36
C GLU A 59 5.91 6.09 -11.11
N ARG A 60 5.93 6.02 -12.45
CA ARG A 60 4.69 6.03 -13.21
C ARG A 60 3.82 4.85 -12.80
N ASN A 61 4.43 3.69 -12.54
CA ASN A 61 3.69 2.52 -12.14
C ASN A 61 3.16 2.67 -10.70
N ALA A 62 3.82 3.50 -9.89
CA ALA A 62 3.37 3.75 -8.53
C ALA A 62 2.15 4.66 -8.54
N ARG A 63 2.11 5.64 -9.44
CA ARG A 63 0.97 6.54 -9.53
C ARG A 63 -0.26 5.81 -10.06
N ALA A 64 -0.06 4.74 -10.84
CA ALA A 64 -1.16 3.99 -11.39
C ALA A 64 -1.78 3.06 -10.34
N ALA A 65 -0.95 2.53 -9.43
CA ALA A 65 -1.45 1.65 -8.39
C ALA A 65 -2.04 2.45 -7.22
N VAL A 66 -1.45 3.60 -6.90
CA VAL A 66 -1.96 4.47 -5.85
C VAL A 66 -3.33 5.02 -6.27
N ALA A 67 -3.56 5.20 -7.57
CA ALA A 67 -4.84 5.67 -8.07
C ALA A 67 -5.76 4.50 -8.48
N GLY A 68 -5.22 3.28 -8.52
CA GLY A 68 -5.98 2.11 -8.94
C GLY A 68 -6.44 1.23 -7.79
N GLU A 69 -5.93 1.43 -6.57
CA GLU A 69 -6.22 0.56 -5.43
C GLU A 69 -6.51 1.34 -4.15
N ASP A 70 -6.11 2.61 -4.06
CA ASP A 70 -6.40 3.39 -2.86
C ASP A 70 -7.91 3.51 -2.67
N GLY A 71 -8.43 2.98 -1.55
CA GLY A 71 -9.85 3.06 -1.25
C GLY A 71 -10.60 1.90 -1.87
N ARG A 72 -9.87 0.91 -2.40
CA ARG A 72 -10.46 -0.33 -2.85
C ARG A 72 -10.79 -1.15 -1.61
N MET A 73 -11.54 -2.23 -1.75
CA MET A 73 -11.96 -3.00 -0.60
C MET A 73 -11.31 -4.38 -0.67
N ILE A 74 -10.54 -4.72 0.36
CA ILE A 74 -9.86 -6.00 0.43
C ILE A 74 -10.15 -6.66 1.77
N ALA A 75 -10.45 -7.96 1.74
CA ALA A 75 -10.87 -8.70 2.91
C ALA A 75 -12.08 -8.07 3.60
N GLY A 76 -12.79 -7.18 2.90
CA GLY A 76 -13.95 -6.49 3.42
C GLY A 76 -13.57 -5.18 4.11
N GLN A 77 -12.29 -4.78 4.06
CA GLN A 77 -11.80 -3.57 4.67
C GLN A 77 -11.09 -2.69 3.63
N VAL A 78 -11.42 -1.40 3.61
CA VAL A 78 -10.87 -0.42 2.69
C VAL A 78 -9.38 -0.24 2.93
N LEU A 79 -8.61 -0.11 1.85
CA LEU A 79 -7.18 0.13 1.95
C LEU A 79 -6.85 1.61 1.89
N ASP A 80 -5.69 1.99 2.44
CA ASP A 80 -5.16 3.34 2.37
C ASP A 80 -3.79 3.28 1.70
N ILE A 81 -3.76 3.54 0.40
CA ILE A 81 -2.58 3.35 -0.42
C ILE A 81 -2.04 4.70 -0.86
N ASN A 82 -0.71 4.83 -0.86
CA ASN A 82 -0.07 6.11 -1.12
C ASN A 82 1.35 5.93 -1.64
N LEU A 83 1.88 6.92 -2.34
CA LEU A 83 3.28 6.96 -2.77
C LEU A 83 4.15 6.88 -1.52
N ALA A 84 5.15 6.00 -1.51
CA ALA A 84 5.95 5.73 -0.32
C ALA A 84 6.81 6.90 0.16
N ALA A 85 6.75 8.06 -0.52
CA ALA A 85 7.58 9.21 -0.17
C ALA A 85 6.79 10.51 -0.13
N GLU A 86 5.48 10.46 -0.35
CA GLU A 86 4.63 11.64 -0.35
C GLU A 86 3.30 11.34 0.33
N PRO A 87 3.32 11.01 1.64
CA PRO A 87 2.12 10.69 2.39
C PRO A 87 1.13 11.85 2.32
N LYS A 88 -0.15 11.54 2.08
CA LYS A 88 -1.20 12.51 1.78
C LYS A 88 -1.20 13.71 2.73
N VAL A 89 -1.50 13.48 4.01
CA VAL A 89 -1.50 14.51 5.03
C VAL A 89 -1.05 13.92 6.37
N ASN A 90 -1.57 12.73 6.67
CA ASN A 90 -1.29 12.03 7.91
C ASN A 90 -1.22 10.54 7.62
N ARG A 91 -0.60 9.76 8.51
CA ARG A 91 -0.48 8.33 8.32
C ARG A 91 -1.77 7.61 8.72
N GLY A 92 -2.61 8.28 9.51
CA GLY A 92 -3.93 7.79 9.89
C GLY A 92 -3.88 6.84 11.08
N LYS A 93 -3.12 5.73 10.94
CA LYS A 93 -2.97 4.68 11.93
C LYS A 93 -4.27 4.03 12.41
N ALA A 94 -5.42 4.48 11.92
CA ALA A 94 -6.71 3.94 12.33
C ALA A 94 -7.72 4.08 11.19
N GLY A 95 -8.66 3.13 11.10
CA GLY A 95 -9.67 3.12 10.06
C GLY A 95 -10.83 4.07 10.36
N VAL A 96 -10.86 4.62 11.57
CA VAL A 96 -11.89 5.58 11.98
C VAL A 96 -11.30 6.98 11.95
N LYS A 97 -12.08 7.94 11.45
CA LYS A 97 -11.63 9.33 11.27
C LYS A 97 -12.44 10.31 12.13
N ARG A 98 -13.19 9.77 13.10
CA ARG A 98 -14.05 10.55 13.98
C ARG A 98 -13.86 10.13 15.43
N SER A 99 -14.52 10.85 16.33
CA SER A 99 -14.45 10.62 17.77
C SER A 99 -15.12 9.31 18.17
N ALA A 100 -15.87 8.69 17.25
CA ALA A 100 -16.63 7.47 17.50
C ALA A 100 -17.61 7.61 18.68
N ALA A 101 -17.81 8.84 19.17
CA ALA A 101 -18.71 9.13 20.27
C ALA A 101 -19.39 10.49 20.09
N GLU A 102 -19.16 11.15 18.95
CA GLU A 102 -19.68 12.48 18.66
C GLU A 102 -21.13 12.43 18.17
N MET A 103 -21.68 11.23 18.03
CA MET A 103 -23.04 11.01 17.54
C MET A 103 -23.96 10.49 18.64
N TYR A 104 -23.48 10.47 19.89
CA TYR A 104 -24.23 9.96 21.02
C TYR A 104 -24.18 10.91 22.22
N GLY A 105 -23.57 12.08 22.05
CA GLY A 105 -23.45 13.08 23.10
C GLY A 105 -24.81 13.67 23.46
N ALA A 1 8.20 -11.53 -5.67
CA ALA A 1 8.98 -10.64 -6.56
C ALA A 1 10.46 -10.65 -6.19
N SER A 2 10.82 -10.07 -5.04
CA SER A 2 12.21 -10.06 -4.57
C SER A 2 12.32 -10.11 -3.05
N ASN A 3 11.19 -10.03 -2.36
CA ASN A 3 11.12 -9.96 -0.90
C ASN A 3 11.88 -8.74 -0.35
N VAL A 4 12.16 -7.73 -1.19
CA VAL A 4 12.88 -6.54 -0.79
C VAL A 4 12.14 -5.29 -1.27
N THR A 5 12.00 -4.29 -0.40
CA THR A 5 11.26 -3.08 -0.70
C THR A 5 11.84 -1.85 0.01
N ASN A 6 12.91 -1.99 0.78
CA ASN A 6 13.45 -0.89 1.55
C ASN A 6 14.66 -0.27 0.84
N LYS A 7 14.42 0.85 0.14
CA LYS A 7 15.46 1.61 -0.55
C LYS A 7 15.12 3.09 -0.46
N THR A 8 16.13 3.96 -0.49
CA THR A 8 15.95 5.41 -0.36
C THR A 8 16.56 6.17 -1.52
N ASP A 9 16.84 5.47 -2.63
CA ASP A 9 17.39 6.07 -3.83
C ASP A 9 16.34 6.97 -4.50
N PRO A 10 16.80 7.94 -5.31
CA PRO A 10 15.96 8.98 -5.90
C PRO A 10 14.72 8.44 -6.62
N ARG A 11 14.85 7.25 -7.21
CA ARG A 11 13.79 6.66 -8.01
C ARG A 11 13.20 5.45 -7.33
N SER A 12 14.01 4.69 -6.59
CA SER A 12 13.51 3.49 -5.90
C SER A 12 12.50 3.85 -4.81
N MET A 13 12.58 5.04 -4.23
CA MET A 13 11.65 5.46 -3.20
C MET A 13 10.37 6.05 -3.80
N ASN A 14 10.44 6.52 -5.06
CA ASN A 14 9.26 7.08 -5.71
C ASN A 14 8.58 6.05 -6.61
N SER A 15 9.28 4.95 -6.90
CA SER A 15 8.71 3.81 -7.62
C SER A 15 8.11 2.79 -6.65
N ARG A 16 8.10 3.11 -5.35
CA ARG A 16 7.55 2.24 -4.31
C ARG A 16 6.17 2.73 -3.89
N VAL A 17 5.33 1.82 -3.42
CA VAL A 17 4.00 2.13 -2.94
C VAL A 17 3.80 1.54 -1.55
N PHE A 18 3.27 2.35 -0.64
CA PHE A 18 2.93 1.95 0.72
C PHE A 18 1.45 1.58 0.76
N ILE A 19 1.13 0.48 1.44
CA ILE A 19 -0.22 -0.03 1.55
C ILE A 19 -0.56 -0.14 3.03
N GLY A 20 -1.04 0.96 3.62
CA GLY A 20 -1.44 1.00 5.01
C GLY A 20 -2.88 0.50 5.17
N ASN A 21 -3.31 0.37 6.43
CA ASN A 21 -4.65 -0.08 6.77
C ASN A 21 -5.01 -1.37 6.02
N LEU A 22 -4.07 -2.32 5.95
CA LEU A 22 -4.24 -3.59 5.29
C LEU A 22 -4.68 -4.64 6.32
N ASN A 23 -5.55 -5.57 5.92
CA ASN A 23 -6.05 -6.57 6.86
C ASN A 23 -4.94 -7.54 7.28
N THR A 24 -4.07 -7.88 6.32
CA THR A 24 -2.90 -8.77 6.47
C THR A 24 -3.22 -10.13 7.11
N LEU A 25 -4.50 -10.44 7.29
CA LEU A 25 -4.95 -11.73 7.83
C LEU A 25 -5.49 -12.62 6.72
N VAL A 26 -5.78 -12.05 5.54
CA VAL A 26 -6.28 -12.79 4.39
C VAL A 26 -5.43 -12.52 3.16
N VAL A 27 -4.66 -11.43 3.18
CA VAL A 27 -3.76 -11.07 2.08
C VAL A 27 -2.31 -11.27 2.52
N LYS A 28 -1.47 -11.74 1.58
CA LYS A 28 -0.07 -12.03 1.85
C LYS A 28 0.79 -11.50 0.72
N LYS A 29 2.12 -11.57 0.90
CA LYS A 29 3.11 -11.09 -0.07
C LYS A 29 3.07 -11.90 -1.37
N SER A 30 2.27 -12.96 -1.41
CA SER A 30 2.05 -13.77 -2.61
C SER A 30 0.79 -13.35 -3.34
N ASP A 31 -0.04 -12.54 -2.66
CA ASP A 31 -1.28 -12.00 -3.20
C ASP A 31 -1.11 -10.56 -3.66
N VAL A 32 -0.29 -9.79 -2.95
CA VAL A 32 -0.04 -8.40 -3.32
C VAL A 32 0.61 -8.35 -4.70
N GLU A 33 1.44 -9.35 -5.02
CA GLU A 33 2.10 -9.41 -6.32
C GLU A 33 1.17 -9.93 -7.42
N ALA A 34 -0.12 -10.09 -7.11
CA ALA A 34 -1.11 -10.52 -8.08
C ALA A 34 -2.31 -9.56 -8.11
N ILE A 35 -2.35 -8.59 -7.20
CA ILE A 35 -3.41 -7.59 -7.13
C ILE A 35 -2.87 -6.22 -7.54
N PHE A 36 -1.57 -5.98 -7.34
CA PHE A 36 -0.94 -4.72 -7.69
C PHE A 36 -0.13 -4.86 -8.98
N SER A 37 0.04 -6.09 -9.47
CA SER A 37 0.81 -6.35 -10.68
C SER A 37 0.04 -5.92 -11.92
N LYS A 38 -1.25 -5.62 -11.77
CA LYS A 38 -2.11 -5.18 -12.87
C LYS A 38 -1.96 -3.68 -13.14
N TYR A 39 -1.32 -2.95 -12.23
CA TYR A 39 -1.09 -1.51 -12.41
C TYR A 39 0.36 -1.22 -12.79
N GLY A 40 1.25 -2.20 -12.59
CA GLY A 40 2.63 -2.07 -13.02
C GLY A 40 3.41 -3.35 -12.75
N LYS A 41 4.54 -3.51 -13.44
CA LYS A 41 5.42 -4.66 -13.24
C LYS A 41 6.10 -4.53 -11.89
N ILE A 42 5.82 -5.48 -11.00
CA ILE A 42 6.38 -5.48 -9.66
C ILE A 42 7.78 -6.09 -9.69
N VAL A 43 8.74 -5.40 -9.07
CA VAL A 43 10.13 -5.83 -9.00
C VAL A 43 10.52 -6.14 -7.55
N GLY A 44 9.59 -5.93 -6.62
CA GLY A 44 9.79 -6.23 -5.21
C GLY A 44 8.49 -6.08 -4.45
N CYS A 45 8.31 -6.89 -3.40
CA CYS A 45 7.10 -6.86 -2.60
C CYS A 45 7.38 -7.39 -1.20
N SER A 46 6.65 -6.88 -0.22
CA SER A 46 6.77 -7.34 1.16
C SER A 46 5.51 -6.98 1.92
N VAL A 47 5.03 -7.89 2.77
CA VAL A 47 3.87 -7.64 3.61
C VAL A 47 4.29 -7.69 5.08
N HIS A 48 3.59 -6.94 5.91
CA HIS A 48 3.85 -6.83 7.33
C HIS A 48 2.53 -6.91 8.07
N LYS A 49 2.49 -6.54 9.35
CA LYS A 49 1.24 -6.52 10.09
C LYS A 49 0.59 -5.14 9.95
N GLY A 50 -0.62 -5.12 9.38
CA GLY A 50 -1.40 -3.90 9.19
C GLY A 50 -0.97 -3.07 7.97
N PHE A 51 0.16 -3.41 7.34
CA PHE A 51 0.62 -2.69 6.15
C PHE A 51 1.44 -3.60 5.24
N ALA A 52 1.70 -3.11 4.02
CA ALA A 52 2.51 -3.80 3.04
C ALA A 52 3.24 -2.79 2.15
N PHE A 53 4.15 -3.28 1.30
CA PHE A 53 4.93 -2.47 0.38
C PHE A 53 5.06 -3.17 -0.97
N VAL A 54 5.07 -2.37 -2.04
CA VAL A 54 5.22 -2.85 -3.41
C VAL A 54 6.21 -1.96 -4.16
N GLN A 55 7.05 -2.56 -4.99
CA GLN A 55 8.06 -1.83 -5.74
C GLN A 55 7.84 -2.05 -7.23
N TYR A 56 7.90 -0.97 -8.01
CA TYR A 56 7.70 -1.00 -9.45
C TYR A 56 8.98 -0.62 -10.19
N VAL A 57 8.94 -0.74 -11.53
CA VAL A 57 10.05 -0.38 -12.38
C VAL A 57 10.27 1.12 -12.37
N ASN A 58 9.19 1.90 -12.21
CA ASN A 58 9.32 3.35 -12.12
C ASN A 58 8.13 3.99 -11.41
N GLU A 59 8.26 5.29 -11.07
CA GLU A 59 7.24 6.05 -10.38
C GLU A 59 5.90 6.06 -11.12
N ARG A 60 5.89 6.00 -12.46
CA ARG A 60 4.64 6.00 -13.20
C ARG A 60 3.78 4.82 -12.77
N ASN A 61 4.40 3.66 -12.54
CA ASN A 61 3.66 2.48 -12.13
C ASN A 61 3.18 2.63 -10.69
N ALA A 62 3.86 3.45 -9.88
CA ALA A 62 3.46 3.69 -8.51
C ALA A 62 2.26 4.62 -8.45
N ARG A 63 2.23 5.62 -9.33
CA ARG A 63 1.11 6.56 -9.39
C ARG A 63 -0.15 5.84 -9.89
N ALA A 64 0.03 4.77 -10.66
CA ALA A 64 -1.12 4.03 -11.20
C ALA A 64 -1.71 3.10 -10.16
N ALA A 65 -0.86 2.55 -9.27
CA ALA A 65 -1.35 1.66 -8.22
C ALA A 65 -1.93 2.46 -7.05
N VAL A 66 -1.34 3.61 -6.74
CA VAL A 66 -1.86 4.49 -5.70
C VAL A 66 -3.24 5.01 -6.09
N ALA A 67 -3.46 5.25 -7.39
CA ALA A 67 -4.75 5.73 -7.86
C ALA A 67 -5.68 4.59 -8.25
N GLY A 68 -5.17 3.35 -8.30
CA GLY A 68 -5.97 2.19 -8.71
C GLY A 68 -6.41 1.31 -7.54
N GLU A 69 -5.85 1.49 -6.34
CA GLU A 69 -6.11 0.60 -5.21
C GLU A 69 -6.41 1.37 -3.92
N ASP A 70 -6.01 2.64 -3.82
CA ASP A 70 -6.30 3.41 -2.62
C ASP A 70 -7.81 3.53 -2.42
N GLY A 71 -8.34 2.97 -1.33
CA GLY A 71 -9.76 3.02 -1.04
C GLY A 71 -10.50 1.84 -1.67
N ARG A 72 -9.74 0.86 -2.20
CA ARG A 72 -10.32 -0.37 -2.67
C ARG A 72 -10.67 -1.20 -1.44
N MET A 73 -11.40 -2.31 -1.61
CA MET A 73 -11.81 -3.11 -0.47
C MET A 73 -11.14 -4.47 -0.56
N ILE A 74 -10.38 -4.81 0.47
CA ILE A 74 -9.69 -6.09 0.53
C ILE A 74 -9.98 -6.77 1.87
N ALA A 75 -10.24 -8.09 1.82
CA ALA A 75 -10.67 -8.85 2.98
C ALA A 75 -11.91 -8.24 3.65
N GLY A 76 -12.63 -7.38 2.92
CA GLY A 76 -13.80 -6.70 3.43
C GLY A 76 -13.47 -5.40 4.14
N GLN A 77 -12.19 -4.99 4.11
CA GLN A 77 -11.75 -3.76 4.75
C GLN A 77 -11.01 -2.87 3.74
N VAL A 78 -11.35 -1.57 3.75
CA VAL A 78 -10.77 -0.56 2.86
C VAL A 78 -9.28 -0.42 3.08
N LEU A 79 -8.52 -0.23 2.01
CA LEU A 79 -7.08 0.01 2.10
C LEU A 79 -6.76 1.50 2.05
N ASP A 80 -5.60 1.88 2.57
CA ASP A 80 -5.10 3.24 2.52
C ASP A 80 -3.72 3.22 1.86
N ILE A 81 -3.67 3.59 0.59
CA ILE A 81 -2.48 3.43 -0.23
C ILE A 81 -1.98 4.79 -0.73
N ASN A 82 -0.65 4.97 -0.72
CA ASN A 82 0.00 6.19 -1.19
C ASN A 82 1.46 5.90 -1.54
N LEU A 83 2.12 6.82 -2.23
CA LEU A 83 3.52 6.70 -2.55
C LEU A 83 4.33 6.58 -1.26
N ALA A 84 5.42 5.81 -1.27
CA ALA A 84 6.21 5.57 -0.08
C ALA A 84 6.95 6.82 0.42
N ALA A 85 6.81 7.95 -0.28
CA ALA A 85 7.46 9.19 0.09
C ALA A 85 6.52 10.39 -0.01
N GLU A 86 5.25 10.14 -0.31
CA GLU A 86 4.23 11.18 -0.43
C GLU A 86 2.91 10.68 0.17
N PRO A 87 2.85 10.48 1.49
CA PRO A 87 1.63 10.07 2.17
C PRO A 87 0.59 11.17 1.99
N LYS A 88 -0.68 10.78 1.84
CA LYS A 88 -1.77 11.68 1.45
C LYS A 88 -1.80 12.98 2.27
N VAL A 89 -2.04 12.87 3.58
CA VAL A 89 -2.12 14.05 4.44
C VAL A 89 -1.59 13.75 5.83
N ASN A 90 -1.96 12.59 6.39
CA ASN A 90 -1.63 12.30 7.78
C ASN A 90 -1.31 10.83 8.02
N ARG A 91 -1.30 10.01 6.97
CA ARG A 91 -1.20 8.56 7.04
C ARG A 91 -2.36 7.94 7.80
N GLY A 92 -2.46 8.19 9.11
CA GLY A 92 -3.52 7.69 9.96
C GLY A 92 -3.19 6.31 10.53
N LYS A 93 -4.01 5.87 11.48
CA LYS A 93 -3.81 4.59 12.17
C LYS A 93 -5.11 3.80 12.24
N ALA A 94 -6.21 4.36 11.75
CA ALA A 94 -7.51 3.72 11.77
C ALA A 94 -8.36 4.21 10.60
N GLY A 95 -8.37 3.45 9.50
CA GLY A 95 -9.11 3.80 8.31
C GLY A 95 -10.57 3.37 8.39
N VAL A 96 -10.93 2.63 9.44
CA VAL A 96 -12.30 2.17 9.65
C VAL A 96 -12.81 2.68 10.99
N LYS A 97 -14.04 3.20 10.99
CA LYS A 97 -14.70 3.75 12.17
C LYS A 97 -16.18 3.38 12.21
N ARG A 98 -16.57 2.36 11.44
CA ARG A 98 -17.95 1.88 11.37
C ARG A 98 -18.07 0.52 12.05
N SER A 99 -19.31 0.04 12.17
CA SER A 99 -19.61 -1.25 12.77
C SER A 99 -19.12 -2.41 11.91
N ALA A 100 -18.71 -2.14 10.66
CA ALA A 100 -18.30 -3.14 9.68
C ALA A 100 -19.36 -4.24 9.50
N ALA A 101 -20.58 -4.01 9.99
CA ALA A 101 -21.69 -4.96 9.90
C ALA A 101 -23.03 -4.23 9.81
N GLU A 102 -23.00 -2.90 9.67
CA GLU A 102 -24.20 -2.08 9.65
C GLU A 102 -24.74 -1.89 8.22
N MET A 103 -24.03 -2.46 7.23
CA MET A 103 -24.35 -2.29 5.83
C MET A 103 -24.50 -3.62 5.09
N TYR A 104 -24.53 -4.74 5.82
CA TYR A 104 -24.67 -6.07 5.24
C TYR A 104 -25.89 -6.80 5.81
N GLY A 105 -26.55 -6.19 6.81
CA GLY A 105 -27.74 -6.76 7.43
C GLY A 105 -27.41 -8.02 8.23
N ALA A 1 8.97 -11.51 -7.93
CA ALA A 1 9.27 -10.31 -7.11
C ALA A 1 10.15 -10.66 -5.91
N SER A 2 11.06 -9.77 -5.54
CA SER A 2 11.93 -9.96 -4.39
C SER A 2 11.21 -9.62 -3.09
N ASN A 3 11.82 -9.98 -1.96
CA ASN A 3 11.27 -9.67 -0.65
C ASN A 3 11.69 -8.27 -0.20
N VAL A 4 12.48 -7.57 -1.03
CA VAL A 4 13.05 -6.27 -0.67
C VAL A 4 12.18 -5.14 -1.21
N THR A 5 11.90 -4.16 -0.34
CA THR A 5 11.06 -3.02 -0.66
C THR A 5 11.52 -1.77 0.11
N ASN A 6 12.70 -1.79 0.73
CA ASN A 6 13.15 -0.69 1.57
C ASN A 6 14.30 0.10 0.95
N LYS A 7 14.33 0.20 -0.39
CA LYS A 7 15.33 1.00 -1.07
C LYS A 7 15.01 2.48 -0.89
N THR A 8 16.04 3.30 -0.69
CA THR A 8 15.89 4.71 -0.34
C THR A 8 16.47 5.64 -1.42
N ASP A 9 16.77 5.12 -2.60
CA ASP A 9 17.33 5.92 -3.68
C ASP A 9 16.32 6.96 -4.17
N PRO A 10 16.80 8.05 -4.79
CA PRO A 10 15.99 9.18 -5.20
C PRO A 10 14.90 8.86 -6.21
N ARG A 11 14.85 7.60 -6.69
CA ARG A 11 13.83 7.18 -7.65
C ARG A 11 13.24 5.83 -7.23
N SER A 12 14.01 5.01 -6.52
CA SER A 12 13.56 3.69 -6.10
C SER A 12 12.58 3.78 -4.94
N MET A 13 12.54 4.91 -4.23
CA MET A 13 11.53 5.08 -3.19
C MET A 13 10.29 5.79 -3.72
N ASN A 14 10.31 6.21 -4.99
CA ASN A 14 9.15 6.82 -5.63
C ASN A 14 8.46 5.81 -6.54
N SER A 15 9.17 4.76 -6.96
CA SER A 15 8.59 3.65 -7.70
C SER A 15 7.99 2.62 -6.74
N ARG A 16 7.96 2.93 -5.44
CA ARG A 16 7.38 2.07 -4.41
C ARG A 16 6.00 2.59 -4.03
N VAL A 17 5.13 1.68 -3.54
CA VAL A 17 3.80 2.03 -3.09
C VAL A 17 3.58 1.48 -1.69
N PHE A 18 3.09 2.35 -0.81
CA PHE A 18 2.72 2.02 0.56
C PHE A 18 1.26 1.60 0.58
N ILE A 19 0.95 0.47 1.23
CA ILE A 19 -0.41 -0.06 1.34
C ILE A 19 -0.75 -0.17 2.82
N GLY A 20 -1.21 0.93 3.41
CA GLY A 20 -1.61 0.96 4.80
C GLY A 20 -3.05 0.54 4.97
N ASN A 21 -3.50 0.44 6.23
CA ASN A 21 -4.86 0.04 6.57
C ASN A 21 -5.24 -1.25 5.84
N LEU A 22 -4.32 -2.22 5.81
CA LEU A 22 -4.52 -3.50 5.16
C LEU A 22 -4.95 -4.54 6.20
N ASN A 23 -5.79 -5.50 5.81
CA ASN A 23 -6.28 -6.51 6.74
C ASN A 23 -5.16 -7.45 7.18
N THR A 24 -4.27 -7.79 6.23
CA THR A 24 -3.10 -8.66 6.41
C THR A 24 -3.40 -10.02 7.05
N LEU A 25 -4.68 -10.36 7.21
CA LEU A 25 -5.11 -11.64 7.74
C LEU A 25 -5.60 -12.57 6.63
N VAL A 26 -5.85 -12.01 5.43
CA VAL A 26 -6.30 -12.78 4.28
C VAL A 26 -5.43 -12.48 3.06
N VAL A 27 -4.75 -11.32 3.06
CA VAL A 27 -3.85 -10.96 1.97
C VAL A 27 -2.41 -11.19 2.38
N LYS A 28 -1.62 -11.77 1.48
CA LYS A 28 -0.22 -12.09 1.69
C LYS A 28 0.59 -11.56 0.51
N LYS A 29 1.92 -11.63 0.62
CA LYS A 29 2.85 -11.16 -0.40
C LYS A 29 2.73 -11.98 -1.70
N SER A 30 1.96 -13.07 -1.65
CA SER A 30 1.70 -13.90 -2.82
C SER A 30 0.38 -13.50 -3.48
N ASP A 31 -0.34 -12.55 -2.87
CA ASP A 31 -1.60 -12.02 -3.37
C ASP A 31 -1.41 -10.59 -3.85
N VAL A 32 -0.57 -9.83 -3.17
CA VAL A 32 -0.28 -8.45 -3.55
C VAL A 32 0.38 -8.43 -4.93
N GLU A 33 1.14 -9.48 -5.26
CA GLU A 33 1.80 -9.60 -6.56
C GLU A 33 0.83 -10.08 -7.65
N ALA A 34 -0.46 -10.21 -7.32
CA ALA A 34 -1.48 -10.60 -8.28
C ALA A 34 -2.61 -9.56 -8.30
N ILE A 35 -2.58 -8.60 -7.38
CA ILE A 35 -3.60 -7.55 -7.30
C ILE A 35 -3.00 -6.19 -7.69
N PHE A 36 -1.71 -6.00 -7.49
CA PHE A 36 -1.03 -4.76 -7.83
C PHE A 36 -0.19 -4.92 -9.09
N SER A 37 -0.08 -6.15 -9.61
CA SER A 37 0.70 -6.42 -10.81
C SER A 37 -0.06 -5.99 -12.06
N LYS A 38 -1.34 -5.65 -11.92
CA LYS A 38 -2.18 -5.20 -13.03
C LYS A 38 -2.02 -3.70 -13.30
N TYR A 39 -1.36 -2.97 -12.39
CA TYR A 39 -1.12 -1.54 -12.56
C TYR A 39 0.35 -1.26 -12.89
N GLY A 40 1.22 -2.24 -12.66
CA GLY A 40 2.62 -2.12 -13.02
C GLY A 40 3.38 -3.43 -12.79
N LYS A 41 4.57 -3.53 -13.39
CA LYS A 41 5.44 -4.68 -13.25
C LYS A 41 6.10 -4.63 -11.87
N ILE A 42 5.77 -5.57 -11.01
CA ILE A 42 6.30 -5.62 -9.66
C ILE A 42 7.66 -6.30 -9.67
N VAL A 43 8.67 -5.62 -9.08
CA VAL A 43 10.03 -6.13 -8.99
C VAL A 43 10.35 -6.55 -7.56
N GLY A 44 9.49 -6.17 -6.62
CA GLY A 44 9.66 -6.51 -5.21
C GLY A 44 8.35 -6.30 -4.47
N CYS A 45 8.09 -7.11 -3.44
CA CYS A 45 6.88 -6.98 -2.65
C CYS A 45 7.12 -7.53 -1.25
N SER A 46 6.41 -6.96 -0.27
CA SER A 46 6.51 -7.43 1.11
C SER A 46 5.25 -7.03 1.87
N VAL A 47 4.70 -7.98 2.65
CA VAL A 47 3.55 -7.71 3.50
C VAL A 47 3.97 -7.74 4.97
N HIS A 48 3.30 -6.93 5.78
CA HIS A 48 3.58 -6.79 7.20
C HIS A 48 2.26 -6.87 7.95
N LYS A 49 2.23 -6.46 9.22
CA LYS A 49 0.98 -6.44 9.97
C LYS A 49 0.32 -5.07 9.85
N GLY A 50 -0.89 -5.04 9.28
CA GLY A 50 -1.66 -3.82 9.10
C GLY A 50 -1.25 -3.01 7.87
N PHE A 51 -0.13 -3.37 7.22
CA PHE A 51 0.33 -2.68 6.02
C PHE A 51 1.14 -3.60 5.11
N ALA A 52 1.40 -3.15 3.89
CA ALA A 52 2.22 -3.85 2.91
C ALA A 52 2.97 -2.85 2.03
N PHE A 53 3.88 -3.35 1.19
CA PHE A 53 4.68 -2.55 0.28
C PHE A 53 4.82 -3.26 -1.05
N VAL A 54 4.86 -2.47 -2.14
CA VAL A 54 5.02 -2.96 -3.50
C VAL A 54 6.02 -2.09 -4.23
N GLN A 55 6.91 -2.72 -4.99
CA GLN A 55 7.97 -2.03 -5.71
C GLN A 55 7.77 -2.22 -7.21
N TYR A 56 7.79 -1.12 -7.97
CA TYR A 56 7.62 -1.14 -9.41
C TYR A 56 8.93 -0.75 -10.10
N VAL A 57 8.92 -0.79 -11.44
CA VAL A 57 10.08 -0.41 -12.23
C VAL A 57 10.27 1.11 -12.21
N ASN A 58 9.18 1.88 -12.11
CA ASN A 58 9.29 3.33 -12.08
C ASN A 58 8.11 3.99 -11.36
N GLU A 59 8.26 5.29 -11.07
CA GLU A 59 7.28 6.08 -10.34
C GLU A 59 5.92 6.13 -11.04
N ARG A 60 5.89 6.01 -12.37
CA ARG A 60 4.62 6.02 -13.09
C ARG A 60 3.77 4.84 -12.67
N ASN A 61 4.39 3.66 -12.49
CA ASN A 61 3.64 2.49 -12.11
C ASN A 61 3.13 2.62 -10.68
N ALA A 62 3.83 3.40 -9.83
CA ALA A 62 3.41 3.61 -8.46
C ALA A 62 2.16 4.48 -8.42
N ARG A 63 2.11 5.52 -9.27
CA ARG A 63 0.98 6.43 -9.27
C ARG A 63 -0.25 5.79 -9.88
N ALA A 64 -0.07 4.74 -10.69
CA ALA A 64 -1.17 4.02 -11.29
C ALA A 64 -1.81 3.08 -10.27
N ALA A 65 -0.99 2.52 -9.36
CA ALA A 65 -1.50 1.63 -8.33
C ALA A 65 -2.06 2.43 -7.15
N VAL A 66 -1.46 3.58 -6.84
CA VAL A 66 -1.97 4.47 -5.80
C VAL A 66 -3.33 5.03 -6.20
N ALA A 67 -3.57 5.20 -7.50
CA ALA A 67 -4.86 5.69 -7.99
C ALA A 67 -5.78 4.54 -8.40
N GLY A 68 -5.26 3.32 -8.48
CA GLY A 68 -6.03 2.16 -8.92
C GLY A 68 -6.52 1.28 -7.77
N GLU A 69 -5.99 1.44 -6.56
CA GLU A 69 -6.29 0.56 -5.43
C GLU A 69 -6.60 1.33 -4.15
N ASP A 70 -6.22 2.60 -4.05
CA ASP A 70 -6.52 3.37 -2.85
C ASP A 70 -8.03 3.48 -2.67
N GLY A 71 -8.55 2.95 -1.56
CA GLY A 71 -9.97 3.00 -1.28
C GLY A 71 -10.71 1.83 -1.89
N ARG A 72 -9.96 0.85 -2.42
CA ARG A 72 -10.54 -0.39 -2.89
C ARG A 72 -10.88 -1.21 -1.65
N MET A 73 -11.61 -2.31 -1.80
CA MET A 73 -12.01 -3.10 -0.66
C MET A 73 -11.35 -4.46 -0.74
N ILE A 74 -10.58 -4.80 0.30
CA ILE A 74 -9.89 -6.08 0.36
C ILE A 74 -10.17 -6.76 1.70
N ALA A 75 -10.43 -8.06 1.65
CA ALA A 75 -10.85 -8.82 2.83
C ALA A 75 -12.08 -8.22 3.49
N GLY A 76 -12.81 -7.36 2.77
CA GLY A 76 -14.00 -6.69 3.29
C GLY A 76 -13.66 -5.37 3.97
N GLN A 77 -12.38 -4.95 3.94
CA GLN A 77 -11.94 -3.72 4.56
C GLN A 77 -11.21 -2.84 3.54
N VAL A 78 -11.55 -1.53 3.55
CA VAL A 78 -10.99 -0.53 2.65
C VAL A 78 -9.48 -0.37 2.87
N LEU A 79 -8.73 -0.19 1.79
CA LEU A 79 -7.29 0.06 1.89
C LEU A 79 -6.99 1.55 1.82
N ASP A 80 -5.83 1.94 2.35
CA ASP A 80 -5.33 3.31 2.29
C ASP A 80 -3.92 3.26 1.68
N ILE A 81 -3.83 3.59 0.39
CA ILE A 81 -2.63 3.40 -0.39
C ILE A 81 -2.06 4.75 -0.81
N ASN A 82 -0.73 4.89 -0.77
CA ASN A 82 -0.08 6.16 -1.02
C ASN A 82 1.32 5.96 -1.60
N LEU A 83 1.82 6.95 -2.34
CA LEU A 83 3.19 6.96 -2.83
C LEU A 83 4.14 6.93 -1.64
N ALA A 84 5.13 6.03 -1.64
CA ALA A 84 5.99 5.81 -0.48
C ALA A 84 6.90 6.99 -0.12
N ALA A 85 6.83 8.09 -0.85
CA ALA A 85 7.70 9.23 -0.61
C ALA A 85 6.92 10.55 -0.53
N GLU A 86 5.58 10.48 -0.61
CA GLU A 86 4.73 11.66 -0.53
C GLU A 86 3.49 11.35 0.30
N PRO A 87 3.65 11.03 1.60
CA PRO A 87 2.55 10.70 2.49
C PRO A 87 1.55 11.84 2.51
N LYS A 88 0.26 11.49 2.67
CA LYS A 88 -0.84 12.44 2.56
C LYS A 88 -0.76 13.56 3.59
N VAL A 89 -1.15 13.30 4.85
CA VAL A 89 -1.11 14.32 5.88
C VAL A 89 -0.76 13.76 7.25
N ASN A 90 -1.37 12.63 7.64
CA ASN A 90 -1.20 12.11 8.99
C ASN A 90 -0.83 10.63 9.01
N ARG A 91 -0.68 10.02 7.84
CA ARG A 91 -0.51 8.57 7.65
C ARG A 91 -1.71 7.76 8.13
N GLY A 92 -2.41 8.20 9.18
CA GLY A 92 -3.55 7.51 9.75
C GLY A 92 -3.11 6.31 10.59
N LYS A 93 -4.07 5.65 11.24
CA LYS A 93 -3.81 4.48 12.05
C LYS A 93 -4.95 3.47 11.97
N ALA A 94 -6.19 3.94 11.77
CA ALA A 94 -7.34 3.08 11.67
C ALA A 94 -8.47 3.79 10.94
N GLY A 95 -9.43 3.03 10.41
CA GLY A 95 -10.61 3.58 9.76
C GLY A 95 -11.65 4.02 10.79
N VAL A 96 -11.41 3.71 12.06
CA VAL A 96 -12.32 4.08 13.15
C VAL A 96 -11.96 5.48 13.64
N LYS A 97 -12.98 6.29 13.95
CA LYS A 97 -12.81 7.68 14.35
C LYS A 97 -13.43 7.96 15.71
N ARG A 98 -13.62 6.91 16.52
CA ARG A 98 -14.20 7.00 17.84
C ARG A 98 -13.34 6.30 18.89
N SER A 99 -13.72 6.44 20.17
CA SER A 99 -13.06 5.79 21.28
C SER A 99 -13.11 4.27 21.17
N ALA A 100 -14.00 3.76 20.30
CA ALA A 100 -14.24 2.34 20.10
C ALA A 100 -14.57 1.61 21.42
N ALA A 101 -14.88 2.37 22.46
CA ALA A 101 -15.22 1.85 23.78
C ALA A 101 -16.32 2.68 24.42
N GLU A 102 -16.96 3.55 23.63
CA GLU A 102 -17.99 4.45 24.11
C GLU A 102 -19.26 3.70 24.54
N MET A 103 -19.32 2.39 24.25
CA MET A 103 -20.46 1.55 24.57
C MET A 103 -20.19 0.68 25.81
N TYR A 104 -19.01 0.82 26.42
CA TYR A 104 -18.62 0.00 27.55
C TYR A 104 -18.02 0.84 28.69
N GLY A 105 -17.98 2.17 28.50
CA GLY A 105 -17.44 3.09 29.49
C GLY A 105 -18.34 3.17 30.72
N ALA A 1 7.94 -11.79 -5.93
CA ALA A 1 8.80 -10.96 -6.78
C ALA A 1 10.27 -11.08 -6.35
N SER A 2 10.65 -10.39 -5.26
CA SER A 2 12.03 -10.40 -4.76
C SER A 2 12.09 -10.33 -3.23
N ASN A 3 10.94 -10.23 -2.55
CA ASN A 3 10.85 -10.12 -1.10
C ASN A 3 11.66 -8.95 -0.54
N VAL A 4 11.85 -7.88 -1.34
CA VAL A 4 12.59 -6.70 -0.93
C VAL A 4 11.84 -5.45 -1.39
N THR A 5 11.73 -4.46 -0.49
CA THR A 5 11.01 -3.22 -0.76
C THR A 5 11.62 -2.02 -0.06
N ASN A 6 12.77 -2.18 0.62
CA ASN A 6 13.36 -1.10 1.39
C ASN A 6 14.60 -0.54 0.71
N LYS A 7 14.40 0.57 -0.02
CA LYS A 7 15.47 1.32 -0.68
C LYS A 7 15.14 2.80 -0.57
N THR A 8 16.17 3.66 -0.49
CA THR A 8 15.98 5.08 -0.24
C THR A 8 16.53 5.95 -1.37
N ASP A 9 16.80 5.35 -2.53
CA ASP A 9 17.29 6.09 -3.68
C ASP A 9 16.22 7.09 -4.17
N PRO A 10 16.65 8.20 -4.78
CA PRO A 10 15.76 9.29 -5.19
C PRO A 10 14.80 8.89 -6.31
N ARG A 11 14.84 7.63 -6.75
CA ARG A 11 13.94 7.12 -7.77
C ARG A 11 13.32 5.80 -7.34
N SER A 12 14.05 5.01 -6.55
CA SER A 12 13.58 3.70 -6.12
C SER A 12 12.59 3.81 -4.97
N MET A 13 12.57 4.93 -4.24
CA MET A 13 11.56 5.10 -3.20
C MET A 13 10.33 5.84 -3.74
N ASN A 14 10.37 6.28 -4.99
CA ASN A 14 9.23 6.90 -5.65
C ASN A 14 8.53 5.90 -6.56
N SER A 15 9.24 4.83 -6.96
CA SER A 15 8.65 3.72 -7.69
C SER A 15 8.06 2.69 -6.73
N ARG A 16 8.05 2.99 -5.43
CA ARG A 16 7.47 2.12 -4.40
C ARG A 16 6.11 2.66 -3.98
N VAL A 17 5.24 1.76 -3.52
CA VAL A 17 3.92 2.11 -3.03
C VAL A 17 3.71 1.54 -1.64
N PHE A 18 3.23 2.40 -0.74
CA PHE A 18 2.86 2.03 0.62
C PHE A 18 1.39 1.63 0.64
N ILE A 19 1.08 0.51 1.30
CA ILE A 19 -0.29 0.01 1.41
C ILE A 19 -0.64 -0.07 2.89
N GLY A 20 -1.11 1.05 3.44
CA GLY A 20 -1.52 1.12 4.83
C GLY A 20 -2.96 0.64 5.00
N ASN A 21 -3.39 0.53 6.26
CA ASN A 21 -4.72 0.06 6.62
C ASN A 21 -5.05 -1.23 5.87
N LEU A 22 -4.13 -2.19 5.89
CA LEU A 22 -4.32 -3.48 5.24
C LEU A 22 -4.79 -4.51 6.26
N ASN A 23 -5.67 -5.45 5.86
CA ASN A 23 -6.19 -6.44 6.78
C ASN A 23 -5.10 -7.42 7.22
N THR A 24 -4.23 -7.79 6.27
CA THR A 24 -3.09 -8.69 6.44
C THR A 24 -3.43 -10.06 7.05
N LEU A 25 -4.71 -10.33 7.29
CA LEU A 25 -5.17 -11.62 7.79
C LEU A 25 -5.65 -12.53 6.66
N VAL A 26 -5.88 -11.95 5.47
CA VAL A 26 -6.31 -12.71 4.29
C VAL A 26 -5.41 -12.40 3.10
N VAL A 27 -4.74 -11.26 3.10
CA VAL A 27 -3.83 -10.88 2.01
C VAL A 27 -2.39 -11.11 2.46
N LYS A 28 -1.59 -11.69 1.56
CA LYS A 28 -0.19 -12.01 1.81
C LYS A 28 0.66 -11.48 0.65
N LYS A 29 1.98 -11.54 0.79
CA LYS A 29 2.93 -11.10 -0.22
C LYS A 29 2.87 -11.94 -1.49
N SER A 30 2.07 -13.00 -1.47
CA SER A 30 1.81 -13.85 -2.63
C SER A 30 0.50 -13.45 -3.31
N ASP A 31 -0.20 -12.45 -2.75
CA ASP A 31 -1.46 -11.96 -3.27
C ASP A 31 -1.32 -10.51 -3.74
N VAL A 32 -0.48 -9.72 -3.06
CA VAL A 32 -0.27 -8.33 -3.43
C VAL A 32 0.39 -8.29 -4.80
N GLU A 33 1.20 -9.30 -5.13
CA GLU A 33 1.87 -9.39 -6.42
C GLU A 33 0.94 -9.91 -7.51
N ALA A 34 -0.34 -10.07 -7.20
CA ALA A 34 -1.36 -10.50 -8.15
C ALA A 34 -2.52 -9.49 -8.19
N ILE A 35 -2.53 -8.53 -7.27
CA ILE A 35 -3.55 -7.49 -7.21
C ILE A 35 -2.99 -6.14 -7.62
N PHE A 36 -1.68 -5.94 -7.41
CA PHE A 36 -1.02 -4.69 -7.75
C PHE A 36 -0.19 -4.84 -9.03
N SER A 37 -0.10 -6.07 -9.56
CA SER A 37 0.66 -6.34 -10.78
C SER A 37 -0.08 -5.86 -12.02
N LYS A 38 -1.37 -5.56 -11.88
CA LYS A 38 -2.20 -5.08 -12.98
C LYS A 38 -2.04 -3.58 -13.20
N TYR A 39 -1.39 -2.87 -12.27
CA TYR A 39 -1.16 -1.44 -12.39
C TYR A 39 0.31 -1.15 -12.73
N GLY A 40 1.18 -2.15 -12.55
CA GLY A 40 2.57 -2.03 -12.93
C GLY A 40 3.35 -3.33 -12.73
N LYS A 41 4.52 -3.43 -13.36
CA LYS A 41 5.38 -4.58 -13.24
C LYS A 41 6.07 -4.54 -11.88
N ILE A 42 5.76 -5.50 -11.01
CA ILE A 42 6.31 -5.55 -9.67
C ILE A 42 7.69 -6.20 -9.70
N VAL A 43 8.66 -5.54 -9.07
CA VAL A 43 10.03 -6.01 -8.98
C VAL A 43 10.41 -6.31 -7.53
N GLY A 44 9.44 -6.18 -6.62
CA GLY A 44 9.61 -6.49 -5.21
C GLY A 44 8.30 -6.26 -4.47
N CYS A 45 8.03 -7.09 -3.46
CA CYS A 45 6.83 -6.94 -2.65
C CYS A 45 7.05 -7.58 -1.29
N SER A 46 6.44 -7.00 -0.26
CA SER A 46 6.49 -7.56 1.09
C SER A 46 5.27 -7.11 1.87
N VAL A 47 4.74 -8.00 2.71
CA VAL A 47 3.60 -7.69 3.56
C VAL A 47 4.03 -7.75 5.02
N HIS A 48 3.41 -6.89 5.83
CA HIS A 48 3.71 -6.73 7.24
C HIS A 48 2.39 -6.74 8.01
N LYS A 49 2.43 -6.39 9.29
CA LYS A 49 1.21 -6.35 10.08
C LYS A 49 0.55 -4.98 9.94
N GLY A 50 -0.66 -4.96 9.38
CA GLY A 50 -1.44 -3.74 9.19
C GLY A 50 -1.03 -2.95 7.95
N PHE A 51 0.07 -3.30 7.28
CA PHE A 51 0.52 -2.61 6.08
C PHE A 51 1.31 -3.53 5.16
N ALA A 52 1.54 -3.08 3.93
CA ALA A 52 2.34 -3.80 2.94
C ALA A 52 3.09 -2.81 2.04
N PHE A 53 3.98 -3.34 1.21
CA PHE A 53 4.76 -2.53 0.27
C PHE A 53 4.88 -3.23 -1.09
N VAL A 54 4.91 -2.43 -2.15
CA VAL A 54 5.06 -2.91 -3.51
C VAL A 54 6.06 -2.05 -4.25
N GLN A 55 6.95 -2.67 -5.00
CA GLN A 55 8.01 -1.97 -5.72
C GLN A 55 7.80 -2.16 -7.22
N TYR A 56 7.82 -1.06 -7.97
CA TYR A 56 7.64 -1.06 -9.41
C TYR A 56 8.93 -0.68 -10.12
N VAL A 57 8.92 -0.74 -11.46
CA VAL A 57 10.06 -0.38 -12.27
C VAL A 57 10.28 1.13 -12.26
N ASN A 58 9.21 1.92 -12.13
CA ASN A 58 9.33 3.37 -12.08
C ASN A 58 8.16 4.03 -11.37
N GLU A 59 8.30 5.32 -11.08
CA GLU A 59 7.30 6.11 -10.36
C GLU A 59 5.95 6.13 -11.09
N ARG A 60 5.94 6.05 -12.43
CA ARG A 60 4.68 6.08 -13.16
C ARG A 60 3.81 4.90 -12.74
N ASN A 61 4.41 3.74 -12.51
CA ASN A 61 3.65 2.57 -12.10
C ASN A 61 3.13 2.72 -10.66
N ALA A 62 3.82 3.54 -9.86
CA ALA A 62 3.41 3.78 -8.49
C ALA A 62 2.19 4.71 -8.47
N ARG A 63 2.15 5.69 -9.38
CA ARG A 63 1.02 6.62 -9.45
C ARG A 63 -0.22 5.89 -9.95
N ALA A 64 -0.04 4.82 -10.73
CA ALA A 64 -1.16 4.08 -11.27
C ALA A 64 -1.78 3.16 -10.22
N ALA A 65 -0.96 2.62 -9.31
CA ALA A 65 -1.46 1.75 -8.26
C ALA A 65 -2.00 2.53 -7.09
N VAL A 66 -1.40 3.69 -6.78
CA VAL A 66 -1.90 4.58 -5.73
C VAL A 66 -3.26 5.13 -6.13
N ALA A 67 -3.50 5.33 -7.43
CA ALA A 67 -4.78 5.80 -7.91
C ALA A 67 -5.72 4.67 -8.32
N GLY A 68 -5.21 3.43 -8.39
CA GLY A 68 -5.99 2.29 -8.80
C GLY A 68 -6.46 1.39 -7.65
N GLU A 69 -5.91 1.56 -6.45
CA GLU A 69 -6.20 0.69 -5.31
C GLU A 69 -6.49 1.46 -4.03
N ASP A 70 -6.08 2.72 -3.93
CA ASP A 70 -6.38 3.50 -2.74
C ASP A 70 -7.89 3.62 -2.56
N GLY A 71 -8.41 3.08 -1.45
CA GLY A 71 -9.83 3.15 -1.15
C GLY A 71 -10.58 1.99 -1.78
N ARG A 72 -9.84 1.00 -2.31
CA ARG A 72 -10.44 -0.23 -2.78
C ARG A 72 -10.76 -1.05 -1.54
N MET A 73 -11.53 -2.12 -1.69
CA MET A 73 -11.93 -2.92 -0.55
C MET A 73 -11.28 -4.30 -0.63
N ILE A 74 -10.52 -4.65 0.40
CA ILE A 74 -9.84 -5.92 0.46
C ILE A 74 -10.14 -6.60 1.80
N ALA A 75 -10.43 -7.90 1.75
CA ALA A 75 -10.85 -8.65 2.92
C ALA A 75 -12.07 -8.02 3.61
N GLY A 76 -12.77 -7.13 2.90
CA GLY A 76 -13.94 -6.43 3.42
C GLY A 76 -13.56 -5.12 4.12
N GLN A 77 -12.27 -4.74 4.07
CA GLN A 77 -11.79 -3.53 4.71
C GLN A 77 -11.07 -2.65 3.68
N VAL A 78 -11.41 -1.35 3.67
CA VAL A 78 -10.86 -0.37 2.75
C VAL A 78 -9.36 -0.20 2.98
N LEU A 79 -8.60 -0.04 1.89
CA LEU A 79 -7.17 0.20 1.99
C LEU A 79 -6.84 1.68 1.93
N ASP A 80 -5.68 2.05 2.47
CA ASP A 80 -5.17 3.42 2.45
C ASP A 80 -3.78 3.38 1.82
N ILE A 81 -3.72 3.66 0.52
CA ILE A 81 -2.51 3.49 -0.29
C ILE A 81 -1.95 4.84 -0.71
N ASN A 82 -0.63 4.96 -0.73
CA ASN A 82 0.04 6.22 -1.02
C ASN A 82 1.44 5.99 -1.57
N LEU A 83 1.97 6.98 -2.29
CA LEU A 83 3.35 6.98 -2.76
C LEU A 83 4.26 6.92 -1.53
N ALA A 84 5.21 5.97 -1.52
CA ALA A 84 6.04 5.69 -0.35
C ALA A 84 6.96 6.85 0.06
N ALA A 85 6.91 7.98 -0.63
CA ALA A 85 7.78 9.12 -0.35
C ALA A 85 6.99 10.42 -0.22
N GLU A 86 5.66 10.33 -0.16
CA GLU A 86 4.81 11.52 -0.08
C GLU A 86 3.66 11.32 0.91
N PRO A 87 3.92 11.00 2.19
CA PRO A 87 2.87 10.88 3.18
C PRO A 87 2.19 12.24 3.31
N LYS A 88 0.86 12.25 3.33
CA LYS A 88 0.11 13.50 3.21
C LYS A 88 -1.10 13.59 4.15
N VAL A 89 -2.13 12.78 3.90
CA VAL A 89 -3.40 12.87 4.61
C VAL A 89 -3.98 11.49 4.89
N ASN A 90 -3.70 10.51 4.02
CA ASN A 90 -4.25 9.18 4.13
C ASN A 90 -3.39 8.27 5.01
N ARG A 91 -2.55 8.86 5.87
CA ARG A 91 -1.75 8.12 6.82
C ARG A 91 -2.21 8.47 8.23
N GLY A 92 -2.47 7.43 8.99
CA GLY A 92 -2.90 7.49 10.38
C GLY A 92 -2.76 6.09 10.96
N LYS A 93 -3.56 5.73 11.96
CA LYS A 93 -3.55 4.36 12.49
C LYS A 93 -4.96 3.82 12.70
N ALA A 94 -5.94 4.72 12.86
CA ALA A 94 -7.33 4.34 13.04
C ALA A 94 -8.23 5.57 12.85
N GLY A 95 -9.55 5.35 12.94
CA GLY A 95 -10.52 6.43 12.86
C GLY A 95 -10.45 7.34 14.09
N VAL A 96 -9.70 6.93 15.11
CA VAL A 96 -9.44 7.75 16.29
C VAL A 96 -8.01 8.26 16.22
N LYS A 97 -7.85 9.58 16.37
CA LYS A 97 -6.57 10.25 16.20
C LYS A 97 -5.92 10.58 17.55
N ARG A 98 -6.30 9.86 18.59
CA ARG A 98 -5.75 10.02 19.94
C ARG A 98 -5.11 8.73 20.41
N SER A 99 -4.41 8.81 21.55
CA SER A 99 -3.68 7.68 22.10
C SER A 99 -4.63 6.63 22.66
N ALA A 100 -5.91 6.98 22.79
CA ALA A 100 -6.94 6.15 23.41
C ALA A 100 -6.58 5.70 24.83
N ALA A 101 -5.50 6.24 25.40
CA ALA A 101 -5.06 5.93 26.75
C ALA A 101 -4.39 7.13 27.43
N GLU A 102 -4.45 8.31 26.78
CA GLU A 102 -3.81 9.51 27.27
C GLU A 102 -4.53 10.11 28.48
N MET A 103 -5.67 9.53 28.85
CA MET A 103 -6.47 9.96 30.00
C MET A 103 -6.25 9.04 31.19
N TYR A 104 -5.32 8.08 31.07
CA TYR A 104 -5.04 7.11 32.12
C TYR A 104 -3.54 6.96 32.36
N GLY A 105 -2.73 7.78 31.68
CA GLY A 105 -1.27 7.76 31.82
C GLY A 105 -0.85 8.22 33.22
N ALA A 1 7.76 -12.06 -7.08
CA ALA A 1 8.68 -10.91 -6.96
C ALA A 1 9.58 -11.06 -5.73
N SER A 2 10.63 -10.23 -5.65
CA SER A 2 11.58 -10.27 -4.55
C SER A 2 10.94 -9.80 -3.24
N ASN A 3 11.53 -10.16 -2.10
CA ASN A 3 11.03 -9.80 -0.78
C ASN A 3 11.51 -8.40 -0.38
N VAL A 4 12.30 -7.75 -1.24
CA VAL A 4 12.91 -6.46 -0.94
C VAL A 4 12.03 -5.31 -1.41
N THR A 5 11.83 -4.32 -0.52
CA THR A 5 11.03 -3.13 -0.81
C THR A 5 11.58 -1.90 -0.09
N ASN A 6 12.73 -2.01 0.59
CA ASN A 6 13.28 -0.87 1.32
C ASN A 6 14.54 -0.34 0.64
N LYS A 7 14.39 0.75 -0.11
CA LYS A 7 15.48 1.46 -0.76
C LYS A 7 15.19 2.96 -0.73
N THR A 8 16.23 3.78 -0.63
CA THR A 8 16.08 5.23 -0.48
C THR A 8 16.69 5.98 -1.66
N ASP A 9 16.93 5.28 -2.78
CA ASP A 9 17.45 5.90 -3.98
C ASP A 9 16.44 6.92 -4.53
N PRO A 10 16.92 7.96 -5.21
CA PRO A 10 16.10 9.09 -5.68
C PRO A 10 15.08 8.70 -6.75
N ARG A 11 15.02 7.42 -7.12
CA ARG A 11 14.06 6.93 -8.10
C ARG A 11 13.34 5.70 -7.59
N SER A 12 14.04 4.83 -6.84
CA SER A 12 13.42 3.61 -6.33
C SER A 12 12.43 3.92 -5.20
N MET A 13 12.63 5.02 -4.47
CA MET A 13 11.71 5.43 -3.43
C MET A 13 10.46 6.06 -4.04
N ASN A 14 10.55 6.55 -5.28
CA ASN A 14 9.39 7.13 -5.96
C ASN A 14 8.68 6.07 -6.80
N SER A 15 9.34 4.93 -7.03
CA SER A 15 8.76 3.80 -7.73
C SER A 15 8.13 2.80 -6.76
N ARG A 16 8.05 3.15 -5.48
CA ARG A 16 7.49 2.29 -4.44
C ARG A 16 6.11 2.77 -4.03
N VAL A 17 5.27 1.85 -3.56
CA VAL A 17 3.93 2.17 -3.09
C VAL A 17 3.72 1.57 -1.70
N PHE A 18 3.19 2.38 -0.80
CA PHE A 18 2.80 1.97 0.54
C PHE A 18 1.34 1.57 0.54
N ILE A 19 1.00 0.48 1.23
CA ILE A 19 -0.36 -0.01 1.35
C ILE A 19 -0.70 -0.11 2.83
N GLY A 20 -1.11 1.03 3.40
CA GLY A 20 -1.52 1.09 4.78
C GLY A 20 -2.99 0.71 4.91
N ASN A 21 -3.47 0.66 6.16
CA ASN A 21 -4.83 0.26 6.47
C ASN A 21 -5.17 -1.05 5.75
N LEU A 22 -4.26 -2.03 5.81
CA LEU A 22 -4.44 -3.34 5.18
C LEU A 22 -4.89 -4.35 6.23
N ASN A 23 -5.74 -5.31 5.84
CA ASN A 23 -6.25 -6.29 6.78
C ASN A 23 -5.17 -7.28 7.21
N THR A 24 -4.33 -7.67 6.25
CA THR A 24 -3.18 -8.59 6.39
C THR A 24 -3.51 -9.95 7.01
N LEU A 25 -4.77 -10.18 7.40
CA LEU A 25 -5.23 -11.47 7.90
C LEU A 25 -5.68 -12.39 6.77
N VAL A 26 -6.01 -11.82 5.60
CA VAL A 26 -6.46 -12.59 4.45
C VAL A 26 -5.56 -12.38 3.24
N VAL A 27 -4.87 -11.23 3.15
CA VAL A 27 -3.97 -10.94 2.05
C VAL A 27 -2.53 -11.17 2.47
N LYS A 28 -1.69 -11.63 1.54
CA LYS A 28 -0.29 -11.94 1.79
C LYS A 28 0.58 -11.38 0.66
N LYS A 29 1.90 -11.46 0.84
CA LYS A 29 2.88 -11.00 -0.15
C LYS A 29 2.87 -11.87 -1.41
N SER A 30 2.09 -12.94 -1.39
CA SER A 30 1.86 -13.80 -2.54
C SER A 30 0.56 -13.43 -3.24
N ASP A 31 -0.15 -12.41 -2.73
CA ASP A 31 -1.40 -11.94 -3.28
C ASP A 31 -1.28 -10.49 -3.73
N VAL A 32 -0.47 -9.69 -3.05
CA VAL A 32 -0.27 -8.30 -3.43
C VAL A 32 0.42 -8.26 -4.80
N GLU A 33 1.25 -9.26 -5.09
CA GLU A 33 1.94 -9.35 -6.37
C GLU A 33 1.03 -9.90 -7.47
N ALA A 34 -0.27 -10.06 -7.17
CA ALA A 34 -1.26 -10.52 -8.12
C ALA A 34 -2.43 -9.54 -8.19
N ILE A 35 -2.47 -8.55 -7.28
CA ILE A 35 -3.51 -7.54 -7.24
C ILE A 35 -2.96 -6.18 -7.64
N PHE A 36 -1.67 -5.95 -7.43
CA PHE A 36 -1.02 -4.70 -7.78
C PHE A 36 -0.18 -4.87 -9.05
N SER A 37 -0.05 -6.09 -9.56
CA SER A 37 0.72 -6.36 -10.77
C SER A 37 -0.02 -5.91 -12.02
N LYS A 38 -1.32 -5.64 -11.88
CA LYS A 38 -2.16 -5.19 -13.00
C LYS A 38 -2.04 -3.68 -13.24
N TYR A 39 -1.38 -2.95 -12.32
CA TYR A 39 -1.15 -1.52 -12.45
C TYR A 39 0.30 -1.22 -12.80
N GLY A 40 1.18 -2.21 -12.62
CA GLY A 40 2.57 -2.08 -13.03
C GLY A 40 3.35 -3.38 -12.80
N LYS A 41 4.51 -3.49 -13.45
CA LYS A 41 5.39 -4.63 -13.28
C LYS A 41 6.09 -4.54 -11.93
N ILE A 42 5.76 -5.48 -11.03
CA ILE A 42 6.32 -5.50 -9.69
C ILE A 42 7.69 -6.16 -9.70
N VAL A 43 8.68 -5.48 -9.10
CA VAL A 43 10.05 -5.98 -9.01
C VAL A 43 10.38 -6.40 -7.58
N GLY A 44 9.45 -6.16 -6.65
CA GLY A 44 9.59 -6.54 -5.26
C GLY A 44 8.30 -6.25 -4.50
N CYS A 45 7.98 -7.08 -3.52
CA CYS A 45 6.78 -6.91 -2.71
C CYS A 45 6.99 -7.52 -1.34
N SER A 46 6.40 -6.91 -0.32
CA SER A 46 6.46 -7.43 1.04
C SER A 46 5.22 -7.01 1.81
N VAL A 47 4.72 -7.90 2.67
CA VAL A 47 3.57 -7.63 3.51
C VAL A 47 3.99 -7.75 4.96
N HIS A 48 3.37 -6.93 5.81
CA HIS A 48 3.68 -6.84 7.22
C HIS A 48 2.35 -6.88 7.99
N LYS A 49 2.37 -6.56 9.28
CA LYS A 49 1.12 -6.53 10.04
C LYS A 49 0.46 -5.16 9.87
N GLY A 50 -0.74 -5.17 9.30
CA GLY A 50 -1.54 -3.97 9.10
C GLY A 50 -1.10 -3.12 7.89
N PHE A 51 0.06 -3.40 7.29
CA PHE A 51 0.52 -2.66 6.13
C PHE A 51 1.32 -3.54 5.18
N ALA A 52 1.54 -3.05 3.94
CA ALA A 52 2.32 -3.75 2.93
C ALA A 52 3.05 -2.75 2.04
N PHE A 53 3.95 -3.26 1.19
CA PHE A 53 4.75 -2.46 0.27
C PHE A 53 4.85 -3.15 -1.09
N VAL A 54 4.93 -2.35 -2.15
CA VAL A 54 5.09 -2.83 -3.53
C VAL A 54 6.10 -1.95 -4.24
N GLN A 55 6.98 -2.57 -5.03
CA GLN A 55 8.02 -1.87 -5.76
C GLN A 55 7.80 -2.09 -7.26
N TYR A 56 7.86 -1.00 -8.03
CA TYR A 56 7.67 -1.03 -9.47
C TYR A 56 8.95 -0.67 -10.21
N VAL A 57 8.92 -0.80 -11.54
CA VAL A 57 10.05 -0.46 -12.39
C VAL A 57 10.26 1.06 -12.42
N ASN A 58 9.19 1.85 -12.28
CA ASN A 58 9.32 3.29 -12.24
C ASN A 58 8.14 3.96 -11.52
N GLU A 59 8.31 5.24 -11.18
CA GLU A 59 7.29 6.02 -10.49
C GLU A 59 5.95 6.03 -11.22
N ARG A 60 5.94 5.97 -12.56
CA ARG A 60 4.68 5.99 -13.29
C ARG A 60 3.80 4.81 -12.88
N ASN A 61 4.40 3.65 -12.64
CA ASN A 61 3.65 2.49 -12.23
C ASN A 61 3.15 2.62 -10.80
N ALA A 62 3.84 3.44 -9.98
CA ALA A 62 3.43 3.68 -8.61
C ALA A 62 2.22 4.60 -8.57
N ARG A 63 2.20 5.59 -9.48
CA ARG A 63 1.08 6.54 -9.55
C ARG A 63 -0.17 5.82 -10.07
N ALA A 64 0.01 4.74 -10.84
CA ALA A 64 -1.11 4.00 -11.39
C ALA A 64 -1.73 3.09 -10.33
N ALA A 65 -0.92 2.56 -9.41
CA ALA A 65 -1.42 1.71 -8.35
C ALA A 65 -1.98 2.51 -7.19
N VAL A 66 -1.37 3.66 -6.88
CA VAL A 66 -1.88 4.56 -5.85
C VAL A 66 -3.24 5.11 -6.27
N ALA A 67 -3.47 5.28 -7.57
CA ALA A 67 -4.75 5.76 -8.08
C ALA A 67 -5.68 4.61 -8.50
N GLY A 68 -5.17 3.37 -8.54
CA GLY A 68 -5.94 2.22 -8.97
C GLY A 68 -6.43 1.33 -7.82
N GLU A 69 -5.89 1.52 -6.61
CA GLU A 69 -6.19 0.64 -5.48
C GLU A 69 -6.51 1.42 -4.21
N ASP A 70 -6.12 2.70 -4.12
CA ASP A 70 -6.44 3.47 -2.94
C ASP A 70 -7.95 3.60 -2.79
N GLY A 71 -8.49 3.07 -1.68
CA GLY A 71 -9.92 3.14 -1.42
C GLY A 71 -10.65 1.96 -2.04
N ARG A 72 -9.89 0.96 -2.53
CA ARG A 72 -10.46 -0.29 -2.98
C ARG A 72 -10.80 -1.08 -1.73
N MET A 73 -11.55 -2.17 -1.86
CA MET A 73 -11.97 -2.92 -0.71
C MET A 73 -11.33 -4.30 -0.74
N ILE A 74 -10.58 -4.62 0.31
CA ILE A 74 -9.91 -5.91 0.43
C ILE A 74 -10.21 -6.52 1.78
N ALA A 75 -10.51 -7.83 1.78
CA ALA A 75 -10.95 -8.55 2.96
C ALA A 75 -12.16 -7.88 3.63
N GLY A 76 -12.86 -7.01 2.89
CA GLY A 76 -14.02 -6.30 3.40
C GLY A 76 -13.65 -4.98 4.05
N GLN A 77 -12.36 -4.61 4.01
CA GLN A 77 -11.86 -3.39 4.61
C GLN A 77 -11.16 -2.53 3.56
N VAL A 78 -11.52 -1.25 3.50
CA VAL A 78 -10.97 -0.28 2.55
C VAL A 78 -9.47 -0.09 2.80
N LEU A 79 -8.69 0.01 1.73
CA LEU A 79 -7.26 0.25 1.83
C LEU A 79 -6.93 1.73 1.74
N ASP A 80 -5.78 2.12 2.31
CA ASP A 80 -5.28 3.47 2.21
C ASP A 80 -3.86 3.41 1.63
N ILE A 81 -3.77 3.70 0.33
CA ILE A 81 -2.55 3.49 -0.44
C ILE A 81 -1.99 4.83 -0.87
N ASN A 82 -0.67 4.98 -0.80
CA ASN A 82 0.02 6.23 -1.07
C ASN A 82 1.46 5.95 -1.50
N LEU A 83 2.11 6.88 -2.19
CA LEU A 83 3.51 6.75 -2.53
C LEU A 83 4.34 6.65 -1.24
N ALA A 84 5.38 5.82 -1.24
CA ALA A 84 6.18 5.58 -0.05
C ALA A 84 6.97 6.81 0.42
N ALA A 85 6.88 7.94 -0.29
CA ALA A 85 7.64 9.13 0.04
C ALA A 85 6.77 10.40 0.05
N GLU A 86 5.45 10.23 0.08
CA GLU A 86 4.52 11.35 0.09
C GLU A 86 3.39 11.15 1.12
N PRO A 87 3.68 10.67 2.33
CA PRO A 87 2.66 10.41 3.33
C PRO A 87 1.90 11.69 3.66
N LYS A 88 0.63 11.57 4.02
CA LYS A 88 -0.24 12.72 4.18
C LYS A 88 -1.15 12.61 5.40
N VAL A 89 -2.32 12.01 5.25
CA VAL A 89 -3.34 11.98 6.31
C VAL A 89 -3.99 10.61 6.47
N ASN A 90 -4.06 9.85 5.38
CA ASN A 90 -4.80 8.59 5.37
C ASN A 90 -3.98 7.42 5.92
N ARG A 91 -2.78 7.69 6.46
CA ARG A 91 -1.95 6.68 7.09
C ARG A 91 -1.81 6.96 8.59
N GLY A 92 -2.79 7.67 9.16
CA GLY A 92 -2.81 8.12 10.54
C GLY A 92 -2.97 6.99 11.55
N LYS A 93 -2.59 5.77 11.16
CA LYS A 93 -2.64 4.55 11.96
C LYS A 93 -4.03 4.15 12.44
N ALA A 94 -5.05 4.98 12.23
CA ALA A 94 -6.40 4.65 12.64
C ALA A 94 -7.43 5.44 11.86
N GLY A 95 -8.66 4.93 11.82
CA GLY A 95 -9.79 5.58 11.17
C GLY A 95 -10.96 5.73 12.14
N VAL A 96 -10.83 5.20 13.36
CA VAL A 96 -11.88 5.29 14.37
C VAL A 96 -11.69 6.55 15.19
N LYS A 97 -12.80 7.20 15.55
CA LYS A 97 -12.79 8.45 16.31
C LYS A 97 -12.65 8.23 17.81
N ARG A 98 -12.21 7.04 18.23
CA ARG A 98 -12.07 6.67 19.63
C ARG A 98 -10.88 5.72 19.79
N SER A 99 -10.51 5.43 21.04
CA SER A 99 -9.41 4.53 21.36
C SER A 99 -9.67 3.11 20.86
N ALA A 100 -10.93 2.79 20.54
CA ALA A 100 -11.36 1.45 20.13
C ALA A 100 -10.90 0.36 21.11
N ALA A 101 -10.52 0.75 22.33
CA ALA A 101 -10.02 -0.18 23.34
C ALA A 101 -10.36 0.30 24.75
N GLU A 102 -11.18 1.35 24.86
CA GLU A 102 -11.52 1.95 26.15
C GLU A 102 -12.49 1.09 26.96
N MET A 103 -12.96 -0.03 26.39
CA MET A 103 -13.94 -0.89 27.02
C MET A 103 -13.49 -2.36 27.08
N TYR A 104 -12.22 -2.62 26.75
CA TYR A 104 -11.66 -3.97 26.78
C TYR A 104 -10.41 -4.04 27.65
N GLY A 105 -9.91 -2.87 28.09
CA GLY A 105 -8.73 -2.79 28.94
C GLY A 105 -7.49 -3.29 28.23
N ALA A 1 7.92 -11.99 -7.00
CA ALA A 1 8.72 -10.77 -6.82
C ALA A 1 9.73 -10.95 -5.68
N SER A 2 10.73 -10.07 -5.62
CA SER A 2 11.74 -10.09 -4.58
C SER A 2 11.13 -9.72 -3.23
N ASN A 3 11.79 -10.13 -2.13
CA ASN A 3 11.34 -9.85 -0.78
C ASN A 3 11.82 -8.47 -0.31
N VAL A 4 12.55 -7.74 -1.16
CA VAL A 4 13.13 -6.46 -0.81
C VAL A 4 12.26 -5.30 -1.28
N THR A 5 12.07 -4.31 -0.42
CA THR A 5 11.28 -3.12 -0.72
C THR A 5 11.83 -1.89 0.00
N ASN A 6 12.97 -2.00 0.69
CA ASN A 6 13.52 -0.87 1.43
C ASN A 6 14.75 -0.30 0.73
N LYS A 7 14.54 0.79 -0.01
CA LYS A 7 15.58 1.56 -0.69
C LYS A 7 15.23 3.04 -0.60
N THR A 8 16.24 3.91 -0.54
CA THR A 8 16.03 5.33 -0.31
C THR A 8 16.57 6.20 -1.45
N ASP A 9 16.88 5.59 -2.60
CA ASP A 9 17.35 6.33 -3.76
C ASP A 9 16.25 7.27 -4.26
N PRO A 10 16.62 8.40 -4.88
CA PRO A 10 15.70 9.44 -5.30
C PRO A 10 14.75 8.99 -6.41
N ARG A 11 14.84 7.74 -6.85
CA ARG A 11 13.95 7.20 -7.87
C ARG A 11 13.39 5.85 -7.45
N SER A 12 14.13 5.12 -6.62
CA SER A 12 13.72 3.80 -6.16
C SER A 12 12.71 3.88 -5.03
N MET A 13 12.65 5.01 -4.31
CA MET A 13 11.65 5.17 -3.27
C MET A 13 10.39 5.87 -3.79
N ASN A 14 10.43 6.32 -5.05
CA ASN A 14 9.27 6.92 -5.70
C ASN A 14 8.59 5.91 -6.62
N SER A 15 9.27 4.82 -6.96
CA SER A 15 8.69 3.71 -7.69
C SER A 15 8.10 2.66 -6.72
N ARG A 16 8.10 2.97 -5.42
CA ARG A 16 7.54 2.11 -4.38
C ARG A 16 6.18 2.63 -3.94
N VAL A 17 5.33 1.74 -3.45
CA VAL A 17 4.01 2.09 -2.96
C VAL A 17 3.79 1.48 -1.58
N PHE A 18 3.33 2.32 -0.66
CA PHE A 18 2.94 1.91 0.68
C PHE A 18 1.48 1.51 0.69
N ILE A 19 1.15 0.42 1.39
CA ILE A 19 -0.21 -0.09 1.50
C ILE A 19 -0.55 -0.18 2.99
N GLY A 20 -1.01 0.92 3.54
CA GLY A 20 -1.43 0.98 4.94
C GLY A 20 -2.88 0.54 5.07
N ASN A 21 -3.34 0.42 6.32
CA ASN A 21 -4.68 -0.03 6.64
C ASN A 21 -5.00 -1.32 5.88
N LEU A 22 -4.09 -2.31 5.94
CA LEU A 22 -4.27 -3.60 5.30
C LEU A 22 -4.69 -4.63 6.34
N ASN A 23 -5.54 -5.58 5.96
CA ASN A 23 -6.04 -6.57 6.91
C ASN A 23 -4.94 -7.55 7.32
N THR A 24 -4.07 -7.90 6.38
CA THR A 24 -2.92 -8.79 6.54
C THR A 24 -3.24 -10.15 7.18
N LEU A 25 -4.53 -10.46 7.36
CA LEU A 25 -4.98 -11.74 7.88
C LEU A 25 -5.52 -12.63 6.77
N VAL A 26 -5.79 -12.05 5.59
CA VAL A 26 -6.29 -12.78 4.44
C VAL A 26 -5.43 -12.51 3.21
N VAL A 27 -4.66 -11.41 3.22
CA VAL A 27 -3.76 -11.06 2.13
C VAL A 27 -2.32 -11.29 2.56
N LYS A 28 -1.49 -11.76 1.63
CA LYS A 28 -0.08 -12.06 1.86
C LYS A 28 0.76 -11.53 0.71
N LYS A 29 2.08 -11.63 0.86
CA LYS A 29 3.04 -11.18 -0.15
C LYS A 29 2.95 -12.01 -1.43
N SER A 30 2.16 -13.09 -1.40
CA SER A 30 1.90 -13.93 -2.57
C SER A 30 0.59 -13.54 -3.24
N ASP A 31 -0.12 -12.55 -2.68
CA ASP A 31 -1.38 -12.06 -3.19
C ASP A 31 -1.23 -10.60 -3.64
N VAL A 32 -0.41 -9.82 -2.94
CA VAL A 32 -0.15 -8.44 -3.31
C VAL A 32 0.51 -8.39 -4.69
N GLU A 33 1.31 -9.41 -5.02
CA GLU A 33 1.97 -9.49 -6.32
C GLU A 33 1.02 -10.01 -7.40
N ALA A 34 -0.26 -10.17 -7.08
CA ALA A 34 -1.27 -10.61 -8.02
C ALA A 34 -2.45 -9.62 -8.06
N ILE A 35 -2.46 -8.63 -7.17
CA ILE A 35 -3.50 -7.61 -7.12
C ILE A 35 -2.94 -6.25 -7.54
N PHE A 36 -1.65 -6.02 -7.31
CA PHE A 36 -1.00 -4.76 -7.67
C PHE A 36 -0.20 -4.91 -8.96
N SER A 37 -0.05 -6.14 -9.47
CA SER A 37 0.70 -6.42 -10.68
C SER A 37 -0.04 -5.94 -11.92
N LYS A 38 -1.32 -5.64 -11.78
CA LYS A 38 -2.15 -5.16 -12.87
C LYS A 38 -2.02 -3.65 -13.08
N TYR A 39 -1.36 -2.95 -12.14
CA TYR A 39 -1.14 -1.51 -12.26
C TYR A 39 0.32 -1.21 -12.59
N GLY A 40 1.21 -2.20 -12.42
CA GLY A 40 2.59 -2.08 -12.81
C GLY A 40 3.37 -3.37 -12.61
N LYS A 41 4.52 -3.49 -13.29
CA LYS A 41 5.40 -4.63 -13.16
C LYS A 41 6.10 -4.57 -11.81
N ILE A 42 5.78 -5.54 -10.93
CA ILE A 42 6.35 -5.58 -9.60
C ILE A 42 7.72 -6.24 -9.63
N VAL A 43 8.72 -5.58 -9.05
CA VAL A 43 10.09 -6.07 -8.98
C VAL A 43 10.44 -6.48 -7.55
N GLY A 44 9.56 -6.16 -6.60
CA GLY A 44 9.75 -6.52 -5.21
C GLY A 44 8.46 -6.27 -4.44
N CYS A 45 8.21 -7.07 -3.40
CA CYS A 45 7.03 -6.94 -2.58
C CYS A 45 7.32 -7.44 -1.16
N SER A 46 6.60 -6.90 -0.19
CA SER A 46 6.73 -7.36 1.19
C SER A 46 5.48 -6.98 1.98
N VAL A 47 4.97 -7.93 2.77
CA VAL A 47 3.83 -7.70 3.63
C VAL A 47 4.28 -7.73 5.09
N HIS A 48 3.60 -6.97 5.93
CA HIS A 48 3.89 -6.84 7.34
C HIS A 48 2.57 -6.92 8.11
N LYS A 49 2.58 -6.60 9.40
CA LYS A 49 1.33 -6.59 10.17
C LYS A 49 0.64 -5.24 9.99
N GLY A 50 -0.56 -5.25 9.43
CA GLY A 50 -1.37 -4.07 9.22
C GLY A 50 -0.95 -3.23 8.01
N PHE A 51 0.23 -3.48 7.43
CA PHE A 51 0.69 -2.74 6.25
C PHE A 51 1.49 -3.63 5.30
N ALA A 52 1.70 -3.15 4.07
CA ALA A 52 2.49 -3.83 3.06
C ALA A 52 3.20 -2.83 2.15
N PHE A 53 4.09 -3.33 1.29
CA PHE A 53 4.87 -2.55 0.36
C PHE A 53 4.99 -3.25 -0.99
N VAL A 54 5.02 -2.45 -2.06
CA VAL A 54 5.15 -2.95 -3.43
C VAL A 54 6.14 -2.07 -4.18
N GLN A 55 7.03 -2.68 -4.96
CA GLN A 55 8.06 -1.97 -5.69
C GLN A 55 7.85 -2.17 -7.18
N TYR A 56 7.86 -1.07 -7.95
CA TYR A 56 7.69 -1.09 -9.39
C TYR A 56 8.98 -0.71 -10.09
N VAL A 57 8.96 -0.77 -11.43
CA VAL A 57 10.10 -0.39 -12.25
C VAL A 57 10.31 1.12 -12.24
N ASN A 58 9.22 1.90 -12.10
CA ASN A 58 9.34 3.35 -12.05
C ASN A 58 8.15 4.00 -11.34
N GLU A 59 8.28 5.30 -11.05
CA GLU A 59 7.27 6.07 -10.35
C GLU A 59 5.93 6.07 -11.08
N ARG A 60 5.93 6.00 -12.41
CA ARG A 60 4.67 6.00 -13.17
C ARG A 60 3.80 4.81 -12.74
N ASN A 61 4.42 3.66 -12.48
CA ASN A 61 3.68 2.50 -12.06
C ASN A 61 3.18 2.65 -10.62
N ALA A 62 3.85 3.49 -9.83
CA ALA A 62 3.43 3.73 -8.45
C ALA A 62 2.22 4.65 -8.43
N ARG A 63 2.17 5.64 -9.33
CA ARG A 63 1.05 6.55 -9.42
C ARG A 63 -0.20 5.82 -9.91
N ALA A 64 -0.01 4.74 -10.68
CA ALA A 64 -1.13 3.99 -11.21
C ALA A 64 -1.72 3.08 -10.14
N ALA A 65 -0.89 2.56 -9.23
CA ALA A 65 -1.38 1.69 -8.17
C ALA A 65 -1.93 2.50 -7.00
N VAL A 66 -1.32 3.65 -6.69
CA VAL A 66 -1.82 4.53 -5.64
C VAL A 66 -3.18 5.09 -6.03
N ALA A 67 -3.44 5.25 -7.32
CA ALA A 67 -4.74 5.73 -7.80
C ALA A 67 -5.66 4.58 -8.20
N GLY A 68 -5.14 3.35 -8.28
CA GLY A 68 -5.91 2.20 -8.71
C GLY A 68 -6.36 1.30 -7.56
N GLU A 69 -5.82 1.48 -6.35
CA GLU A 69 -6.12 0.60 -5.23
C GLU A 69 -6.41 1.37 -3.94
N ASP A 70 -6.02 2.64 -3.84
CA ASP A 70 -6.32 3.42 -2.64
C ASP A 70 -7.83 3.53 -2.46
N GLY A 71 -8.35 2.98 -1.36
CA GLY A 71 -9.77 3.04 -1.07
C GLY A 71 -10.52 1.88 -1.71
N ARG A 72 -9.77 0.89 -2.22
CA ARG A 72 -10.36 -0.35 -2.69
C ARG A 72 -10.68 -1.17 -1.45
N MET A 73 -11.44 -2.25 -1.59
CA MET A 73 -11.84 -3.03 -0.44
C MET A 73 -11.19 -4.40 -0.52
N ILE A 74 -10.41 -4.74 0.52
CA ILE A 74 -9.73 -6.02 0.58
C ILE A 74 -10.02 -6.69 1.92
N ALA A 75 -10.31 -7.99 1.90
CA ALA A 75 -10.73 -8.73 3.07
C ALA A 75 -11.93 -8.08 3.77
N GLY A 76 -12.65 -7.21 3.06
CA GLY A 76 -13.80 -6.52 3.60
C GLY A 76 -13.42 -5.21 4.28
N GLN A 77 -12.14 -4.82 4.22
CA GLN A 77 -11.63 -3.61 4.84
C GLN A 77 -10.94 -2.73 3.80
N VAL A 78 -11.30 -1.45 3.78
CA VAL A 78 -10.76 -0.45 2.85
C VAL A 78 -9.26 -0.28 3.07
N LEU A 79 -8.49 -0.14 1.99
CA LEU A 79 -7.06 0.10 2.07
C LEU A 79 -6.74 1.59 2.00
N ASP A 80 -5.59 1.98 2.56
CA ASP A 80 -5.09 3.34 2.52
C ASP A 80 -3.70 3.30 1.92
N ILE A 81 -3.62 3.60 0.62
CA ILE A 81 -2.43 3.42 -0.18
C ILE A 81 -1.86 4.78 -0.59
N ASN A 82 -0.54 4.93 -0.54
CA ASN A 82 0.13 6.19 -0.79
C ASN A 82 1.55 5.93 -1.31
N LEU A 83 2.14 6.89 -2.02
CA LEU A 83 3.52 6.76 -2.45
C LEU A 83 4.44 6.65 -1.22
N ALA A 84 5.44 5.77 -1.27
CA ALA A 84 6.30 5.54 -0.12
C ALA A 84 7.21 6.72 0.21
N ALA A 85 7.05 7.86 -0.47
CA ALA A 85 7.92 9.01 -0.27
C ALA A 85 7.14 10.32 -0.15
N GLU A 86 5.81 10.25 -0.13
CA GLU A 86 4.97 11.44 -0.05
C GLU A 86 3.78 11.20 0.89
N PRO A 87 4.01 10.76 2.14
CA PRO A 87 2.94 10.58 3.11
C PRO A 87 2.31 11.93 3.41
N LYS A 88 1.04 11.90 3.81
CA LYS A 88 0.24 13.11 3.97
C LYS A 88 -0.71 12.96 5.16
N VAL A 89 -1.99 12.75 4.86
CA VAL A 89 -3.07 12.64 5.84
C VAL A 89 -3.91 11.40 5.55
N ASN A 90 -3.95 10.98 4.29
CA ASN A 90 -4.78 9.86 3.87
C ASN A 90 -4.17 8.52 4.32
N ARG A 91 -2.96 8.55 4.90
CA ARG A 91 -2.31 7.36 5.43
C ARG A 91 -3.06 6.85 6.65
N GLY A 92 -3.48 7.77 7.53
CA GLY A 92 -4.22 7.44 8.74
C GLY A 92 -3.38 6.64 9.72
N LYS A 93 -3.98 6.31 10.86
CA LYS A 93 -3.36 5.49 11.89
C LYS A 93 -4.36 4.54 12.55
N ALA A 94 -5.66 4.82 12.43
CA ALA A 94 -6.68 3.95 13.00
C ALA A 94 -8.00 4.04 12.23
N GLY A 95 -7.92 4.27 10.92
CA GLY A 95 -9.09 4.40 10.06
C GLY A 95 -9.74 5.77 10.20
N VAL A 96 -9.16 6.65 11.02
CA VAL A 96 -9.64 8.00 11.20
C VAL A 96 -8.62 8.99 10.65
N LYS A 97 -9.13 10.02 9.95
CA LYS A 97 -8.30 11.06 9.33
C LYS A 97 -8.71 12.44 9.80
N ARG A 98 -9.51 12.48 10.87
CA ARG A 98 -10.02 13.70 11.49
C ARG A 98 -9.25 13.99 12.77
N SER A 99 -9.57 15.09 13.44
CA SER A 99 -8.95 15.48 14.70
C SER A 99 -9.16 14.41 15.78
N ALA A 100 -10.16 13.54 15.60
CA ALA A 100 -10.52 12.51 16.56
C ALA A 100 -10.74 13.06 17.97
N ALA A 101 -10.97 14.38 18.08
CA ALA A 101 -11.16 15.06 19.35
C ALA A 101 -12.08 16.27 19.20
N GLU A 102 -12.69 16.46 18.02
CA GLU A 102 -13.52 17.62 17.74
C GLU A 102 -14.94 17.49 18.31
N MET A 103 -15.28 16.32 18.85
CA MET A 103 -16.61 16.04 19.38
C MET A 103 -16.58 15.41 20.76
N TYR A 104 -15.41 15.41 21.41
CA TYR A 104 -15.23 14.83 22.73
C TYR A 104 -14.96 15.91 23.79
N GLY A 105 -15.04 17.19 23.41
CA GLY A 105 -14.82 18.30 24.31
C GLY A 105 -14.98 19.63 23.58
N ALA A 1 7.96 -11.89 -6.83
CA ALA A 1 8.90 -10.75 -6.77
C ALA A 1 9.81 -10.86 -5.55
N SER A 2 10.87 -10.05 -5.50
CA SER A 2 11.83 -10.06 -4.41
C SER A 2 11.18 -9.59 -3.11
N ASN A 3 11.75 -10.01 -1.96
CA ASN A 3 11.21 -9.66 -0.65
C ASN A 3 11.68 -8.27 -0.21
N VAL A 4 12.50 -7.60 -1.03
CA VAL A 4 13.06 -6.31 -0.69
C VAL A 4 12.17 -5.18 -1.20
N THR A 5 11.86 -4.22 -0.32
CA THR A 5 11.01 -3.07 -0.64
C THR A 5 11.43 -1.83 0.15
N ASN A 6 12.60 -1.81 0.79
CA ASN A 6 13.03 -0.66 1.58
C ASN A 6 14.39 -0.13 1.13
N LYS A 7 14.37 1.05 0.52
CA LYS A 7 15.55 1.81 0.09
C LYS A 7 15.17 3.29 0.11
N THR A 8 16.15 4.20 0.04
CA THR A 8 15.88 5.63 0.09
C THR A 8 16.48 6.37 -1.11
N ASP A 9 16.86 5.63 -2.16
CA ASP A 9 17.44 6.23 -3.36
C ASP A 9 16.35 6.78 -4.28
N PRO A 10 16.68 7.81 -5.08
CA PRO A 10 15.75 8.40 -6.01
C PRO A 10 15.35 7.38 -7.05
N ARG A 11 14.05 7.40 -7.41
CA ARG A 11 13.41 6.47 -8.33
C ARG A 11 13.50 5.02 -7.87
N SER A 12 14.11 4.80 -6.71
CA SER A 12 14.08 3.51 -6.03
C SER A 12 13.07 3.55 -4.89
N MET A 13 12.78 4.76 -4.37
CA MET A 13 11.73 4.94 -3.38
C MET A 13 10.50 5.66 -3.96
N ASN A 14 10.57 6.12 -5.22
CA ASN A 14 9.46 6.82 -5.84
C ASN A 14 8.62 5.88 -6.71
N SER A 15 9.20 4.75 -7.11
CA SER A 15 8.51 3.68 -7.81
C SER A 15 7.88 2.70 -6.82
N ARG A 16 7.95 3.02 -5.52
CA ARG A 16 7.43 2.20 -4.44
C ARG A 16 6.03 2.67 -4.05
N VAL A 17 5.21 1.76 -3.53
CA VAL A 17 3.88 2.09 -3.05
C VAL A 17 3.67 1.52 -1.66
N PHE A 18 3.16 2.36 -0.77
CA PHE A 18 2.81 1.98 0.59
C PHE A 18 1.33 1.57 0.62
N ILE A 19 1.02 0.46 1.30
CA ILE A 19 -0.34 -0.05 1.41
C ILE A 19 -0.69 -0.15 2.89
N GLY A 20 -1.13 0.97 3.46
CA GLY A 20 -1.53 1.03 4.85
C GLY A 20 -2.97 0.57 5.02
N ASN A 21 -3.42 0.46 6.27
CA ASN A 21 -4.76 0.00 6.60
C ASN A 21 -5.10 -1.29 5.85
N LEU A 22 -4.20 -2.27 5.89
CA LEU A 22 -4.39 -3.55 5.23
C LEU A 22 -4.85 -4.59 6.26
N ASN A 23 -5.73 -5.51 5.86
CA ASN A 23 -6.26 -6.51 6.78
C ASN A 23 -5.19 -7.51 7.20
N THR A 24 -4.31 -7.85 6.25
CA THR A 24 -3.17 -8.77 6.39
C THR A 24 -3.51 -10.14 6.97
N LEU A 25 -4.79 -10.41 7.23
CA LEU A 25 -5.26 -11.70 7.73
C LEU A 25 -5.77 -12.58 6.59
N VAL A 26 -6.03 -11.97 5.42
CA VAL A 26 -6.51 -12.69 4.25
C VAL A 26 -5.62 -12.41 3.04
N VAL A 27 -4.86 -11.32 3.07
CA VAL A 27 -3.93 -10.97 2.01
C VAL A 27 -2.49 -11.20 2.48
N LYS A 28 -1.65 -11.73 1.59
CA LYS A 28 -0.25 -12.02 1.88
C LYS A 28 0.64 -11.50 0.76
N LYS A 29 1.95 -11.57 0.96
CA LYS A 29 2.94 -11.13 -0.01
C LYS A 29 2.93 -11.98 -1.28
N SER A 30 2.14 -13.04 -1.29
CA SER A 30 1.93 -13.90 -2.45
C SER A 30 0.64 -13.50 -3.19
N ASP A 31 -0.08 -12.50 -2.66
CA ASP A 31 -1.33 -12.02 -3.23
C ASP A 31 -1.19 -10.57 -3.69
N VAL A 32 -0.38 -9.77 -2.98
CA VAL A 32 -0.14 -8.38 -3.35
C VAL A 32 0.52 -8.35 -4.72
N GLU A 33 1.35 -9.36 -5.04
CA GLU A 33 2.01 -9.45 -6.33
C GLU A 33 1.08 -9.98 -7.42
N ALA A 34 -0.20 -10.13 -7.11
CA ALA A 34 -1.21 -10.58 -8.07
C ALA A 34 -2.39 -9.61 -8.12
N ILE A 35 -2.42 -8.62 -7.23
CA ILE A 35 -3.46 -7.60 -7.19
C ILE A 35 -2.92 -6.24 -7.60
N PHE A 36 -1.63 -6.00 -7.38
CA PHE A 36 -0.99 -4.75 -7.75
C PHE A 36 -0.17 -4.89 -9.03
N SER A 37 0.00 -6.13 -9.52
CA SER A 37 0.77 -6.40 -10.72
C SER A 37 0.03 -5.96 -11.98
N LYS A 38 -1.27 -5.67 -11.85
CA LYS A 38 -2.10 -5.20 -12.96
C LYS A 38 -1.97 -3.70 -13.18
N TYR A 39 -1.34 -2.97 -12.26
CA TYR A 39 -1.11 -1.54 -12.39
C TYR A 39 0.34 -1.23 -12.72
N GLY A 40 1.23 -2.21 -12.54
CA GLY A 40 2.61 -2.06 -12.94
C GLY A 40 3.40 -3.35 -12.70
N LYS A 41 4.55 -3.48 -13.39
CA LYS A 41 5.44 -4.61 -13.23
C LYS A 41 6.12 -4.53 -11.86
N ILE A 42 5.82 -5.49 -10.99
CA ILE A 42 6.37 -5.50 -9.64
C ILE A 42 7.75 -6.13 -9.65
N VAL A 43 8.73 -5.44 -9.05
CA VAL A 43 10.10 -5.91 -8.95
C VAL A 43 10.46 -6.27 -7.51
N GLY A 44 9.53 -6.00 -6.58
CA GLY A 44 9.69 -6.32 -5.17
C GLY A 44 8.35 -6.18 -4.46
N CYS A 45 8.10 -7.05 -3.49
CA CYS A 45 6.84 -7.03 -2.75
C CYS A 45 7.08 -7.52 -1.32
N SER A 46 6.32 -6.98 -0.37
CA SER A 46 6.40 -7.40 1.02
C SER A 46 5.12 -7.06 1.76
N VAL A 47 4.76 -7.89 2.74
CA VAL A 47 3.60 -7.65 3.60
C VAL A 47 4.04 -7.70 5.05
N HIS A 48 3.37 -6.89 5.87
CA HIS A 48 3.66 -6.72 7.28
C HIS A 48 2.33 -6.78 8.04
N LYS A 49 2.33 -6.38 9.31
CA LYS A 49 1.10 -6.40 10.08
C LYS A 49 0.40 -5.04 9.95
N GLY A 50 -0.81 -5.06 9.38
CA GLY A 50 -1.62 -3.87 9.20
C GLY A 50 -1.22 -3.04 7.97
N PHE A 51 -0.14 -3.40 7.28
CA PHE A 51 0.30 -2.70 6.08
C PHE A 51 1.14 -3.60 5.18
N ALA A 52 1.43 -3.13 3.96
CA ALA A 52 2.26 -3.83 2.99
C ALA A 52 3.01 -2.83 2.12
N PHE A 53 3.92 -3.34 1.27
CA PHE A 53 4.71 -2.53 0.36
C PHE A 53 4.86 -3.22 -0.99
N VAL A 54 4.96 -2.40 -2.04
CA VAL A 54 5.14 -2.87 -3.41
C VAL A 54 6.18 -1.98 -4.09
N GLN A 55 6.93 -2.55 -5.03
CA GLN A 55 7.97 -1.84 -5.74
C GLN A 55 7.79 -2.06 -7.25
N TYR A 56 7.83 -0.98 -8.02
CA TYR A 56 7.66 -1.03 -9.47
C TYR A 56 8.95 -0.65 -10.18
N VAL A 57 8.94 -0.71 -11.51
CA VAL A 57 10.09 -0.33 -12.32
C VAL A 57 10.27 1.19 -12.31
N ASN A 58 9.18 1.95 -12.20
CA ASN A 58 9.29 3.40 -12.17
C ASN A 58 8.12 4.06 -11.45
N GLU A 59 8.26 5.35 -11.16
CA GLU A 59 7.28 6.15 -10.45
C GLU A 59 5.93 6.16 -11.15
N ARG A 60 5.89 6.06 -12.48
CA ARG A 60 4.63 6.06 -13.21
C ARG A 60 3.76 4.89 -12.78
N ASN A 61 4.39 3.73 -12.55
CA ASN A 61 3.65 2.56 -12.12
C ASN A 61 3.13 2.72 -10.69
N ALA A 62 3.80 3.55 -9.90
CA ALA A 62 3.37 3.81 -8.52
C ALA A 62 2.14 4.71 -8.53
N ARG A 63 2.09 5.68 -9.44
CA ARG A 63 0.96 6.59 -9.53
C ARG A 63 -0.29 5.84 -10.02
N ALA A 64 -0.08 4.76 -10.78
CA ALA A 64 -1.18 3.99 -11.31
C ALA A 64 -1.79 3.07 -10.25
N ALA A 65 -0.97 2.56 -9.34
CA ALA A 65 -1.45 1.69 -8.28
C ALA A 65 -2.00 2.49 -7.10
N VAL A 66 -1.40 3.65 -6.80
CA VAL A 66 -1.90 4.54 -5.75
C VAL A 66 -3.27 5.08 -6.15
N ALA A 67 -3.52 5.25 -7.46
CA ALA A 67 -4.82 5.72 -7.93
C ALA A 67 -5.74 4.56 -8.33
N GLY A 68 -5.20 3.34 -8.40
CA GLY A 68 -5.99 2.18 -8.82
C GLY A 68 -6.44 1.28 -7.67
N GLU A 69 -5.88 1.47 -6.46
CA GLU A 69 -6.19 0.59 -5.33
C GLU A 69 -6.49 1.37 -4.05
N ASP A 70 -6.10 2.65 -3.96
CA ASP A 70 -6.40 3.43 -2.77
C ASP A 70 -7.90 3.54 -2.61
N GLY A 71 -8.43 3.02 -1.51
CA GLY A 71 -9.86 3.08 -1.22
C GLY A 71 -10.60 1.92 -1.86
N ARG A 72 -9.86 0.93 -2.38
CA ARG A 72 -10.45 -0.30 -2.84
C ARG A 72 -10.79 -1.12 -1.61
N MET A 73 -11.54 -2.20 -1.76
CA MET A 73 -11.96 -2.99 -0.61
C MET A 73 -11.31 -4.36 -0.68
N ILE A 74 -10.56 -4.70 0.36
CA ILE A 74 -9.88 -5.98 0.44
C ILE A 74 -10.19 -6.64 1.78
N ALA A 75 -10.49 -7.93 1.75
CA ALA A 75 -10.93 -8.68 2.93
C ALA A 75 -12.13 -8.03 3.61
N GLY A 76 -12.84 -7.14 2.89
CA GLY A 76 -14.00 -6.44 3.42
C GLY A 76 -13.63 -5.13 4.11
N GLN A 77 -12.34 -4.76 4.06
CA GLN A 77 -11.84 -3.55 4.67
C GLN A 77 -11.11 -2.68 3.64
N VAL A 78 -11.46 -1.38 3.61
CA VAL A 78 -10.91 -0.40 2.68
C VAL A 78 -9.41 -0.24 2.92
N LEU A 79 -8.64 -0.10 1.84
CA LEU A 79 -7.21 0.14 1.94
C LEU A 79 -6.87 1.62 1.87
N ASP A 80 -5.72 2.00 2.42
CA ASP A 80 -5.21 3.36 2.38
C ASP A 80 -3.82 3.32 1.79
N ILE A 81 -3.73 3.64 0.50
CA ILE A 81 -2.52 3.45 -0.30
C ILE A 81 -1.94 4.82 -0.71
N ASN A 82 -0.62 4.95 -0.69
CA ASN A 82 0.04 6.22 -0.96
C ASN A 82 1.46 5.99 -1.50
N LEU A 83 1.99 6.98 -2.24
CA LEU A 83 3.36 6.96 -2.71
C LEU A 83 4.30 6.89 -1.49
N ALA A 84 5.24 5.95 -1.50
CA ALA A 84 6.10 5.70 -0.34
C ALA A 84 6.99 6.87 0.07
N ALA A 85 6.99 7.97 -0.70
CA ALA A 85 7.87 9.10 -0.43
C ALA A 85 7.10 10.42 -0.33
N GLU A 86 5.77 10.36 -0.35
CA GLU A 86 4.94 11.55 -0.28
C GLU A 86 3.73 11.34 0.64
N PRO A 87 3.95 10.99 1.91
CA PRO A 87 2.86 10.84 2.87
C PRO A 87 2.18 12.18 3.09
N LYS A 88 0.92 12.14 3.52
CA LYS A 88 0.09 13.31 3.63
C LYS A 88 -0.76 13.27 4.90
N VAL A 89 -2.05 12.92 4.75
CA VAL A 89 -3.01 12.89 5.85
C VAL A 89 -3.74 11.55 5.91
N ASN A 90 -3.65 10.77 4.84
CA ASN A 90 -4.32 9.49 4.72
C ASN A 90 -3.54 8.36 5.42
N ARG A 91 -2.49 8.72 6.17
CA ARG A 91 -1.74 7.74 6.94
C ARG A 91 -2.43 7.52 8.29
N GLY A 92 -2.05 8.26 9.32
CA GLY A 92 -2.64 8.08 10.64
C GLY A 92 -2.51 6.64 11.11
N LYS A 93 -3.53 6.17 11.83
CA LYS A 93 -3.61 4.79 12.28
C LYS A 93 -5.06 4.28 12.32
N ALA A 94 -6.04 5.19 12.26
CA ALA A 94 -7.45 4.85 12.35
C ALA A 94 -8.29 5.87 11.59
N GLY A 95 -9.60 5.64 11.52
CA GLY A 95 -10.53 6.53 10.84
C GLY A 95 -10.73 7.84 11.59
N VAL A 96 -10.13 7.98 12.78
CA VAL A 96 -10.19 9.21 13.56
C VAL A 96 -8.82 9.86 13.55
N LYS A 97 -8.79 11.20 13.44
CA LYS A 97 -7.56 11.97 13.34
C LYS A 97 -7.41 12.96 14.49
N ARG A 98 -8.22 12.78 15.54
CA ARG A 98 -8.19 13.62 16.74
C ARG A 98 -7.78 12.79 17.95
N SER A 99 -7.47 13.46 19.05
CA SER A 99 -7.10 12.81 20.30
C SER A 99 -8.30 12.15 20.97
N ALA A 100 -9.51 12.40 20.46
CA ALA A 100 -10.77 11.95 21.05
C ALA A 100 -10.88 12.34 22.53
N ALA A 101 -10.03 13.28 22.98
CA ALA A 101 -9.98 13.73 24.36
C ALA A 101 -9.50 15.18 24.45
N GLU A 102 -9.51 15.90 23.32
CA GLU A 102 -8.99 17.26 23.25
C GLU A 102 -9.86 18.27 24.01
N MET A 103 -10.98 17.82 24.58
CA MET A 103 -11.88 18.64 25.36
C MET A 103 -11.79 18.29 26.85
N TYR A 104 -10.83 17.44 27.24
CA TYR A 104 -10.68 16.99 28.61
C TYR A 104 -9.21 17.06 29.07
N GLY A 105 -8.32 17.55 28.20
CA GLY A 105 -6.90 17.68 28.51
C GLY A 105 -6.20 16.33 28.47
#